data_7KDX
#
_entry.id   7KDX
#
_cell.length_a   68.644
_cell.length_b   137.739
_cell.length_c   77.914
_cell.angle_alpha   90.000
_cell.angle_beta   90.470
_cell.angle_gamma   90.000
#
_symmetry.space_group_name_H-M   'P 1 21 1'
#
loop_
_entity.id
_entity.type
_entity.pdbx_description
1 polymer 'Methyltransferase TokK'
2 non-polymer 'IRON/SULFUR CLUSTER'
3 non-polymer "5'-DEOXYADENOSINE"
4 non-polymer COBALAMIN
5 non-polymer METHIONINE
6 non-polymer 1,2-ETHANEDIOL
7 non-polymer 'POTASSIUM ION'
8 non-polymer 'CHLORIDE ION'
9 water water
#
_entity_poly.entity_id   1
_entity_poly.type   'polypeptide(L)'
_entity_poly.pdbx_seq_one_letter_code
;MSAELASRGRKVYFVGLNEYPFLPLVAGLLRTYAEQDERIAAAYDFQEPVFLVAPVQEMADGIVEPDVLALSCYVWNFRR
QMKVAKLVKERYPNVLVVAGGPHVPDRPGNFFEKHPYVDVLAHGEGEVAFRELLATRLSDHPDYTAVPGVSVRRGTEAVV
GPKAKRLPRLIDTPSPYLLGVMDGAVATCRERGLRFYALWETNRGCPYSCSFCDWGSATMSTLRKFEDERLQDEIEWFAR
HDVEDLFICDANFGIMPRDLEIAHALAEARGELGAPRQVRVNFAKNSNDRVFDISKTWHDADLLMGTTLSMQSTDMDVLE
AIDRKNIGLDNYRKLQQRYAAENIHTYTELILGLPMETARSFRDGIGSLLEAGNHEDLRVYELGILPNAPLNTPEKIEQY
GLRTVPKRMYVERPGTPDDEAETFEMVMETNAMPRDAWVESFSFIQAVQFLHNGCYTRYLSIFLRQEHGIGYTRFYEGLQ
DYFTGRPDTVLGALYLRMRSLYHDYIDMPALPLANLVASQPDMAADLAPYGRRRGWTIDNWGWLRIATDFDRFHTELREY
LATLGLDPAGDARLEDVLRFQQDVMLRPDYSPELGKSAEYAHDWPGYFAGGLLRPRRVRVAYGDQSFGANGRYRPVPGDL
KAFTMAAIGTSYPVSRMGHFCHRFESAEVTSLAEPVVSEQW
;
_entity_poly.pdbx_strand_id   A,B
#
# COMPACT_ATOMS: atom_id res chain seq x y z
N GLY A 9 37.90 -14.21 -7.78
CA GLY A 9 36.85 -13.22 -7.65
C GLY A 9 36.57 -12.81 -6.21
N ARG A 10 35.87 -11.69 -6.05
CA ARG A 10 35.46 -11.24 -4.73
C ARG A 10 34.37 -12.16 -4.17
N LYS A 11 34.68 -12.85 -3.08
CA LYS A 11 33.79 -13.87 -2.54
C LYS A 11 32.68 -13.22 -1.72
N VAL A 12 31.44 -13.51 -2.07
CA VAL A 12 30.26 -12.99 -1.38
C VAL A 12 29.64 -14.13 -0.59
N TYR A 13 29.59 -13.98 0.73
CA TYR A 13 28.97 -14.95 1.62
C TYR A 13 27.63 -14.43 2.12
N PHE A 14 26.61 -15.28 2.10
CA PHE A 14 25.31 -14.99 2.70
C PHE A 14 25.14 -15.84 3.94
N VAL A 15 24.67 -15.23 5.03
CA VAL A 15 24.32 -15.97 6.24
C VAL A 15 22.89 -15.60 6.63
N GLY A 16 22.01 -16.59 6.62
CA GLY A 16 20.63 -16.40 7.02
C GLY A 16 20.13 -17.64 7.72
N LEU A 17 20.44 -17.75 9.01
CA LEU A 17 20.20 -18.97 9.77
C LEU A 17 18.73 -19.15 10.11
N ASN A 18 18.24 -20.37 9.98
CA ASN A 18 16.90 -20.74 10.37
C ASN A 18 16.98 -22.00 11.20
N GLU A 19 16.25 -22.04 12.31
CA GLU A 19 16.27 -23.25 13.15
C GLU A 19 15.63 -24.43 12.43
N TYR A 20 14.52 -24.20 11.75
CA TYR A 20 13.96 -25.24 10.88
C TYR A 20 14.48 -25.04 9.46
N PRO A 21 14.66 -26.12 8.70
CA PRO A 21 15.20 -25.97 7.33
C PRO A 21 14.24 -25.24 6.40
N PHE A 22 14.57 -23.99 6.11
CA PHE A 22 13.90 -23.18 5.09
C PHE A 22 14.94 -22.81 4.04
N LEU A 23 14.60 -22.97 2.78
CA LEU A 23 15.55 -22.68 1.72
C LEU A 23 15.95 -21.21 1.76
N PRO A 24 17.21 -20.88 1.44
CA PRO A 24 17.69 -19.48 1.53
C PRO A 24 17.22 -18.62 0.36
N LEU A 25 15.92 -18.31 0.36
CA LEU A 25 15.33 -17.57 -0.75
C LEU A 25 15.93 -16.17 -0.87
N VAL A 26 16.18 -15.50 0.26
CA VAL A 26 16.72 -14.14 0.21
C VAL A 26 18.07 -14.13 -0.51
N ALA A 27 18.96 -15.07 -0.15
CA ALA A 27 20.26 -15.12 -0.81
C ALA A 27 20.09 -15.30 -2.31
N GLY A 28 19.16 -16.16 -2.73
CA GLY A 28 18.95 -16.37 -4.15
C GLY A 28 18.39 -15.16 -4.85
N LEU A 29 17.43 -14.47 -4.21
CA LEU A 29 16.84 -13.28 -4.81
C LEU A 29 17.88 -12.18 -4.95
N LEU A 30 18.66 -11.95 -3.89
CA LEU A 30 19.64 -10.87 -3.93
C LEU A 30 20.73 -11.13 -4.97
N ARG A 31 21.23 -12.37 -5.02
CA ARG A 31 22.28 -12.69 -5.97
C ARG A 31 21.80 -12.57 -7.41
N THR A 32 20.67 -13.22 -7.73
CA THR A 32 20.25 -13.26 -9.13
C THR A 32 19.79 -11.89 -9.63
N TYR A 33 19.23 -11.06 -8.75
CA TYR A 33 18.95 -9.69 -9.14
C TYR A 33 20.23 -8.93 -9.42
N ALA A 34 21.23 -9.06 -8.54
CA ALA A 34 22.49 -8.36 -8.72
C ALA A 34 23.25 -8.83 -9.94
N GLU A 35 23.13 -10.11 -10.29
CA GLU A 35 23.88 -10.66 -11.42
C GLU A 35 23.35 -10.17 -12.76
N GLN A 36 22.26 -9.42 -12.80
CA GLN A 36 21.82 -8.79 -14.04
C GLN A 36 22.82 -7.74 -14.50
N ASP A 37 23.60 -7.18 -13.59
CA ASP A 37 24.76 -6.35 -13.93
C ASP A 37 25.91 -7.29 -14.28
N GLU A 38 26.31 -7.29 -15.55
CA GLU A 38 27.33 -8.23 -16.00
C GLU A 38 28.66 -8.01 -15.28
N ARG A 39 28.96 -6.77 -14.89
CA ARG A 39 30.18 -6.51 -14.14
C ARG A 39 30.13 -7.17 -12.76
N ILE A 40 28.96 -7.17 -12.13
CA ILE A 40 28.82 -7.82 -10.83
C ILE A 40 28.99 -9.33 -10.99
N ALA A 41 28.34 -9.91 -11.99
CA ALA A 41 28.43 -11.35 -12.21
C ALA A 41 29.87 -11.78 -12.47
N ALA A 42 30.64 -10.96 -13.19
CA ALA A 42 32.01 -11.31 -13.49
C ALA A 42 32.93 -11.08 -12.29
N ALA A 43 32.70 -10.01 -11.54
CA ALA A 43 33.64 -9.61 -10.49
C ALA A 43 33.45 -10.39 -9.19
N TYR A 44 32.25 -10.90 -8.93
CA TYR A 44 31.91 -11.48 -7.65
C TYR A 44 31.70 -12.99 -7.77
N ASP A 45 32.16 -13.72 -6.76
CA ASP A 45 32.00 -15.17 -6.67
C ASP A 45 31.05 -15.46 -5.51
N PHE A 46 29.79 -15.74 -5.82
CA PHE A 46 28.77 -15.96 -4.79
C PHE A 46 28.90 -17.37 -4.22
N GLN A 47 29.06 -17.46 -2.91
CA GLN A 47 29.24 -18.73 -2.23
C GLN A 47 27.88 -19.35 -1.91
N GLU A 48 27.92 -20.64 -1.56
CA GLU A 48 26.70 -21.31 -1.12
C GLU A 48 26.20 -20.65 0.16
N PRO A 49 24.90 -20.39 0.27
CA PRO A 49 24.41 -19.69 1.46
C PRO A 49 24.52 -20.54 2.71
N VAL A 50 24.76 -19.88 3.83
CA VAL A 50 24.78 -20.52 5.13
C VAL A 50 23.42 -20.30 5.77
N PHE A 51 22.62 -21.36 5.87
CA PHE A 51 21.29 -21.25 6.41
C PHE A 51 20.96 -22.32 7.46
N LEU A 52 21.77 -23.36 7.60
CA LEU A 52 21.54 -24.36 8.64
C LEU A 52 22.37 -24.01 9.87
N VAL A 53 21.77 -24.22 11.05
CA VAL A 53 22.41 -23.80 12.29
C VAL A 53 23.63 -24.65 12.57
N ALA A 54 24.71 -24.00 12.98
CA ALA A 54 25.93 -24.66 13.41
C ALA A 54 26.55 -23.80 14.50
N PRO A 55 27.52 -24.33 15.25
CA PRO A 55 28.18 -23.50 16.27
C PRO A 55 28.77 -22.22 15.66
N VAL A 56 28.69 -21.14 16.43
CA VAL A 56 29.08 -19.82 15.92
C VAL A 56 30.51 -19.84 15.44
N GLN A 57 31.42 -20.43 16.23
CA GLN A 57 32.81 -20.49 15.82
C GLN A 57 32.97 -21.24 14.50
N GLU A 58 32.21 -22.33 14.34
CA GLU A 58 32.31 -23.13 13.11
C GLU A 58 31.79 -22.35 11.91
N MET A 59 30.69 -21.60 12.09
CA MET A 59 30.17 -20.82 10.97
C MET A 59 31.14 -19.72 10.56
N ALA A 60 31.75 -19.04 11.53
CA ALA A 60 32.71 -18.00 11.20
C ALA A 60 33.93 -18.57 10.49
N ASP A 61 34.37 -19.77 10.93
CA ASP A 61 35.55 -20.38 10.33
C ASP A 61 35.30 -20.83 8.89
N GLY A 62 34.05 -21.13 8.55
CA GLY A 62 33.75 -21.51 7.18
C GLY A 62 33.73 -20.36 6.18
N ILE A 63 33.84 -19.13 6.67
CA ILE A 63 33.82 -17.94 5.82
C ILE A 63 35.26 -17.56 5.55
N VAL A 64 35.77 -17.92 4.38
CA VAL A 64 37.19 -17.84 4.05
C VAL A 64 37.38 -16.79 2.97
N GLU A 65 38.28 -15.85 3.22
CA GLU A 65 38.60 -14.76 2.31
C GLU A 65 37.35 -14.02 1.80
N PRO A 66 36.48 -13.56 2.70
CA PRO A 66 35.27 -12.89 2.23
C PRO A 66 35.55 -11.46 1.80
N ASP A 67 34.96 -11.09 0.66
CA ASP A 67 34.93 -9.68 0.30
C ASP A 67 33.67 -8.99 0.80
N VAL A 68 32.54 -9.70 0.77
CA VAL A 68 31.27 -9.19 1.26
C VAL A 68 30.65 -10.27 2.14
N LEU A 69 30.21 -9.87 3.34
CA LEU A 69 29.47 -10.76 4.24
C LEU A 69 28.06 -10.20 4.37
N ALA A 70 27.09 -10.89 3.76
CA ALA A 70 25.71 -10.44 3.72
C ALA A 70 24.91 -11.20 4.77
N LEU A 71 24.31 -10.47 5.70
CA LEU A 71 23.60 -11.04 6.83
C LEU A 71 22.11 -10.78 6.70
N SER A 72 21.32 -11.84 6.68
CA SER A 72 19.87 -11.75 6.56
C SER A 72 19.29 -11.94 7.95
N CYS A 73 18.85 -10.84 8.58
CA CYS A 73 18.68 -10.78 10.03
C CYS A 73 17.21 -10.78 10.41
N TYR A 74 16.83 -11.76 11.24
CA TYR A 74 15.49 -11.92 11.79
C TYR A 74 15.62 -12.10 13.30
N VAL A 75 14.49 -12.06 13.99
CA VAL A 75 14.53 -12.19 15.45
C VAL A 75 15.17 -13.52 15.87
N TRP A 76 15.13 -14.53 15.01
CA TRP A 76 15.65 -15.85 15.37
C TRP A 76 17.12 -16.04 15.01
N ASN A 77 17.80 -15.04 14.44
CA ASN A 77 19.19 -15.25 14.08
C ASN A 77 20.07 -14.01 14.25
N PHE A 78 19.55 -12.90 14.75
CA PHE A 78 20.28 -11.63 14.73
C PHE A 78 21.54 -11.70 15.59
N ARG A 79 21.43 -12.19 16.82
CA ARG A 79 22.57 -12.14 17.73
CA ARG A 79 22.57 -12.15 17.74
C ARG A 79 23.69 -13.08 17.28
N ARG A 80 23.34 -14.28 16.81
CA ARG A 80 24.38 -15.19 16.34
C ARG A 80 25.05 -14.66 15.08
N GLN A 81 24.30 -13.98 14.21
CA GLN A 81 24.89 -13.46 12.99
C GLN A 81 25.73 -12.20 13.25
N MET A 82 25.36 -11.41 14.27
CA MET A 82 26.24 -10.33 14.71
C MET A 82 27.56 -10.89 15.24
N LYS A 83 27.50 -11.98 16.00
CA LYS A 83 28.71 -12.58 16.56
C LYS A 83 29.60 -13.15 15.47
N VAL A 84 28.99 -13.79 14.46
CA VAL A 84 29.78 -14.25 13.31
C VAL A 84 30.45 -13.07 12.61
N ALA A 85 29.68 -11.99 12.40
CA ALA A 85 30.26 -10.81 11.76
C ALA A 85 31.41 -10.25 12.57
N LYS A 86 31.28 -10.25 13.90
CA LYS A 86 32.36 -9.78 14.76
C LYS A 86 33.63 -10.61 14.56
N LEU A 87 33.49 -11.94 14.55
CA LEU A 87 34.65 -12.81 14.37
C LEU A 87 35.25 -12.64 12.98
N VAL A 88 34.40 -12.57 11.95
CA VAL A 88 34.90 -12.44 10.59
C VAL A 88 35.61 -11.10 10.40
N LYS A 89 35.06 -10.04 10.98
CA LYS A 89 35.67 -8.71 10.86
C LYS A 89 37.04 -8.67 11.53
N GLU A 90 37.21 -9.40 12.63
CA GLU A 90 38.52 -9.52 13.26
C GLU A 90 39.53 -10.13 12.30
N ARG A 91 39.11 -11.17 11.57
CA ARG A 91 40.00 -11.90 10.67
C ARG A 91 40.23 -11.17 9.35
N TYR A 92 39.23 -10.45 8.85
CA TYR A 92 39.29 -9.80 7.54
C TYR A 92 38.84 -8.36 7.67
N PRO A 93 39.77 -7.43 7.92
CA PRO A 93 39.37 -6.03 8.14
C PRO A 93 38.70 -5.37 6.94
N ASN A 94 38.94 -5.83 5.72
CA ASN A 94 38.38 -5.16 4.55
C ASN A 94 37.06 -5.73 4.09
N VAL A 95 36.52 -6.76 4.76
CA VAL A 95 35.25 -7.32 4.34
C VAL A 95 34.15 -6.28 4.56
N LEU A 96 33.23 -6.20 3.61
CA LEU A 96 32.07 -5.34 3.74
C LEU A 96 30.95 -6.14 4.41
N VAL A 97 30.61 -5.77 5.64
CA VAL A 97 29.53 -6.42 6.37
C VAL A 97 28.24 -5.66 6.12
N VAL A 98 27.28 -6.31 5.48
CA VAL A 98 25.98 -5.72 5.13
C VAL A 98 24.89 -6.55 5.79
N ALA A 99 24.09 -5.92 6.64
CA ALA A 99 22.99 -6.60 7.31
C ALA A 99 21.66 -6.02 6.85
N GLY A 100 20.77 -6.91 6.40
CA GLY A 100 19.42 -6.56 6.05
C GLY A 100 18.43 -7.46 6.77
N GLY A 101 17.15 -7.38 6.41
CA GLY A 101 16.14 -8.17 7.08
C GLY A 101 15.34 -7.34 8.06
N PRO A 102 14.21 -7.88 8.52
CA PRO A 102 13.29 -7.08 9.35
C PRO A 102 13.79 -6.80 10.75
N HIS A 103 14.89 -7.42 11.19
CA HIS A 103 15.42 -7.07 12.50
C HIS A 103 16.40 -5.90 12.45
N VAL A 104 16.76 -5.44 11.26
CA VAL A 104 17.55 -4.22 11.09
C VAL A 104 16.66 -3.02 11.37
N PRO A 105 17.04 -2.14 12.28
CA PRO A 105 16.14 -1.03 12.66
C PRO A 105 15.99 0.00 11.56
N ASP A 106 14.75 0.45 11.35
CA ASP A 106 14.50 1.55 10.43
C ASP A 106 15.27 2.80 10.85
N ARG A 107 15.38 3.03 12.15
CA ARG A 107 16.11 4.17 12.70
C ARG A 107 17.29 3.64 13.50
N PRO A 108 18.47 3.57 12.89
CA PRO A 108 19.59 2.83 13.53
C PRO A 108 20.03 3.43 14.85
N GLY A 109 20.04 4.75 14.97
CA GLY A 109 20.46 5.37 16.22
C GLY A 109 21.89 4.99 16.56
N ASN A 110 22.08 4.35 17.71
CA ASN A 110 23.39 3.95 18.18
C ASN A 110 23.75 2.52 17.76
N PHE A 111 23.15 2.02 16.68
CA PHE A 111 23.36 0.62 16.29
C PHE A 111 24.84 0.30 16.14
N PHE A 112 25.56 1.14 15.40
CA PHE A 112 26.97 0.86 15.13
C PHE A 112 27.86 1.06 16.35
N GLU A 113 27.36 1.71 17.41
CA GLU A 113 28.09 1.72 18.67
CA GLU A 113 28.10 1.72 18.66
C GLU A 113 28.09 0.34 19.32
N LYS A 114 26.99 -0.40 19.17
CA LYS A 114 26.90 -1.75 19.70
C LYS A 114 27.50 -2.78 18.75
N HIS A 115 27.46 -2.51 17.45
CA HIS A 115 27.91 -3.45 16.42
C HIS A 115 28.85 -2.74 15.47
N PRO A 116 30.04 -2.36 15.94
CA PRO A 116 30.97 -1.61 15.06
C PRO A 116 31.54 -2.46 13.93
N TYR A 117 31.39 -3.77 14.00
CA TYR A 117 31.82 -4.69 12.96
C TYR A 117 30.86 -4.74 11.78
N VAL A 118 29.72 -4.05 11.85
CA VAL A 118 28.80 -3.93 10.74
C VAL A 118 29.09 -2.62 10.01
N ASP A 119 28.98 -2.65 8.69
CA ASP A 119 29.33 -1.50 7.85
C ASP A 119 28.13 -0.85 7.19
N VAL A 120 27.15 -1.63 6.72
CA VAL A 120 26.00 -1.11 6.01
C VAL A 120 24.76 -1.85 6.50
N LEU A 121 23.69 -1.10 6.74
CA LEU A 121 22.37 -1.66 7.02
C LEU A 121 21.48 -1.40 5.82
N ALA A 122 20.72 -2.42 5.40
CA ALA A 122 19.75 -2.27 4.32
C ALA A 122 18.35 -2.36 4.91
N HIS A 123 17.48 -1.44 4.51
CA HIS A 123 16.15 -1.30 5.09
C HIS A 123 15.09 -1.77 4.12
N GLY A 124 14.23 -2.69 4.58
CA GLY A 124 13.16 -3.20 3.75
C GLY A 124 13.65 -4.05 2.58
N GLU A 125 12.80 -4.13 1.56
CA GLU A 125 13.11 -4.87 0.34
C GLU A 125 14.51 -4.52 -0.14
N GLY A 126 15.31 -5.55 -0.44
CA GLY A 126 16.74 -5.33 -0.57
C GLY A 126 17.36 -5.47 -1.95
N GLU A 127 16.59 -5.89 -2.95
CA GLU A 127 17.16 -6.18 -4.27
C GLU A 127 17.95 -5.00 -4.82
N VAL A 128 17.32 -3.82 -4.87
CA VAL A 128 17.97 -2.67 -5.48
C VAL A 128 19.19 -2.25 -4.67
N ALA A 129 19.03 -2.14 -3.35
CA ALA A 129 20.13 -1.67 -2.50
C ALA A 129 21.33 -2.60 -2.56
N PHE A 130 21.09 -3.91 -2.53
CA PHE A 130 22.20 -4.86 -2.55
C PHE A 130 22.94 -4.77 -3.89
N ARG A 131 22.21 -4.67 -4.99
CA ARG A 131 22.86 -4.57 -6.30
C ARG A 131 23.65 -3.27 -6.40
N GLU A 132 23.15 -2.18 -5.83
CA GLU A 132 23.87 -0.91 -5.88
C GLU A 132 25.10 -0.93 -4.98
N LEU A 133 25.03 -1.63 -3.84
CA LEU A 133 26.21 -1.77 -2.98
C LEU A 133 27.33 -2.52 -3.69
N LEU A 134 27.01 -3.66 -4.32
CA LEU A 134 28.02 -4.43 -5.03
C LEU A 134 28.61 -3.63 -6.18
N ALA A 135 27.77 -2.90 -6.91
CA ALA A 135 28.26 -2.07 -8.00
C ALA A 135 29.16 -0.97 -7.48
N THR A 136 28.75 -0.32 -6.39
CA THR A 136 29.54 0.77 -5.82
C THR A 136 30.89 0.28 -5.30
N ARG A 137 30.96 -0.97 -4.81
CA ARG A 137 32.23 -1.47 -4.30
C ARG A 137 33.26 -1.61 -5.42
N LEU A 138 32.82 -1.80 -6.66
CA LEU A 138 33.72 -1.89 -7.80
C LEU A 138 34.12 -0.53 -8.35
N SER A 139 33.32 0.51 -8.12
CA SER A 139 33.52 1.81 -8.74
C SER A 139 34.75 2.52 -8.17
N ASP A 140 35.19 3.54 -8.87
CA ASP A 140 36.27 4.41 -8.42
C ASP A 140 35.85 5.21 -7.20
N TYR A 144 29.17 4.80 -0.41
CA TYR A 144 28.00 4.01 -0.04
C TYR A 144 26.85 4.87 0.46
N THR A 145 27.15 6.08 0.94
CA THR A 145 26.09 6.96 1.42
C THR A 145 25.25 7.54 0.29
N ALA A 146 25.57 7.25 -0.97
CA ALA A 146 24.70 7.60 -2.08
C ALA A 146 23.76 6.48 -2.48
N VAL A 147 23.84 5.32 -1.81
CA VAL A 147 23.07 4.13 -2.18
C VAL A 147 21.71 4.23 -1.51
N PRO A 148 20.61 4.15 -2.26
CA PRO A 148 19.29 4.23 -1.63
C PRO A 148 18.97 3.01 -0.80
N GLY A 149 18.20 3.23 0.27
CA GLY A 149 17.72 2.14 1.08
C GLY A 149 18.70 1.57 2.07
N VAL A 150 19.78 2.29 2.38
CA VAL A 150 20.78 1.81 3.31
C VAL A 150 21.12 2.91 4.30
N SER A 151 21.73 2.49 5.42
CA SER A 151 22.43 3.37 6.34
C SER A 151 23.87 2.90 6.44
N VAL A 152 24.81 3.84 6.45
CA VAL A 152 26.23 3.54 6.38
C VAL A 152 26.90 3.95 7.68
N ARG A 153 27.78 3.08 8.19
CA ARG A 153 28.53 3.38 9.41
C ARG A 153 29.66 4.35 9.10
N ARG A 154 29.75 5.41 9.90
CA ARG A 154 30.87 6.35 9.83
C ARG A 154 31.38 6.49 11.26
N GLY A 155 32.50 5.82 11.54
CA GLY A 155 32.93 5.68 12.92
C GLY A 155 31.98 4.76 13.65
N THR A 156 31.21 5.32 14.58
CA THR A 156 30.11 4.59 15.23
C THR A 156 28.77 5.28 14.97
N GLU A 157 28.71 6.21 14.02
CA GLU A 157 27.49 6.93 13.70
C GLU A 157 26.84 6.35 12.44
N ALA A 158 25.52 6.39 12.42
CA ALA A 158 24.75 5.88 11.29
C ALA A 158 24.37 7.05 10.38
N VAL A 159 24.86 7.00 9.15
CA VAL A 159 24.55 8.01 8.13
C VAL A 159 23.48 7.44 7.23
N VAL A 160 22.26 7.96 7.35
CA VAL A 160 21.13 7.45 6.57
C VAL A 160 21.23 7.94 5.13
N GLY A 161 21.19 7.01 4.19
CA GLY A 161 21.22 7.34 2.78
C GLY A 161 19.84 7.72 2.27
N PRO A 162 19.70 7.85 0.95
CA PRO A 162 18.39 8.15 0.38
C PRO A 162 17.39 7.04 0.69
N LYS A 163 16.11 7.39 0.55
CA LYS A 163 15.05 6.40 0.79
C LYS A 163 15.14 5.27 -0.21
N ALA A 164 14.67 4.09 0.21
CA ALA A 164 14.81 2.90 -0.61
C ALA A 164 14.01 3.01 -1.90
N LYS A 165 14.55 2.40 -2.95
CA LYS A 165 13.85 2.25 -4.21
C LYS A 165 13.21 0.87 -4.23
N ARG A 166 11.89 0.83 -4.30
CA ARG A 166 11.17 -0.43 -4.36
C ARG A 166 11.06 -0.90 -5.81
N LEU A 167 10.98 -2.22 -5.97
CA LEU A 167 10.72 -2.77 -7.29
C LEU A 167 9.33 -2.33 -7.75
N PRO A 168 9.10 -2.29 -9.06
CA PRO A 168 7.84 -1.73 -9.58
C PRO A 168 6.63 -2.57 -9.20
N ARG A 169 5.45 -2.03 -9.55
CA ARG A 169 4.19 -2.71 -9.27
C ARG A 169 4.16 -4.12 -9.84
N LEU A 170 4.72 -4.30 -11.05
CA LEU A 170 4.86 -5.62 -11.65
C LEU A 170 6.32 -6.02 -11.51
N ILE A 171 6.59 -6.95 -10.60
CA ILE A 171 7.96 -7.32 -10.27
C ILE A 171 8.46 -8.32 -11.32
N ASP A 172 9.39 -7.87 -12.15
CA ASP A 172 9.96 -8.67 -13.24
C ASP A 172 11.45 -8.81 -12.96
N THR A 173 11.79 -9.81 -12.14
CA THR A 173 13.15 -10.04 -11.68
C THR A 173 13.49 -11.52 -11.89
N PRO A 174 14.77 -11.87 -11.82
CA PRO A 174 15.14 -13.28 -11.99
C PRO A 174 14.64 -14.14 -10.85
N SER A 175 14.33 -15.41 -11.19
CA SER A 175 13.91 -16.38 -10.20
C SER A 175 15.09 -17.25 -9.81
N PRO A 176 15.50 -17.24 -8.53
CA PRO A 176 16.60 -18.12 -8.12
C PRO A 176 16.29 -19.60 -8.29
N TYR A 177 15.02 -19.98 -8.20
CA TYR A 177 14.67 -21.38 -8.43
C TYR A 177 14.94 -21.77 -9.87
N LEU A 178 14.37 -21.01 -10.83
CA LEU A 178 14.49 -21.36 -12.24
C LEU A 178 15.94 -21.29 -12.73
N LEU A 179 16.75 -20.41 -12.15
CA LEU A 179 18.14 -20.28 -12.57
C LEU A 179 19.04 -21.33 -11.94
N GLY A 180 18.49 -22.19 -11.08
CA GLY A 180 19.26 -23.28 -10.50
C GLY A 180 20.11 -22.92 -9.32
N VAL A 181 20.06 -21.68 -8.83
CA VAL A 181 20.94 -21.28 -7.72
C VAL A 181 20.44 -21.76 -6.36
N MET A 182 19.25 -22.35 -6.30
CA MET A 182 18.77 -22.98 -5.07
C MET A 182 19.08 -24.47 -5.02
N ASP A 183 19.69 -25.01 -6.08
CA ASP A 183 19.93 -26.45 -6.16
C ASP A 183 20.86 -26.93 -5.04
N GLY A 184 21.93 -26.17 -4.76
CA GLY A 184 22.87 -26.60 -3.75
C GLY A 184 22.25 -26.68 -2.37
N ALA A 185 21.40 -25.72 -2.03
CA ALA A 185 20.73 -25.74 -0.74
C ALA A 185 19.74 -26.89 -0.64
N VAL A 186 19.02 -27.19 -1.73
CA VAL A 186 18.11 -28.33 -1.73
C VAL A 186 18.90 -29.63 -1.54
N ALA A 187 19.98 -29.79 -2.28
CA ALA A 187 20.80 -30.99 -2.15
C ALA A 187 21.41 -31.07 -0.76
N THR A 188 21.82 -29.94 -0.20
CA THR A 188 22.42 -29.94 1.14
C THR A 188 21.44 -30.44 2.18
N CYS A 189 20.19 -29.98 2.13
CA CYS A 189 19.18 -30.48 3.05
C CYS A 189 18.98 -31.97 2.88
N ARG A 190 18.86 -32.43 1.63
CA ARG A 190 18.58 -33.85 1.42
C ARG A 190 19.77 -34.71 1.83
N GLU A 191 20.99 -34.26 1.52
CA GLU A 191 22.20 -35.00 1.93
C GLU A 191 22.25 -35.21 3.43
N ARG A 192 21.76 -34.24 4.21
CA ARG A 192 21.77 -34.31 5.66
C ARG A 192 20.50 -34.92 6.24
N GLY A 193 19.63 -35.45 5.38
CA GLY A 193 18.40 -36.08 5.84
C GLY A 193 17.36 -35.14 6.37
N LEU A 194 17.38 -33.87 5.97
CA LEU A 194 16.44 -32.88 6.47
C LEU A 194 15.32 -32.64 5.48
N ARG A 195 14.08 -32.71 5.96
CA ARG A 195 12.97 -32.11 5.23
C ARG A 195 13.06 -30.60 5.32
N PHE A 196 12.60 -29.93 4.27
CA PHE A 196 12.73 -28.48 4.17
C PHE A 196 11.45 -27.88 3.62
N TYR A 197 11.27 -26.59 3.86
CA TYR A 197 10.24 -25.78 3.24
C TYR A 197 10.86 -24.93 2.15
N ALA A 198 10.25 -24.93 0.97
CA ALA A 198 10.57 -23.95 -0.05
C ALA A 198 9.72 -22.70 0.17
N LEU A 199 10.36 -21.54 0.18
CA LEU A 199 9.67 -20.28 0.36
C LEU A 199 9.29 -19.70 -1.01
N TRP A 200 8.09 -19.12 -1.08
CA TRP A 200 7.55 -18.63 -2.35
C TRP A 200 6.74 -17.37 -2.09
N GLU A 201 6.89 -16.38 -2.98
CA GLU A 201 6.10 -15.15 -2.95
C GLU A 201 5.35 -15.04 -4.27
N THR A 202 4.05 -14.74 -4.20
CA THR A 202 3.34 -14.34 -5.41
C THR A 202 3.11 -12.84 -5.47
N ASN A 203 3.18 -12.15 -4.33
CA ASN A 203 3.09 -10.71 -4.30
C ASN A 203 3.79 -10.22 -3.04
N ARG A 204 3.92 -8.90 -2.92
CA ARG A 204 4.58 -8.32 -1.78
C ARG A 204 3.73 -7.21 -1.20
N GLY A 205 3.66 -7.17 0.12
CA GLY A 205 2.99 -6.11 0.84
C GLY A 205 1.70 -6.57 1.49
N CYS A 206 1.27 -5.80 2.48
CA CYS A 206 -0.06 -5.92 3.06
C CYS A 206 -0.71 -4.54 3.02
N PRO A 207 -1.94 -4.43 2.53
CA PRO A 207 -2.58 -3.11 2.44
C PRO A 207 -3.11 -2.60 3.77
N TYR A 208 -3.09 -3.42 4.82
CA TYR A 208 -3.67 -3.06 6.10
C TYR A 208 -2.58 -2.53 7.02
N SER A 209 -2.90 -2.39 8.31
CA SER A 209 -2.09 -1.53 9.18
C SER A 209 -2.04 -1.99 10.63
N CYS A 210 -2.20 -3.29 10.88
CA CYS A 210 -2.19 -3.78 12.26
C CYS A 210 -0.89 -3.38 12.95
N SER A 211 -1.00 -2.71 14.10
CA SER A 211 0.17 -2.02 14.65
C SER A 211 1.23 -2.98 15.20
N PHE A 212 0.86 -4.21 15.56
CA PHE A 212 1.83 -5.18 16.06
C PHE A 212 2.67 -5.82 14.96
N CYS A 213 2.28 -5.66 13.69
CA CYS A 213 2.76 -6.47 12.58
C CYS A 213 3.83 -5.74 11.79
N ASP A 214 4.73 -6.52 11.17
CA ASP A 214 5.74 -5.99 10.25
C ASP A 214 5.92 -6.94 9.07
N TRP A 215 4.81 -7.46 8.56
CA TRP A 215 4.81 -8.52 7.55
C TRP A 215 5.61 -8.12 6.32
N GLY A 216 6.68 -8.86 6.03
CA GLY A 216 7.52 -8.59 4.88
C GLY A 216 8.11 -7.19 4.85
N SER A 217 8.23 -6.53 6.00
CA SER A 217 8.64 -5.14 6.07
C SER A 217 7.82 -4.28 5.12
N ALA A 218 6.53 -4.61 4.97
CA ALA A 218 5.74 -4.00 3.90
C ALA A 218 4.26 -3.95 4.27
N THR A 219 3.95 -3.71 5.54
CA THR A 219 2.57 -3.37 5.86
C THR A 219 2.29 -1.93 5.43
N MET A 220 1.00 -1.58 5.40
CA MET A 220 0.57 -0.25 4.94
C MET A 220 1.20 0.09 3.59
N SER A 221 1.19 -0.87 2.67
CA SER A 221 1.86 -0.72 1.39
CA SER A 221 1.85 -0.69 1.39
C SER A 221 0.90 -1.05 0.25
N THR A 222 1.14 -0.44 -0.90
CA THR A 222 0.42 -0.84 -2.09
C THR A 222 0.94 -2.20 -2.54
N LEU A 223 0.03 -3.07 -2.96
CA LEU A 223 0.42 -4.43 -3.32
C LEU A 223 1.12 -4.44 -4.68
N ARG A 224 2.17 -5.24 -4.76
CA ARG A 224 2.96 -5.42 -5.98
C ARG A 224 2.99 -6.90 -6.30
N LYS A 225 2.85 -7.24 -7.59
CA LYS A 225 2.67 -8.61 -8.04
C LYS A 225 3.94 -9.13 -8.72
N PHE A 226 4.29 -10.38 -8.45
CA PHE A 226 5.28 -11.05 -9.28
C PHE A 226 4.65 -11.45 -10.62
N GLU A 227 5.45 -11.36 -11.67
CA GLU A 227 4.94 -11.55 -13.03
C GLU A 227 4.36 -12.95 -13.21
N ASP A 228 3.29 -13.05 -13.99
CA ASP A 228 2.52 -14.30 -14.09
C ASP A 228 3.37 -15.46 -14.58
N GLU A 229 4.17 -15.23 -15.63
CA GLU A 229 4.88 -16.34 -16.25
C GLU A 229 5.94 -16.91 -15.32
N ARG A 230 6.62 -16.05 -14.57
CA ARG A 230 7.57 -16.53 -13.57
C ARG A 230 6.90 -17.44 -12.55
N LEU A 231 5.74 -17.01 -12.02
CA LEU A 231 5.04 -17.82 -11.04
C LEU A 231 4.65 -19.17 -11.60
N GLN A 232 4.12 -19.20 -12.83
CA GLN A 232 3.71 -20.47 -13.41
C GLN A 232 4.90 -21.39 -13.64
N ASP A 233 6.02 -20.84 -14.13
CA ASP A 233 7.23 -21.64 -14.29
C ASP A 233 7.74 -22.16 -12.96
N GLU A 234 7.62 -21.35 -11.90
CA GLU A 234 8.08 -21.78 -10.58
C GLU A 234 7.17 -22.87 -10.01
N ILE A 235 5.86 -22.78 -10.24
CA ILE A 235 4.96 -23.86 -9.85
C ILE A 235 5.41 -25.18 -10.48
N GLU A 236 5.72 -25.16 -11.77
CA GLU A 236 6.19 -26.36 -12.44
C GLU A 236 7.53 -26.82 -11.87
N TRP A 237 8.41 -25.87 -11.55
CA TRP A 237 9.71 -26.23 -10.99
C TRP A 237 9.55 -26.95 -9.65
N PHE A 238 8.69 -26.44 -8.77
CA PHE A 238 8.42 -27.12 -7.50
C PHE A 238 7.92 -28.55 -7.74
N ALA A 239 6.97 -28.70 -8.67
CA ALA A 239 6.40 -30.02 -8.93
C ALA A 239 7.43 -30.98 -9.52
N ARG A 240 8.23 -30.50 -10.48
CA ARG A 240 9.20 -31.35 -11.16
C ARG A 240 10.36 -31.77 -10.25
N HIS A 241 10.58 -31.05 -9.16
CA HIS A 241 11.69 -31.36 -8.26
C HIS A 241 11.24 -31.98 -6.94
N ASP A 242 9.99 -32.45 -6.89
CA ASP A 242 9.47 -33.15 -5.72
CA ASP A 242 9.48 -33.16 -5.72
C ASP A 242 9.59 -32.29 -4.46
N VAL A 243 9.38 -30.99 -4.62
CA VAL A 243 9.36 -30.08 -3.46
C VAL A 243 8.01 -30.28 -2.79
N GLU A 244 8.00 -31.01 -1.66
CA GLU A 244 6.75 -31.42 -1.06
C GLU A 244 6.13 -30.35 -0.18
N ASP A 245 6.94 -29.54 0.49
CA ASP A 245 6.45 -28.58 1.48
C ASP A 245 6.71 -27.18 0.95
N LEU A 246 5.63 -26.46 0.66
CA LEU A 246 5.72 -25.13 0.08
C LEU A 246 5.15 -24.11 1.07
N PHE A 247 5.92 -23.08 1.36
CA PHE A 247 5.48 -22.00 2.24
C PHE A 247 5.32 -20.75 1.40
N ILE A 248 4.08 -20.31 1.22
CA ILE A 248 3.79 -19.08 0.49
C ILE A 248 3.77 -17.95 1.50
N CYS A 249 4.50 -16.88 1.20
CA CYS A 249 4.77 -15.78 2.12
C CYS A 249 3.74 -14.67 2.08
N ASP A 250 2.75 -14.76 1.18
CA ASP A 250 1.77 -13.69 1.00
C ASP A 250 1.07 -13.34 2.31
N ALA A 251 0.76 -12.05 2.48
CA ALA A 251 0.03 -11.61 3.67
C ALA A 251 -1.43 -12.01 3.64
N ASN A 252 -2.05 -12.05 2.44
CA ASN A 252 -3.50 -12.16 2.33
C ASN A 252 -3.86 -13.02 1.12
N PHE A 253 -3.53 -14.31 1.14
CA PHE A 253 -3.80 -15.13 -0.03
C PHE A 253 -5.31 -15.18 -0.30
N GLY A 254 -5.67 -14.98 -1.57
CA GLY A 254 -7.05 -14.81 -1.96
C GLY A 254 -7.46 -13.36 -2.15
N ILE A 255 -6.62 -12.41 -1.77
CA ILE A 255 -6.96 -11.00 -1.91
C ILE A 255 -6.96 -10.56 -3.37
N MET A 256 -6.23 -11.27 -4.24
CA MET A 256 -6.15 -10.90 -5.64
C MET A 256 -6.90 -11.90 -6.50
N PRO A 257 -7.56 -11.45 -7.56
CA PRO A 257 -8.33 -12.38 -8.41
C PRO A 257 -7.52 -13.58 -8.89
N ARG A 258 -6.25 -13.37 -9.25
CA ARG A 258 -5.46 -14.46 -9.81
C ARG A 258 -5.10 -15.53 -8.78
N ASP A 259 -5.33 -15.27 -7.48
CA ASP A 259 -4.96 -16.26 -6.46
C ASP A 259 -5.74 -17.55 -6.62
N LEU A 260 -6.97 -17.48 -7.15
CA LEU A 260 -7.70 -18.71 -7.43
C LEU A 260 -7.04 -19.50 -8.54
N GLU A 261 -6.58 -18.82 -9.59
CA GLU A 261 -5.87 -19.51 -10.67
C GLU A 261 -4.57 -20.12 -10.17
N ILE A 262 -3.84 -19.41 -9.31
CA ILE A 262 -2.63 -19.96 -8.72
C ILE A 262 -2.96 -21.21 -7.91
N ALA A 263 -4.05 -21.16 -7.14
CA ALA A 263 -4.45 -22.32 -6.34
C ALA A 263 -4.79 -23.50 -7.24
N HIS A 264 -5.50 -23.25 -8.34
CA HIS A 264 -5.82 -24.34 -9.26
C HIS A 264 -4.56 -24.91 -9.89
N ALA A 265 -3.61 -24.04 -10.26
CA ALA A 265 -2.37 -24.51 -10.87
C ALA A 265 -1.57 -25.37 -9.91
N LEU A 266 -1.57 -25.03 -8.62
CA LEU A 266 -0.89 -25.86 -7.64
C LEU A 266 -1.61 -27.19 -7.45
N ALA A 267 -2.94 -27.19 -7.47
CA ALA A 267 -3.69 -28.43 -7.36
C ALA A 267 -3.45 -29.32 -8.58
N GLU A 268 -3.40 -28.73 -9.78
CA GLU A 268 -3.14 -29.51 -10.98
C GLU A 268 -1.74 -30.13 -10.92
N ALA A 269 -0.75 -29.34 -10.49
CA ALA A 269 0.61 -29.86 -10.36
C ALA A 269 0.67 -31.02 -9.37
N ARG A 270 0.00 -30.87 -8.23
CA ARG A 270 -0.10 -31.97 -7.27
C ARG A 270 -0.75 -33.19 -7.91
N GLY A 271 -1.84 -32.98 -8.64
CA GLY A 271 -2.53 -34.10 -9.26
C GLY A 271 -1.69 -34.78 -10.31
N GLU A 272 -0.97 -34.01 -11.13
CA GLU A 272 -0.26 -34.58 -12.25
C GLU A 272 1.13 -35.11 -11.89
N LEU A 273 1.83 -34.47 -10.94
CA LEU A 273 3.20 -34.84 -10.63
C LEU A 273 3.44 -35.22 -9.18
N GLY A 274 2.45 -35.10 -8.30
CA GLY A 274 2.61 -35.54 -6.92
C GLY A 274 3.29 -34.54 -6.00
N ALA A 275 3.56 -33.33 -6.47
CA ALA A 275 4.21 -32.31 -5.66
C ALA A 275 3.73 -30.95 -6.13
N PRO A 276 3.65 -29.96 -5.23
CA PRO A 276 3.87 -30.09 -3.79
C PRO A 276 2.77 -30.90 -3.10
N ARG A 277 3.01 -31.30 -1.86
CA ARG A 277 2.04 -32.09 -1.12
C ARG A 277 1.32 -31.29 -0.03
N GLN A 278 1.95 -30.24 0.50
CA GLN A 278 1.34 -29.37 1.50
CA GLN A 278 1.31 -29.37 1.48
C GLN A 278 1.72 -27.93 1.20
N VAL A 279 0.77 -27.03 1.37
CA VAL A 279 0.97 -25.60 1.14
C VAL A 279 0.58 -24.84 2.40
N ARG A 280 1.54 -24.12 2.98
CA ARG A 280 1.28 -23.23 4.09
C ARG A 280 1.12 -21.82 3.53
N VAL A 281 0.04 -21.13 3.93
CA VAL A 281 -0.15 -19.74 3.53
C VAL A 281 -1.11 -19.10 4.50
N ASN A 282 -0.94 -17.79 4.69
CA ASN A 282 -1.88 -16.98 5.45
C ASN A 282 -2.95 -16.45 4.50
N PHE A 283 -4.22 -16.75 4.82
CA PHE A 283 -5.33 -16.35 3.97
C PHE A 283 -5.85 -14.95 4.35
N ALA A 284 -6.50 -14.32 3.39
CA ALA A 284 -6.79 -12.88 3.44
C ALA A 284 -7.62 -12.50 4.66
N LYS A 285 -7.30 -11.34 5.24
CA LYS A 285 -8.06 -10.83 6.39
C LYS A 285 -9.52 -10.63 6.05
N ASN A 286 -9.82 -9.96 4.93
CA ASN A 286 -11.19 -9.77 4.51
C ASN A 286 -11.63 -11.00 3.72
N SER A 287 -11.91 -12.07 4.47
CA SER A 287 -12.18 -13.37 3.88
C SER A 287 -13.41 -13.30 2.97
N ASN A 288 -13.35 -13.98 1.84
CA ASN A 288 -14.35 -13.79 0.79
C ASN A 288 -14.59 -15.13 0.09
N ASP A 289 -15.42 -15.09 -0.97
CA ASP A 289 -15.69 -16.30 -1.73
C ASP A 289 -14.44 -16.88 -2.35
N ARG A 290 -13.50 -16.04 -2.76
CA ARG A 290 -12.28 -16.54 -3.39
C ARG A 290 -11.46 -17.37 -2.40
N VAL A 291 -11.35 -16.90 -1.15
CA VAL A 291 -10.68 -17.70 -0.14
C VAL A 291 -11.38 -19.05 0.02
N PHE A 292 -12.71 -19.04 0.00
CA PHE A 292 -13.44 -20.30 0.11
C PHE A 292 -13.19 -21.20 -1.11
N ASP A 293 -13.22 -20.63 -2.32
CA ASP A 293 -12.98 -21.43 -3.51
C ASP A 293 -11.57 -22.01 -3.51
N ILE A 294 -10.58 -21.22 -3.11
CA ILE A 294 -9.22 -21.73 -2.97
C ILE A 294 -9.18 -22.86 -1.95
N SER A 295 -9.80 -22.64 -0.79
CA SER A 295 -9.77 -23.64 0.27
C SER A 295 -10.41 -24.94 -0.18
N LYS A 296 -11.57 -24.86 -0.84
CA LYS A 296 -12.22 -26.06 -1.35
C LYS A 296 -11.31 -26.78 -2.35
N THR A 297 -10.67 -26.01 -3.25
CA THR A 297 -9.76 -26.60 -4.23
C THR A 297 -8.62 -27.34 -3.54
N TRP A 298 -7.99 -26.70 -2.55
CA TRP A 298 -6.85 -27.33 -1.88
C TRP A 298 -7.27 -28.42 -0.90
N HIS A 299 -8.47 -28.30 -0.32
CA HIS A 299 -8.98 -29.38 0.50
C HIS A 299 -9.13 -30.66 -0.33
N ASP A 300 -9.72 -30.54 -1.52
CA ASP A 300 -9.90 -31.70 -2.39
C ASP A 300 -8.57 -32.28 -2.84
N ALA A 301 -7.55 -31.44 -2.98
CA ALA A 301 -6.23 -31.88 -3.42
C ALA A 301 -5.31 -32.28 -2.28
N ASP A 302 -5.81 -32.27 -1.03
CA ASP A 302 -5.02 -32.59 0.16
C ASP A 302 -3.83 -31.65 0.34
N LEU A 303 -3.96 -30.41 -0.16
CA LEU A 303 -2.91 -29.41 0.00
C LEU A 303 -3.16 -28.44 1.15
N LEU A 304 -4.42 -28.30 1.59
CA LEU A 304 -4.79 -27.26 2.53
C LEU A 304 -4.29 -27.57 3.93
N MET A 305 -3.73 -26.55 4.59
CA MET A 305 -3.25 -26.69 5.96
CA MET A 305 -3.22 -26.65 5.95
C MET A 305 -4.00 -25.77 6.91
N GLY A 306 -5.24 -25.44 6.57
CA GLY A 306 -6.06 -24.62 7.43
C GLY A 306 -6.33 -23.24 6.85
N THR A 307 -7.60 -22.83 6.82
CA THR A 307 -7.98 -21.54 6.29
C THR A 307 -7.94 -20.48 7.39
N THR A 308 -7.06 -19.49 7.22
CA THR A 308 -6.88 -18.44 8.23
C THR A 308 -8.12 -17.57 8.33
N LEU A 309 -8.73 -17.53 9.52
CA LEU A 309 -9.80 -16.59 9.83
C LEU A 309 -9.45 -15.88 11.15
N SER A 310 -8.37 -15.11 11.12
CA SER A 310 -7.78 -14.63 12.35
C SER A 310 -8.38 -13.28 12.76
N MET A 311 -8.28 -13.00 14.05
CA MET A 311 -8.93 -11.89 14.73
C MET A 311 -7.97 -11.00 15.51
N GLN A 312 -6.95 -11.60 16.14
CA GLN A 312 -6.03 -10.96 17.07
C GLN A 312 -6.76 -10.56 18.35
N SER A 313 -7.87 -9.85 18.21
CA SER A 313 -8.76 -9.54 19.33
C SER A 313 -10.18 -9.41 18.79
N THR A 314 -11.15 -9.54 19.69
CA THR A 314 -12.55 -9.30 19.35
C THR A 314 -13.09 -8.01 19.95
N ASP A 315 -12.30 -7.32 20.76
CA ASP A 315 -12.78 -6.13 21.47
C ASP A 315 -12.64 -4.89 20.59
N MET A 316 -13.68 -4.07 20.55
CA MET A 316 -13.68 -2.94 19.63
C MET A 316 -12.62 -1.91 20.00
N ASP A 317 -12.41 -1.69 21.31
CA ASP A 317 -11.37 -0.75 21.74
C ASP A 317 -9.98 -1.27 21.39
N VAL A 318 -9.74 -2.56 21.60
CA VAL A 318 -8.46 -3.15 21.23
C VAL A 318 -8.22 -3.01 19.73
N LEU A 319 -9.22 -3.36 18.93
CA LEU A 319 -9.06 -3.32 17.48
C LEU A 319 -8.83 -1.89 17.00
N GLU A 320 -9.50 -0.91 17.62
CA GLU A 320 -9.23 0.48 17.30
C GLU A 320 -7.81 0.86 17.66
N ALA A 321 -7.32 0.36 18.80
CA ALA A 321 -5.99 0.74 19.27
C ALA A 321 -4.88 0.18 18.37
N ILE A 322 -5.10 -0.96 17.74
CA ILE A 322 -4.09 -1.58 16.87
C ILE A 322 -4.39 -1.35 15.39
N ASP A 323 -5.40 -0.54 15.06
CA ASP A 323 -5.70 -0.16 13.68
C ASP A 323 -6.11 -1.38 12.85
N ARG A 324 -7.01 -2.18 13.40
CA ARG A 324 -7.46 -3.38 12.71
C ARG A 324 -8.97 -3.45 12.70
N LYS A 325 -9.53 -3.76 11.53
CA LYS A 325 -10.96 -4.03 11.38
C LYS A 325 -11.14 -5.51 11.09
N ASN A 326 -12.00 -6.16 11.87
CA ASN A 326 -12.30 -7.58 11.69
C ASN A 326 -13.65 -7.75 11.03
N ILE A 327 -13.83 -8.93 10.43
CA ILE A 327 -15.15 -9.40 10.09
C ILE A 327 -16.01 -9.44 11.36
N GLY A 328 -17.26 -9.01 11.23
CA GLY A 328 -18.16 -9.04 12.37
C GLY A 328 -18.42 -10.45 12.85
N LEU A 329 -18.87 -10.55 14.10
CA LEU A 329 -19.04 -11.85 14.73
C LEU A 329 -20.12 -12.68 14.04
N ASP A 330 -21.21 -12.04 13.61
CA ASP A 330 -22.27 -12.77 12.92
C ASP A 330 -21.81 -13.23 11.55
N ASN A 331 -21.02 -12.42 10.85
CA ASN A 331 -20.46 -12.86 9.58
C ASN A 331 -19.43 -13.96 9.78
N TYR A 332 -18.64 -13.87 10.85
CA TYR A 332 -17.75 -14.96 11.22
C TYR A 332 -18.53 -16.26 11.43
N ARG A 333 -19.67 -16.16 12.12
CA ARG A 333 -20.51 -17.34 12.33
C ARG A 333 -20.94 -17.94 10.99
N LYS A 334 -21.37 -17.10 10.05
CA LYS A 334 -21.78 -17.61 8.74
C LYS A 334 -20.63 -18.30 8.02
N LEU A 335 -19.41 -17.74 8.13
CA LEU A 335 -18.24 -18.38 7.56
C LEU A 335 -18.01 -19.76 8.18
N GLN A 336 -18.03 -19.83 9.51
CA GLN A 336 -17.82 -21.11 10.18
C GLN A 336 -18.86 -22.13 9.73
N GLN A 337 -20.12 -21.72 9.58
CA GLN A 337 -21.14 -22.65 9.12
C GLN A 337 -20.85 -23.13 7.70
N ARG A 338 -20.45 -22.21 6.82
CA ARG A 338 -20.17 -22.60 5.44
C ARG A 338 -18.98 -23.55 5.35
N TYR A 339 -17.90 -23.26 6.09
CA TYR A 339 -16.73 -24.14 6.04
C TYR A 339 -17.00 -25.48 6.73
N ALA A 340 -17.73 -25.45 7.84
CA ALA A 340 -18.03 -26.69 8.55
C ALA A 340 -18.88 -27.61 7.70
N ALA A 341 -19.81 -27.04 6.92
CA ALA A 341 -20.64 -27.86 6.05
C ALA A 341 -19.82 -28.61 5.02
N GLU A 342 -18.68 -28.05 4.60
CA GLU A 342 -17.78 -28.70 3.65
C GLU A 342 -16.67 -29.47 4.32
N ASN A 343 -16.65 -29.54 5.65
CA ASN A 343 -15.58 -30.18 6.41
C ASN A 343 -14.22 -29.58 6.07
N ILE A 344 -14.19 -28.28 5.82
CA ILE A 344 -12.95 -27.57 5.53
C ILE A 344 -12.44 -26.93 6.82
N HIS A 345 -11.20 -27.23 7.19
CA HIS A 345 -10.67 -26.79 8.47
C HIS A 345 -10.25 -25.33 8.42
N THR A 346 -10.69 -24.57 9.41
CA THR A 346 -10.29 -23.18 9.60
C THR A 346 -9.63 -23.03 10.97
N TYR A 347 -8.96 -21.90 11.17
CA TYR A 347 -8.36 -21.59 12.46
C TYR A 347 -8.38 -20.09 12.65
N THR A 348 -8.31 -19.68 13.92
CA THR A 348 -8.40 -18.28 14.30
C THR A 348 -7.29 -17.96 15.30
N GLU A 349 -6.47 -16.96 14.99
CA GLU A 349 -5.38 -16.55 15.86
C GLU A 349 -5.78 -15.36 16.72
N LEU A 350 -5.32 -15.39 17.97
CA LEU A 350 -5.45 -14.28 18.90
C LEU A 350 -4.07 -13.94 19.46
N ILE A 351 -3.89 -12.69 19.87
CA ILE A 351 -2.66 -12.25 20.52
C ILE A 351 -3.01 -11.77 21.92
N LEU A 352 -2.28 -12.27 22.92
CA LEU A 352 -2.52 -11.91 24.31
C LEU A 352 -1.75 -10.65 24.66
N GLY A 353 -2.41 -9.72 25.35
CA GLY A 353 -1.75 -8.52 25.81
C GLY A 353 -1.73 -7.37 24.83
N LEU A 354 -2.64 -7.35 23.86
CA LEU A 354 -2.71 -6.22 22.95
C LEU A 354 -3.14 -4.97 23.71
N PRO A 355 -2.83 -3.79 23.17
CA PRO A 355 -3.30 -2.54 23.77
C PRO A 355 -4.79 -2.59 24.09
N MET A 356 -5.12 -2.16 25.31
CA MET A 356 -6.47 -1.97 25.88
CA MET A 356 -6.49 -1.98 25.84
C MET A 356 -7.19 -3.29 26.18
N GLU A 357 -6.56 -4.44 25.98
CA GLU A 357 -7.23 -5.71 26.27
C GLU A 357 -7.19 -6.01 27.75
N THR A 358 -8.36 -6.19 28.35
CA THR A 358 -8.47 -6.64 29.73
C THR A 358 -8.61 -8.16 29.78
N ALA A 359 -8.33 -8.73 30.96
CA ALA A 359 -8.59 -10.15 31.16
C ALA A 359 -10.05 -10.48 30.89
N ARG A 360 -10.95 -9.57 31.25
CA ARG A 360 -12.36 -9.76 30.99
C ARG A 360 -12.64 -9.82 29.49
N SER A 361 -12.14 -8.85 28.74
CA SER A 361 -12.40 -8.83 27.30
C SER A 361 -11.76 -10.01 26.59
N PHE A 362 -10.60 -10.45 27.07
CA PHE A 362 -9.89 -11.55 26.43
C PHE A 362 -10.66 -12.86 26.59
N ARG A 363 -11.13 -13.15 27.81
CA ARG A 363 -11.89 -14.39 28.02
C ARG A 363 -13.26 -14.31 27.34
N ASP A 364 -13.90 -13.15 27.38
CA ASP A 364 -15.19 -12.99 26.70
C ASP A 364 -15.03 -13.18 25.20
N GLY A 365 -13.93 -12.68 24.63
CA GLY A 365 -13.71 -12.87 23.20
C GLY A 365 -13.53 -14.33 22.84
N ILE A 366 -12.81 -15.08 23.68
CA ILE A 366 -12.64 -16.51 23.43
C ILE A 366 -14.00 -17.20 23.44
N GLY A 367 -14.82 -16.89 24.43
CA GLY A 367 -16.15 -17.50 24.50
C GLY A 367 -17.02 -17.12 23.31
N SER A 368 -16.88 -15.88 22.83
CA SER A 368 -17.68 -15.44 21.70
C SER A 368 -17.31 -16.17 20.41
N LEU A 369 -16.04 -16.59 20.28
CA LEU A 369 -15.65 -17.33 19.09
C LEU A 369 -16.19 -18.75 19.10
N LEU A 370 -16.19 -19.39 20.28
CA LEU A 370 -16.85 -20.68 20.42
C LEU A 370 -18.35 -20.53 20.18
N GLU A 371 -18.94 -19.48 20.76
CA GLU A 371 -20.36 -19.20 20.52
C GLU A 371 -20.64 -19.05 19.03
N ALA A 372 -19.71 -18.44 18.29
CA ALA A 372 -19.87 -18.24 16.86
C ALA A 372 -19.52 -19.48 16.05
N GLY A 373 -19.10 -20.58 16.69
CA GLY A 373 -18.96 -21.84 16.00
C GLY A 373 -17.55 -22.35 15.80
N ASN A 374 -16.52 -21.66 16.30
CA ASN A 374 -15.16 -22.20 16.26
C ASN A 374 -14.95 -23.01 17.52
N HIS A 375 -15.03 -24.32 17.39
CA HIS A 375 -14.76 -25.24 18.49
C HIS A 375 -13.47 -26.00 18.31
N GLU A 376 -12.84 -25.91 17.15
CA GLU A 376 -11.77 -26.83 16.80
C GLU A 376 -10.38 -26.23 16.80
N ASP A 377 -10.22 -24.92 16.54
CA ASP A 377 -8.86 -24.44 16.31
C ASP A 377 -8.76 -22.97 16.67
N LEU A 378 -8.40 -22.71 17.92
CA LEU A 378 -8.05 -21.38 18.41
C LEU A 378 -6.56 -21.36 18.73
N ARG A 379 -5.86 -20.32 18.27
CA ARG A 379 -4.41 -20.23 18.48
C ARG A 379 -4.08 -18.90 19.11
N VAL A 380 -3.12 -18.91 20.03
CA VAL A 380 -2.78 -17.71 20.78
C VAL A 380 -1.27 -17.51 20.75
N TYR A 381 -0.85 -16.25 20.65
CA TYR A 381 0.56 -15.88 20.70
C TYR A 381 0.78 -14.81 21.75
N GLU A 382 1.90 -14.91 22.47
CA GLU A 382 2.39 -13.78 23.25
C GLU A 382 2.73 -12.64 22.31
N LEU A 383 2.45 -11.41 22.74
CA LEU A 383 2.76 -10.25 21.92
C LEU A 383 4.26 -9.97 21.97
N GLY A 384 4.91 -9.99 20.81
CA GLY A 384 6.30 -9.59 20.70
C GLY A 384 6.42 -8.21 20.07
N ILE A 385 7.35 -7.41 20.58
CA ILE A 385 7.62 -6.09 20.02
C ILE A 385 8.63 -6.25 18.89
N LEU A 386 8.18 -6.05 17.65
CA LEU A 386 9.09 -6.18 16.52
C LEU A 386 9.76 -4.85 16.24
N PRO A 387 11.05 -4.88 15.87
CA PRO A 387 11.81 -3.63 15.71
C PRO A 387 11.11 -2.57 14.86
N ASN A 388 10.48 -2.96 13.76
CA ASN A 388 9.88 -1.98 12.86
C ASN A 388 8.37 -2.08 12.77
N ALA A 389 7.74 -2.73 13.74
CA ALA A 389 6.28 -2.63 13.84
C ALA A 389 5.90 -1.23 14.30
N PRO A 390 4.78 -0.68 13.82
CA PRO A 390 4.32 0.63 14.30
C PRO A 390 4.18 0.71 15.80
N LEU A 391 3.91 -0.43 16.46
CA LEU A 391 3.77 -0.45 17.90
C LEU A 391 5.08 -0.15 18.62
N ASN A 392 6.23 -0.36 17.97
CA ASN A 392 7.53 -0.15 18.61
C ASN A 392 7.97 1.31 18.47
N THR A 393 7.20 2.19 19.09
CA THR A 393 7.56 3.60 19.25
C THR A 393 7.36 3.99 20.70
N PRO A 394 8.17 4.92 21.22
CA PRO A 394 7.93 5.39 22.60
C PRO A 394 6.53 5.94 22.80
N GLU A 395 5.95 6.57 21.78
CA GLU A 395 4.61 7.13 21.91
C GLU A 395 3.57 6.04 22.14
N LYS A 396 3.56 5.02 21.29
CA LYS A 396 2.54 3.97 21.41
C LYS A 396 2.76 3.12 22.66
N ILE A 397 4.02 2.78 22.96
CA ILE A 397 4.31 2.03 24.17
C ILE A 397 3.84 2.81 25.39
N GLU A 398 4.04 4.13 25.39
CA GLU A 398 3.57 4.95 26.50
C GLU A 398 2.05 5.07 26.51
N GLN A 399 1.44 5.25 25.33
CA GLN A 399 0.00 5.48 25.25
C GLN A 399 -0.78 4.33 25.90
N TYR A 400 -0.34 3.10 25.69
CA TYR A 400 -1.06 1.92 26.15
C TYR A 400 -0.38 1.22 27.32
N GLY A 401 0.72 1.77 27.82
CA GLY A 401 1.38 1.21 28.99
C GLY A 401 1.94 -0.18 28.80
N LEU A 402 2.47 -0.46 27.62
CA LEU A 402 3.02 -1.79 27.35
C LEU A 402 4.32 -1.98 28.13
N ARG A 403 4.35 -3.00 28.98
CA ARG A 403 5.56 -3.38 29.71
C ARG A 403 6.06 -4.71 29.16
N THR A 404 7.35 -4.77 28.88
CA THR A 404 7.96 -5.94 28.26
C THR A 404 9.06 -6.50 29.14
N VAL A 405 9.41 -7.75 28.87
CA VAL A 405 10.59 -8.39 29.46
C VAL A 405 11.38 -9.02 28.32
N PRO A 406 12.72 -9.04 28.39
CA PRO A 406 13.48 -9.77 27.38
C PRO A 406 13.24 -11.26 27.53
N LYS A 407 13.05 -11.94 26.41
CA LYS A 407 12.67 -13.35 26.41
C LYS A 407 13.54 -14.10 25.41
N ARG A 408 14.26 -15.11 25.89
CA ARG A 408 15.03 -15.94 25.00
C ARG A 408 14.12 -16.80 24.13
N MET A 409 14.56 -17.06 22.91
CA MET A 409 13.79 -17.88 21.99
CA MET A 409 13.77 -17.89 22.01
C MET A 409 14.01 -19.38 22.23
N TYR A 410 15.26 -19.77 22.49
CA TYR A 410 15.63 -21.17 22.51
C TYR A 410 16.43 -21.52 23.76
N VAL A 411 16.46 -22.82 24.07
CA VAL A 411 17.37 -23.33 25.08
C VAL A 411 18.80 -23.24 24.56
N GLU A 412 19.72 -22.81 25.42
CA GLU A 412 21.10 -22.64 24.99
C GLU A 412 22.04 -23.69 25.60
N THR A 416 26.80 -21.07 27.21
CA THR A 416 26.52 -20.23 26.04
C THR A 416 26.46 -18.77 26.43
N PRO A 417 27.22 -17.93 25.72
CA PRO A 417 27.22 -16.49 26.05
C PRO A 417 25.90 -15.84 25.69
N ASP A 418 25.57 -14.79 26.44
CA ASP A 418 24.30 -14.10 26.23
C ASP A 418 24.24 -13.46 24.84
N ASP A 419 25.38 -13.02 24.30
CA ASP A 419 25.38 -12.37 23.00
C ASP A 419 25.21 -13.36 21.84
N GLU A 420 25.06 -14.64 22.13
CA GLU A 420 24.71 -15.64 21.12
C GLU A 420 23.34 -16.26 21.36
N ALA A 421 22.57 -15.72 22.30
CA ALA A 421 21.23 -16.22 22.59
C ALA A 421 20.20 -15.28 22.00
N GLU A 422 19.40 -15.77 21.06
CA GLU A 422 18.42 -14.91 20.42
C GLU A 422 17.33 -14.51 21.42
N THR A 423 16.93 -13.25 21.36
CA THR A 423 16.04 -12.66 22.36
C THR A 423 15.02 -11.76 21.67
N PHE A 424 13.82 -11.68 22.25
CA PHE A 424 12.85 -10.67 21.84
C PHE A 424 12.21 -10.06 23.09
N GLU A 425 11.55 -8.92 22.89
CA GLU A 425 10.87 -8.20 23.95
C GLU A 425 9.40 -8.60 23.98
N MET A 426 8.98 -9.28 25.06
CA MET A 426 7.64 -9.83 25.17
C MET A 426 6.79 -8.97 26.10
N VAL A 427 5.62 -8.56 25.61
CA VAL A 427 4.68 -7.80 26.44
C VAL A 427 4.04 -8.74 27.46
N MET A 428 4.06 -8.32 28.74
CA MET A 428 3.43 -9.11 29.80
C MET A 428 2.57 -8.29 30.75
N GLU A 429 2.31 -7.02 30.43
CA GLU A 429 1.47 -6.16 31.25
C GLU A 429 1.19 -4.88 30.48
N THR A 430 -0.04 -4.37 30.61
CA THR A 430 -0.46 -3.13 29.97
C THR A 430 -1.28 -2.31 30.96
N ASN A 431 -1.72 -1.12 30.53
CA ASN A 431 -2.66 -0.35 31.35
C ASN A 431 -3.92 -1.14 31.64
N ALA A 432 -4.31 -2.03 30.73
CA ALA A 432 -5.57 -2.74 30.85
C ALA A 432 -5.44 -4.13 31.44
N MET A 433 -4.24 -4.69 31.48
CA MET A 433 -4.05 -6.08 31.90
C MET A 433 -2.83 -6.19 32.81
N PRO A 434 -3.03 -6.24 34.13
CA PRO A 434 -1.91 -6.45 35.04
C PRO A 434 -1.24 -7.80 34.80
N ARG A 435 0.00 -7.91 35.27
CA ARG A 435 0.78 -9.12 35.03
C ARG A 435 0.07 -10.36 35.56
N ASP A 436 -0.55 -10.26 36.74
CA ASP A 436 -1.27 -11.42 37.28
C ASP A 436 -2.42 -11.81 36.37
N ALA A 437 -3.15 -10.84 35.83
CA ALA A 437 -4.23 -11.14 34.90
C ALA A 437 -3.70 -11.75 33.61
N TRP A 438 -2.52 -11.32 33.17
CA TRP A 438 -1.89 -11.91 31.99
C TRP A 438 -1.62 -13.39 32.21
N VAL A 439 -1.08 -13.73 33.39
CA VAL A 439 -0.77 -15.14 33.68
C VAL A 439 -2.03 -15.98 33.69
N GLU A 440 -3.07 -15.51 34.39
CA GLU A 440 -4.30 -16.30 34.47
C GLU A 440 -5.02 -16.38 33.13
N SER A 441 -4.94 -15.31 32.34
CA SER A 441 -5.55 -15.33 31.01
C SER A 441 -4.83 -16.32 30.10
N PHE A 442 -3.50 -16.38 30.20
CA PHE A 442 -2.75 -17.31 29.37
C PHE A 442 -3.07 -18.75 29.76
N SER A 443 -3.15 -19.03 31.07
CA SER A 443 -3.55 -20.36 31.51
CA SER A 443 -3.55 -20.36 31.52
C SER A 443 -4.95 -20.70 31.04
N PHE A 444 -5.86 -19.72 31.06
CA PHE A 444 -7.23 -19.93 30.61
C PHE A 444 -7.27 -20.45 29.17
N ILE A 445 -6.57 -19.78 28.26
CA ILE A 445 -6.68 -20.12 26.84
C ILE A 445 -5.95 -21.42 26.54
N GLN A 446 -4.89 -21.75 27.29
CA GLN A 446 -4.26 -23.05 27.10
C GLN A 446 -5.25 -24.18 27.43
N ALA A 447 -5.97 -24.04 28.54
CA ALA A 447 -6.95 -25.07 28.91
C ALA A 447 -8.08 -25.16 27.91
N VAL A 448 -8.55 -24.02 27.41
CA VAL A 448 -9.55 -24.04 26.35
C VAL A 448 -9.04 -24.84 25.14
N GLN A 449 -7.75 -24.72 24.86
CA GLN A 449 -7.18 -25.45 23.72
C GLN A 449 -7.17 -26.95 23.97
N PHE A 450 -6.58 -27.41 25.07
CA PHE A 450 -6.50 -28.86 25.19
C PHE A 450 -7.82 -29.50 25.65
N LEU A 451 -8.71 -28.75 26.28
CA LEU A 451 -10.00 -29.29 26.69
C LEU A 451 -11.05 -29.19 25.60
N HIS A 452 -11.12 -28.05 24.91
CA HIS A 452 -12.18 -27.81 23.93
C HIS A 452 -11.72 -28.14 22.52
N ASN A 453 -10.66 -27.49 22.02
CA ASN A 453 -10.09 -27.92 20.75
C ASN A 453 -9.69 -29.38 20.82
N GLY A 454 -9.13 -29.80 21.95
CA GLY A 454 -8.72 -31.17 22.21
C GLY A 454 -9.83 -32.15 22.52
N CYS A 455 -11.09 -31.68 22.57
CA CYS A 455 -12.30 -32.50 22.60
C CYS A 455 -12.69 -33.04 23.97
N TYR A 456 -11.76 -33.05 24.94
CA TYR A 456 -12.02 -33.69 26.23
C TYR A 456 -13.32 -33.22 26.87
N THR A 457 -13.62 -31.93 26.79
CA THR A 457 -14.87 -31.40 27.31
C THR A 457 -15.65 -30.63 26.26
N ARG A 458 -15.28 -30.75 24.98
CA ARG A 458 -15.95 -29.96 23.95
C ARG A 458 -17.41 -30.33 23.84
N TYR A 459 -17.71 -31.62 23.83
CA TYR A 459 -19.09 -32.05 23.60
C TYR A 459 -19.94 -31.84 24.84
N LEU A 460 -19.37 -32.07 26.03
CA LEU A 460 -20.07 -31.71 27.25
C LEU A 460 -20.38 -30.22 27.29
N SER A 461 -19.41 -29.39 26.92
CA SER A 461 -19.60 -27.94 26.97
C SER A 461 -20.70 -27.50 26.00
N ILE A 462 -20.66 -28.01 24.77
CA ILE A 462 -21.69 -27.66 23.79
C ILE A 462 -23.07 -28.07 24.30
N PHE A 463 -23.16 -29.28 24.85
CA PHE A 463 -24.43 -29.75 25.39
C PHE A 463 -24.91 -28.85 26.53
N LEU A 464 -24.01 -28.52 27.46
CA LEU A 464 -24.39 -27.67 28.59
C LEU A 464 -24.80 -26.28 28.12
N ARG A 465 -24.11 -25.76 27.11
CA ARG A 465 -24.46 -24.45 26.56
C ARG A 465 -25.85 -24.48 25.93
N GLN A 466 -26.12 -25.50 25.14
CA GLN A 466 -27.33 -25.52 24.32
C GLN A 466 -28.54 -26.09 25.05
N GLU A 467 -28.34 -26.93 26.07
CA GLU A 467 -29.45 -27.54 26.78
C GLU A 467 -29.58 -27.10 28.23
N HIS A 468 -28.55 -26.48 28.81
CA HIS A 468 -28.60 -26.07 30.21
C HIS A 468 -28.20 -24.61 30.42
N GLY A 469 -28.03 -23.84 29.35
CA GLY A 469 -27.78 -22.42 29.49
C GLY A 469 -26.46 -22.04 30.12
N ILE A 470 -25.44 -22.89 29.99
CA ILE A 470 -24.11 -22.59 30.52
C ILE A 470 -23.26 -22.03 29.37
N GLY A 471 -23.05 -20.71 29.38
CA GLY A 471 -22.24 -20.09 28.35
C GLY A 471 -20.82 -20.64 28.32
N TYR A 472 -20.19 -20.49 27.15
CA TYR A 472 -18.87 -21.07 26.94
C TYR A 472 -17.81 -20.41 27.83
N THR A 473 -17.80 -19.08 27.88
CA THR A 473 -16.87 -18.40 28.78
C THR A 473 -17.10 -18.85 30.22
N ARG A 474 -18.37 -18.89 30.64
CA ARG A 474 -18.68 -19.26 32.02
C ARG A 474 -18.20 -20.68 32.34
N PHE A 475 -18.37 -21.61 31.40
CA PHE A 475 -17.98 -22.99 31.66
C PHE A 475 -16.48 -23.09 31.93
N TYR A 476 -15.67 -22.43 31.10
CA TYR A 476 -14.22 -22.57 31.25
C TYR A 476 -13.66 -21.64 32.32
N GLU A 477 -14.33 -20.52 32.59
CA GLU A 477 -14.00 -19.74 33.78
C GLU A 477 -14.27 -20.56 35.04
N GLY A 478 -15.42 -21.22 35.10
CA GLY A 478 -15.75 -22.04 36.26
C GLY A 478 -14.77 -23.17 36.47
N LEU A 479 -14.36 -23.83 35.38
CA LEU A 479 -13.35 -24.87 35.48
C LEU A 479 -12.07 -24.33 36.13
N GLN A 480 -11.62 -23.16 35.68
CA GLN A 480 -10.39 -22.59 36.23
C GLN A 480 -10.58 -22.16 37.68
N ASP A 481 -11.67 -21.46 37.97
CA ASP A 481 -11.92 -21.02 39.33
C ASP A 481 -12.04 -22.20 40.29
N TYR A 482 -12.77 -23.24 39.90
CA TYR A 482 -12.99 -24.38 40.78
C TYR A 482 -11.73 -25.21 40.96
N PHE A 483 -11.07 -25.55 39.87
CA PHE A 483 -9.98 -26.53 39.96
C PHE A 483 -8.68 -25.89 40.43
N THR A 484 -8.51 -24.58 40.27
CA THR A 484 -7.34 -23.93 40.85
C THR A 484 -7.33 -24.05 42.37
N GLY A 485 -8.51 -24.19 42.97
CA GLY A 485 -8.65 -24.43 44.39
C GLY A 485 -8.56 -25.87 44.82
N ARG A 486 -8.22 -26.79 43.91
CA ARG A 486 -8.11 -28.21 44.23
C ARG A 486 -6.81 -28.74 43.65
N PRO A 487 -5.70 -28.53 44.37
CA PRO A 487 -4.38 -28.89 43.82
C PRO A 487 -4.21 -30.37 43.50
N ASP A 488 -4.92 -31.25 44.19
CA ASP A 488 -4.72 -32.68 44.03
C ASP A 488 -5.52 -33.27 42.88
N THR A 489 -6.31 -32.47 42.17
CA THR A 489 -7.06 -32.98 41.03
C THR A 489 -6.22 -32.96 39.76
N VAL A 490 -6.64 -33.74 38.78
CA VAL A 490 -5.94 -33.78 37.49
C VAL A 490 -5.91 -32.39 36.88
N LEU A 491 -7.08 -31.78 36.71
CA LEU A 491 -7.14 -30.47 36.06
C LEU A 491 -6.58 -29.37 36.96
N GLY A 492 -6.79 -29.49 38.27
CA GLY A 492 -6.25 -28.50 39.17
C GLY A 492 -4.73 -28.45 39.15
N ALA A 493 -4.10 -29.62 39.03
CA ALA A 493 -2.64 -29.66 38.93
C ALA A 493 -2.15 -28.94 37.68
N LEU A 494 -2.90 -29.03 36.58
CA LEU A 494 -2.49 -28.38 35.34
C LEU A 494 -2.61 -26.86 35.47
N TYR A 495 -3.73 -26.37 35.98
CA TYR A 495 -3.91 -24.93 36.15
C TYR A 495 -2.82 -24.35 37.04
N LEU A 496 -2.49 -25.06 38.13
CA LEU A 496 -1.52 -24.52 39.08
C LEU A 496 -0.11 -24.58 38.52
N ARG A 497 0.23 -25.64 37.80
CA ARG A 497 1.55 -25.71 37.17
C ARG A 497 1.71 -24.65 36.09
N MET A 498 0.65 -24.38 35.34
CA MET A 498 0.73 -23.31 34.35
C MET A 498 0.85 -21.94 35.01
N ARG A 499 0.21 -21.75 36.17
CA ARG A 499 0.34 -20.48 36.88
C ARG A 499 1.79 -20.23 37.29
N SER A 500 2.44 -21.25 37.87
CA SER A 500 3.83 -21.08 38.25
C SER A 500 4.74 -20.99 37.04
N LEU A 501 4.43 -21.74 35.98
CA LEU A 501 5.26 -21.71 34.78
C LEU A 501 5.28 -20.31 34.16
N TYR A 502 4.11 -19.68 34.05
CA TYR A 502 4.06 -18.38 33.37
C TYR A 502 4.61 -17.27 34.24
N HIS A 503 4.54 -17.41 35.57
CA HIS A 503 5.21 -16.44 36.43
C HIS A 503 6.72 -16.56 36.31
N ASP A 504 7.24 -17.80 36.29
CA ASP A 504 8.66 -17.99 36.03
C ASP A 504 9.03 -17.49 34.64
N TYR A 505 8.15 -17.74 33.66
CA TYR A 505 8.36 -17.29 32.28
C TYR A 505 8.57 -15.78 32.22
N ILE A 506 7.82 -15.02 33.02
CA ILE A 506 7.98 -13.58 33.05
C ILE A 506 9.30 -13.21 33.75
N ASP A 507 9.56 -13.82 34.91
CA ASP A 507 10.67 -13.41 35.75
C ASP A 507 12.02 -13.90 35.22
N MET A 508 12.05 -15.06 34.57
CA MET A 508 13.30 -15.64 34.09
C MET A 508 13.39 -15.54 32.57
N PRO A 509 14.16 -14.58 32.04
CA PRO A 509 14.26 -14.45 30.57
C PRO A 509 14.74 -15.70 29.87
N ALA A 510 15.51 -16.56 30.54
CA ALA A 510 16.09 -17.73 29.89
C ALA A 510 15.06 -18.80 29.55
N LEU A 511 13.91 -18.83 30.24
CA LEU A 511 12.88 -19.81 29.91
C LEU A 511 12.40 -19.56 28.48
N PRO A 512 12.69 -20.46 27.54
CA PRO A 512 12.59 -20.11 26.13
C PRO A 512 11.16 -20.11 25.58
N LEU A 513 10.95 -19.25 24.59
CA LEU A 513 9.66 -19.20 23.91
C LEU A 513 9.38 -20.49 23.16
N ALA A 514 10.38 -21.01 22.44
CA ALA A 514 10.17 -22.13 21.54
C ALA A 514 10.41 -23.49 22.19
N ASN A 515 10.91 -23.54 23.43
CA ASN A 515 11.19 -24.82 24.06
C ASN A 515 10.75 -24.84 25.53
N LEU A 516 9.65 -24.16 25.85
CA LEU A 516 9.30 -23.94 27.26
C LEU A 516 9.05 -25.27 27.98
N VAL A 517 8.18 -26.11 27.42
CA VAL A 517 7.89 -27.40 28.04
C VAL A 517 9.15 -28.24 28.15
N ALA A 518 9.95 -28.28 27.09
CA ALA A 518 11.16 -29.10 27.10
C ALA A 518 12.18 -28.58 28.11
N SER A 519 12.16 -27.28 28.41
CA SER A 519 13.11 -26.73 29.38
C SER A 519 12.74 -27.03 30.82
N GLN A 520 11.54 -27.54 31.09
CA GLN A 520 11.11 -27.88 32.43
C GLN A 520 11.24 -29.38 32.63
N PRO A 521 12.13 -29.85 33.51
CA PRO A 521 12.33 -31.30 33.62
C PRO A 521 11.08 -32.08 34.02
N ASP A 522 10.25 -31.51 34.89
CA ASP A 522 9.03 -32.22 35.29
C ASP A 522 8.07 -32.36 34.12
N MET A 523 7.88 -31.28 33.35
CA MET A 523 6.96 -31.32 32.22
C MET A 523 7.51 -32.20 31.10
N ALA A 524 8.81 -32.12 30.83
CA ALA A 524 9.41 -33.03 29.85
C ALA A 524 9.25 -34.48 30.27
N ALA A 525 9.39 -34.77 31.57
CA ALA A 525 9.24 -36.14 32.04
C ALA A 525 7.80 -36.62 31.90
N ASP A 526 6.83 -35.73 32.10
CA ASP A 526 5.43 -36.09 31.89
C ASP A 526 5.21 -36.70 30.51
N LEU A 527 5.85 -36.13 29.50
CA LEU A 527 5.61 -36.49 28.11
C LEU A 527 6.63 -37.48 27.56
N ALA A 528 7.70 -37.74 28.31
CA ALA A 528 8.73 -38.68 27.86
C ALA A 528 8.19 -40.03 27.38
N PRO A 529 7.24 -40.69 28.05
CA PRO A 529 6.71 -41.94 27.50
C PRO A 529 6.00 -41.76 26.17
N TYR A 530 5.59 -40.55 25.83
CA TYR A 530 4.86 -40.33 24.59
C TYR A 530 5.74 -39.94 23.42
N GLY A 531 6.97 -39.52 23.68
CA GLY A 531 7.89 -39.17 22.61
C GLY A 531 8.97 -38.23 23.09
N ARG A 532 9.96 -38.05 22.22
CA ARG A 532 11.08 -37.14 22.47
C ARG A 532 10.92 -35.94 21.56
N ARG A 533 10.59 -34.80 22.13
CA ARG A 533 10.34 -33.59 21.35
C ARG A 533 10.91 -32.38 22.07
N ARG A 534 11.50 -31.47 21.31
CA ARG A 534 11.97 -30.21 21.86
C ARG A 534 10.92 -29.12 21.79
N GLY A 535 9.89 -29.31 20.97
CA GLY A 535 8.91 -28.26 20.75
C GLY A 535 7.52 -28.58 21.26
N TRP A 536 7.43 -29.46 22.26
CA TRP A 536 6.17 -29.66 22.96
C TRP A 536 5.56 -28.31 23.33
N THR A 537 4.28 -28.16 23.05
CA THR A 537 3.55 -26.99 23.50
C THR A 537 2.86 -27.28 24.83
N ILE A 538 2.54 -26.22 25.57
CA ILE A 538 1.75 -26.38 26.78
C ILE A 538 0.43 -27.07 26.46
N ASP A 539 -0.12 -26.73 25.28
CA ASP A 539 -1.34 -27.35 24.80
C ASP A 539 -1.19 -28.87 24.67
N ASN A 540 -0.12 -29.33 23.99
CA ASN A 540 0.16 -30.75 23.89
C ASN A 540 0.28 -31.36 25.28
N TRP A 541 0.99 -30.67 26.17
CA TRP A 541 1.28 -31.20 27.50
C TRP A 541 0.01 -31.41 28.30
N GLY A 542 -0.88 -30.42 28.31
CA GLY A 542 -2.15 -30.59 28.99
C GLY A 542 -2.96 -31.75 28.45
N TRP A 543 -3.02 -31.89 27.12
CA TRP A 543 -3.78 -32.97 26.51
C TRP A 543 -3.26 -34.34 26.94
N LEU A 544 -1.94 -34.51 26.92
CA LEU A 544 -1.35 -35.79 27.30
C LEU A 544 -1.41 -36.03 28.81
N ARG A 545 -1.32 -34.97 29.62
CA ARG A 545 -1.49 -35.15 31.06
C ARG A 545 -2.89 -35.66 31.38
N ILE A 546 -3.91 -35.16 30.69
CA ILE A 546 -5.25 -35.69 30.90
C ILE A 546 -5.36 -37.12 30.39
N ALA A 547 -4.73 -37.40 29.25
CA ALA A 547 -4.74 -38.76 28.73
C ALA A 547 -4.14 -39.74 29.72
N THR A 548 -3.13 -39.30 30.48
CA THR A 548 -2.48 -40.18 31.44
C THR A 548 -3.39 -40.52 32.61
N ASP A 549 -4.11 -39.53 33.12
CA ASP A 549 -5.01 -39.73 34.27
C ASP A 549 -6.47 -39.57 33.84
N PHE A 550 -6.85 -40.29 32.78
CA PHE A 550 -8.12 -40.05 32.11
C PHE A 550 -9.31 -40.39 33.00
N ASP A 551 -9.27 -41.56 33.65
CA ASP A 551 -10.41 -41.98 34.47
C ASP A 551 -10.62 -41.05 35.64
N ARG A 552 -9.55 -40.66 36.32
CA ARG A 552 -9.69 -39.76 37.46
C ARG A 552 -10.14 -38.37 37.03
N PHE A 553 -9.69 -37.93 35.85
CA PHE A 553 -10.17 -36.67 35.30
C PHE A 553 -11.70 -36.64 35.23
N HIS A 554 -12.29 -37.72 34.71
CA HIS A 554 -13.75 -37.73 34.57
C HIS A 554 -14.45 -37.90 35.90
N THR A 555 -13.84 -38.63 36.84
CA THR A 555 -14.40 -38.69 38.19
C THR A 555 -14.48 -37.29 38.80
N GLU A 556 -13.39 -36.52 38.70
CA GLU A 556 -13.38 -35.18 39.27
C GLU A 556 -14.26 -34.22 38.47
N LEU A 557 -14.39 -34.44 37.16
CA LEU A 557 -15.27 -33.60 36.35
C LEU A 557 -16.71 -33.68 36.85
N ARG A 558 -17.14 -34.88 37.26
CA ARG A 558 -18.48 -35.04 37.82
C ARG A 558 -18.67 -34.19 39.07
N GLU A 559 -17.62 -34.04 39.87
CA GLU A 559 -17.72 -33.24 41.09
C GLU A 559 -17.86 -31.75 40.77
N TYR A 560 -17.19 -31.27 39.71
CA TYR A 560 -17.38 -29.89 39.29
C TYR A 560 -18.78 -29.64 38.79
N LEU A 561 -19.36 -30.61 38.08
CA LEU A 561 -20.72 -30.44 37.58
C LEU A 561 -21.73 -30.35 38.70
N ALA A 562 -21.50 -31.07 39.81
CA ALA A 562 -22.39 -30.97 40.96
C ALA A 562 -22.39 -29.56 41.54
N THR A 563 -21.26 -28.87 41.48
CA THR A 563 -21.21 -27.50 42.00
C THR A 563 -22.01 -26.54 41.14
N LEU A 564 -22.30 -26.90 39.90
CA LEU A 564 -23.18 -26.12 39.03
C LEU A 564 -24.65 -26.47 39.23
N GLY A 565 -24.97 -27.34 40.19
CA GLY A 565 -26.32 -27.84 40.31
C GLY A 565 -26.65 -28.94 39.32
N LEU A 566 -25.64 -29.54 38.70
CA LEU A 566 -25.85 -30.53 37.65
C LEU A 566 -25.24 -31.86 38.04
N ASP A 567 -25.69 -32.45 39.13
CA ASP A 567 -25.19 -33.75 39.56
C ASP A 567 -25.62 -34.81 38.56
N PRO A 568 -24.70 -35.50 37.89
CA PRO A 568 -25.10 -36.54 36.94
C PRO A 568 -25.80 -37.73 37.58
N ALA A 569 -25.62 -37.96 38.88
CA ALA A 569 -26.26 -39.10 39.53
C ALA A 569 -27.78 -39.05 39.47
N GLY A 570 -28.36 -37.89 39.20
CA GLY A 570 -29.81 -37.79 39.14
C GLY A 570 -30.35 -37.34 37.79
N ASP A 571 -29.45 -37.15 36.81
CA ASP A 571 -29.82 -36.70 35.47
C ASP A 571 -29.36 -37.76 34.47
N ALA A 572 -30.29 -38.60 34.00
CA ALA A 572 -29.93 -39.69 33.10
C ALA A 572 -29.36 -39.17 31.79
N ARG A 573 -29.91 -38.07 31.26
CA ARG A 573 -29.40 -37.52 30.01
C ARG A 573 -27.97 -36.99 30.19
N LEU A 574 -27.69 -36.33 31.30
CA LEU A 574 -26.34 -35.86 31.56
C LEU A 574 -25.37 -37.02 31.72
N GLU A 575 -25.80 -38.10 32.39
CA GLU A 575 -24.98 -39.31 32.43
C GLU A 575 -24.70 -39.83 31.03
N ASP A 576 -25.71 -39.77 30.16
CA ASP A 576 -25.57 -40.32 28.82
C ASP A 576 -24.53 -39.55 28.01
N VAL A 577 -24.59 -38.22 28.05
CA VAL A 577 -23.63 -37.43 27.29
C VAL A 577 -22.23 -37.53 27.91
N LEU A 578 -22.15 -37.72 29.23
CA LEU A 578 -20.82 -37.89 29.82
C LEU A 578 -20.18 -39.19 29.35
N ARG A 579 -20.95 -40.26 29.25
CA ARG A 579 -20.41 -41.49 28.69
C ARG A 579 -19.99 -41.29 27.24
N PHE A 580 -20.80 -40.59 26.45
CA PHE A 580 -20.41 -40.30 25.07
C PHE A 580 -19.12 -39.48 25.03
N GLN A 581 -19.00 -38.49 25.92
CA GLN A 581 -17.81 -37.64 25.96
C GLN A 581 -16.57 -38.44 26.35
N GLN A 582 -16.71 -39.41 27.26
CA GLN A 582 -15.58 -40.26 27.61
C GLN A 582 -15.22 -41.17 26.46
N ASP A 583 -16.23 -41.82 25.85
CA ASP A 583 -15.96 -42.86 24.88
C ASP A 583 -15.39 -42.31 23.57
N VAL A 584 -15.71 -41.06 23.24
CA VAL A 584 -15.34 -40.53 21.94
C VAL A 584 -13.84 -40.25 21.85
N MET A 585 -13.15 -40.14 22.98
CA MET A 585 -11.74 -39.81 22.97
C MET A 585 -10.90 -40.99 22.48
N LEU A 586 -9.87 -40.69 21.70
CA LEU A 586 -8.91 -41.72 21.32
C LEU A 586 -8.07 -42.12 22.53
N ARG A 587 -7.92 -43.43 22.73
CA ARG A 587 -7.23 -44.00 23.87
C ARG A 587 -6.08 -44.89 23.41
N PRO A 588 -5.05 -45.07 24.24
CA PRO A 588 -3.86 -45.83 23.80
C PRO A 588 -4.15 -47.27 23.40
N ASP A 589 -5.24 -47.87 23.88
CA ASP A 589 -5.51 -49.27 23.56
C ASP A 589 -6.38 -49.44 22.32
N TYR A 590 -6.70 -48.38 21.61
CA TYR A 590 -7.58 -48.51 20.45
C TYR A 590 -6.90 -49.29 19.33
N SER A 591 -7.63 -50.25 18.75
CA SER A 591 -7.14 -51.07 17.65
C SER A 591 -7.99 -50.84 16.40
N PRO A 592 -7.42 -50.37 15.29
CA PRO A 592 -8.21 -50.23 14.06
C PRO A 592 -8.83 -51.53 13.58
N GLU A 593 -8.27 -52.68 13.96
CA GLU A 593 -8.85 -53.97 13.58
C GLU A 593 -10.05 -54.33 14.44
N LEU A 594 -10.08 -53.90 15.70
CA LEU A 594 -11.18 -54.22 16.60
C LEU A 594 -12.29 -53.17 16.58
N GLY A 595 -11.95 -51.89 16.39
CA GLY A 595 -12.95 -50.86 16.52
C GLY A 595 -13.30 -50.60 17.99
N LYS A 596 -14.40 -49.87 18.17
CA LYS A 596 -14.84 -49.42 19.48
C LYS A 596 -16.32 -49.09 19.40
N SER A 597 -17.13 -49.68 20.27
CA SER A 597 -18.57 -49.47 20.21
C SER A 597 -19.14 -49.24 21.61
N ALA A 598 -20.31 -48.59 21.64
CA ALA A 598 -21.03 -48.33 22.87
C ALA A 598 -22.50 -48.05 22.53
N GLU A 599 -23.33 -48.02 23.56
CA GLU A 599 -24.76 -47.77 23.39
C GLU A 599 -25.17 -46.55 24.20
N TYR A 600 -26.06 -45.73 23.63
CA TYR A 600 -26.51 -44.51 24.27
C TYR A 600 -28.02 -44.37 24.14
N ALA A 601 -28.59 -43.58 25.04
CA ALA A 601 -30.02 -43.31 25.04
C ALA A 601 -30.41 -42.17 24.11
N HIS A 602 -29.43 -41.43 23.57
CA HIS A 602 -29.68 -40.35 22.64
C HIS A 602 -28.74 -40.50 21.45
N ASP A 603 -29.15 -39.92 20.32
CA ASP A 603 -28.34 -39.94 19.10
C ASP A 603 -27.32 -38.80 19.19
N TRP A 604 -26.29 -39.03 20.00
CA TRP A 604 -25.28 -37.99 20.16
C TRP A 604 -24.53 -37.67 18.87
N PRO A 605 -24.16 -38.64 18.02
CA PRO A 605 -23.51 -38.25 16.75
C PRO A 605 -24.35 -37.33 15.90
N GLY A 606 -25.65 -37.59 15.76
CA GLY A 606 -26.49 -36.69 15.00
C GLY A 606 -26.62 -35.32 15.65
N TYR A 607 -26.67 -35.30 16.99
CA TYR A 607 -26.80 -34.03 17.70
C TYR A 607 -25.57 -33.15 17.49
N PHE A 608 -24.39 -33.70 17.71
CA PHE A 608 -23.19 -32.89 17.55
C PHE A 608 -22.83 -32.65 16.09
N ALA A 609 -23.47 -33.34 15.16
CA ALA A 609 -23.39 -32.97 13.75
C ALA A 609 -24.33 -31.83 13.39
N GLY A 610 -25.11 -31.32 14.35
CA GLY A 610 -25.99 -30.20 14.10
C GLY A 610 -27.46 -30.52 14.06
N GLY A 611 -27.86 -31.77 14.31
CA GLY A 611 -29.26 -32.14 14.31
C GLY A 611 -29.91 -31.92 15.66
N LEU A 612 -31.23 -32.09 15.69
CA LEU A 612 -31.97 -31.93 16.94
C LEU A 612 -31.64 -33.07 17.90
N LEU A 613 -31.71 -32.76 19.19
CA LEU A 613 -31.44 -33.77 20.22
C LEU A 613 -32.66 -34.66 20.37
N ARG A 614 -32.50 -35.95 20.06
CA ARG A 614 -33.62 -36.88 20.11
C ARG A 614 -33.28 -38.06 21.00
N PRO A 615 -34.15 -38.41 21.95
CA PRO A 615 -33.89 -39.56 22.82
C PRO A 615 -34.08 -40.88 22.08
N ARG A 616 -33.17 -41.17 21.16
CA ARG A 616 -33.22 -42.35 20.31
C ARG A 616 -32.11 -43.29 20.74
N ARG A 617 -32.48 -44.49 21.19
CA ARG A 617 -31.51 -45.46 21.65
C ARG A 617 -30.69 -45.97 20.48
N VAL A 618 -29.37 -45.79 20.55
CA VAL A 618 -28.49 -46.11 19.43
C VAL A 618 -27.32 -46.96 19.88
N ARG A 619 -26.75 -47.67 18.92
CA ARG A 619 -25.44 -48.29 19.03
C ARG A 619 -24.49 -47.51 18.13
N VAL A 620 -23.37 -47.06 18.70
CA VAL A 620 -22.37 -46.30 17.97
C VAL A 620 -21.13 -47.17 17.87
N ALA A 621 -20.68 -47.42 16.64
CA ALA A 621 -19.52 -48.27 16.39
C ALA A 621 -18.44 -47.46 15.69
N TYR A 622 -17.38 -47.13 16.43
CA TYR A 622 -16.26 -46.39 15.86
C TYR A 622 -15.33 -47.33 15.10
N GLY A 623 -15.02 -46.98 13.86
CA GLY A 623 -14.16 -47.82 13.04
C GLY A 623 -13.00 -47.07 12.42
N ASP A 624 -12.52 -46.03 13.11
CA ASP A 624 -11.39 -45.24 12.62
C ASP A 624 -10.21 -46.13 12.27
N GLN A 625 -9.65 -45.92 11.09
CA GLN A 625 -8.46 -46.64 10.65
C GLN A 625 -7.19 -45.81 10.78
N SER A 626 -7.30 -44.49 10.65
CA SER A 626 -6.16 -43.61 10.74
C SER A 626 -6.62 -42.23 11.21
N PHE A 627 -5.64 -41.42 11.59
CA PHE A 627 -5.89 -40.08 12.10
C PHE A 627 -4.94 -39.11 11.41
N GLY A 628 -5.16 -37.82 11.68
CA GLY A 628 -4.37 -36.76 11.06
C GLY A 628 -5.03 -36.24 9.80
N ALA A 629 -4.42 -35.19 9.25
CA ALA A 629 -5.01 -34.50 8.10
C ALA A 629 -5.17 -35.43 6.90
N ASN A 630 -4.10 -36.14 6.53
CA ASN A 630 -4.13 -37.04 5.40
C ASN A 630 -4.43 -38.48 5.79
N GLY A 631 -4.78 -38.72 7.05
CA GLY A 631 -4.97 -40.07 7.53
C GLY A 631 -3.67 -40.86 7.52
N ARG A 632 -2.56 -40.19 7.85
CA ARG A 632 -1.24 -40.80 7.78
C ARG A 632 -0.69 -41.20 9.15
N TYR A 633 -1.54 -41.27 10.16
CA TYR A 633 -1.15 -41.77 11.48
C TYR A 633 -2.09 -42.91 11.84
N ARG A 634 -1.54 -44.12 11.96
CA ARG A 634 -2.35 -45.27 12.29
C ARG A 634 -2.13 -45.66 13.74
N PRO A 635 -3.18 -45.82 14.53
CA PRO A 635 -2.98 -46.21 15.93
C PRO A 635 -2.48 -47.64 16.04
N VAL A 636 -1.62 -47.86 17.04
CA VAL A 636 -1.12 -49.19 17.34
C VAL A 636 -1.42 -49.46 18.81
N PRO A 637 -2.30 -50.41 19.14
CA PRO A 637 -2.66 -50.62 20.54
C PRO A 637 -1.44 -50.98 21.38
N GLY A 638 -1.28 -50.26 22.49
CA GLY A 638 -0.15 -50.46 23.37
C GLY A 638 1.08 -49.67 23.03
N ASP A 639 1.15 -49.08 21.83
CA ASP A 639 2.31 -48.31 21.38
C ASP A 639 2.01 -46.84 21.66
N LEU A 640 2.59 -46.31 22.75
CA LEU A 640 2.33 -44.92 23.13
C LEU A 640 2.88 -43.94 22.12
N LYS A 641 3.96 -44.29 21.42
CA LYS A 641 4.50 -43.41 20.39
C LYS A 641 3.54 -43.29 19.21
N ALA A 642 3.00 -44.41 18.75
CA ALA A 642 2.01 -44.37 17.68
C ALA A 642 0.71 -43.73 18.15
N PHE A 643 0.34 -43.93 19.42
CA PHE A 643 -0.85 -43.27 19.95
C PHE A 643 -0.72 -41.76 19.90
N THR A 644 0.45 -41.24 20.31
CA THR A 644 0.64 -39.80 20.34
C THR A 644 0.53 -39.19 18.95
N MET A 645 1.09 -39.85 17.94
CA MET A 645 1.01 -39.31 16.59
C MET A 645 -0.44 -39.27 16.11
N ALA A 646 -1.20 -40.33 16.38
CA ALA A 646 -2.60 -40.34 15.97
C ALA A 646 -3.43 -39.37 16.80
N ALA A 647 -3.10 -39.21 18.08
CA ALA A 647 -3.93 -38.40 18.97
C ALA A 647 -3.72 -36.90 18.77
N ILE A 648 -2.47 -36.46 18.63
CA ILE A 648 -2.20 -35.02 18.59
C ILE A 648 -1.27 -34.63 17.45
N GLY A 649 -0.74 -35.62 16.72
CA GLY A 649 0.11 -35.29 15.58
C GLY A 649 1.41 -34.63 16.00
N THR A 650 1.86 -33.67 15.18
CA THR A 650 3.11 -32.99 15.45
C THR A 650 2.89 -31.75 16.32
N SER A 651 3.90 -31.43 17.13
CA SER A 651 3.88 -30.18 17.88
C SER A 651 4.07 -28.99 16.96
N TYR A 652 4.97 -29.13 15.99
CA TYR A 652 5.17 -28.15 14.92
C TYR A 652 5.19 -28.86 13.58
N PRO A 653 4.34 -28.47 12.61
CA PRO A 653 3.32 -27.42 12.72
C PRO A 653 2.14 -27.86 13.60
N VAL A 654 1.29 -26.92 14.00
CA VAL A 654 0.11 -27.27 14.80
C VAL A 654 -0.73 -28.27 14.03
N SER A 655 -1.11 -29.36 14.71
CA SER A 655 -1.91 -30.43 14.12
C SER A 655 -3.25 -30.49 14.83
N ARG A 656 -4.31 -30.08 14.13
CA ARG A 656 -5.65 -30.16 14.68
C ARG A 656 -6.69 -30.73 13.72
N MET A 657 -6.31 -31.13 12.51
CA MET A 657 -7.25 -31.73 11.58
C MET A 657 -7.21 -33.24 11.79
N GLY A 658 -8.36 -33.82 12.15
CA GLY A 658 -8.48 -35.26 12.25
C GLY A 658 -7.80 -35.89 13.46
N HIS A 659 -7.81 -35.23 14.60
CA HIS A 659 -7.10 -35.71 15.78
C HIS A 659 -8.04 -35.83 16.96
N PHE A 660 -7.49 -36.30 18.09
CA PHE A 660 -8.09 -36.22 19.42
C PHE A 660 -9.18 -37.24 19.67
N CYS A 661 -10.16 -37.35 18.78
CA CYS A 661 -11.34 -38.17 19.06
C CYS A 661 -11.74 -38.95 17.83
N HIS A 662 -12.54 -39.98 18.06
CA HIS A 662 -13.09 -40.78 16.97
C HIS A 662 -14.04 -39.93 16.13
N ARG A 663 -14.05 -40.19 14.84
CA ARG A 663 -14.86 -39.42 13.89
CA ARG A 663 -14.84 -39.44 13.87
C ARG A 663 -16.27 -40.01 13.86
N PHE A 664 -17.07 -39.58 14.83
CA PHE A 664 -18.41 -40.12 14.99
C PHE A 664 -19.34 -39.78 13.84
N GLU A 665 -19.03 -38.74 13.06
CA GLU A 665 -19.87 -38.43 11.91
C GLU A 665 -19.81 -39.53 10.84
N SER A 666 -18.80 -40.40 10.91
CA SER A 666 -18.66 -41.51 9.97
CA SER A 666 -18.66 -41.51 9.97
C SER A 666 -18.88 -42.87 10.63
N ALA A 667 -18.97 -42.92 11.96
CA ALA A 667 -19.24 -44.15 12.69
C ALA A 667 -20.58 -44.75 12.26
N GLU A 668 -20.72 -46.05 12.51
CA GLU A 668 -22.00 -46.73 12.24
C GLU A 668 -22.91 -46.55 13.44
N VAL A 669 -23.99 -45.80 13.24
CA VAL A 669 -24.98 -45.52 14.28
C VAL A 669 -26.26 -46.27 13.91
N THR A 670 -26.70 -47.15 14.80
CA THR A 670 -27.81 -48.06 14.52
C THR A 670 -28.87 -47.91 15.60
N SER A 671 -30.13 -47.79 15.18
CA SER A 671 -31.23 -47.77 16.14
C SER A 671 -31.40 -49.14 16.77
N LEU A 672 -31.66 -49.15 18.07
CA LEU A 672 -31.86 -50.40 18.82
C LEU A 672 -33.33 -50.63 19.14
N SER B 7 -30.37 -4.01 8.37
CA SER B 7 -29.74 -2.70 8.57
C SER B 7 -29.97 -2.16 9.98
N ARG B 8 -28.98 -1.44 10.50
CA ARG B 8 -29.05 -0.87 11.84
C ARG B 8 -28.91 0.65 11.82
N GLY B 9 -29.25 1.28 10.72
CA GLY B 9 -29.22 2.73 10.62
C GLY B 9 -29.60 3.15 9.23
N ARG B 10 -29.93 4.44 9.11
CA ARG B 10 -30.23 5.00 7.80
C ARG B 10 -28.94 5.06 6.98
N LYS B 11 -28.90 4.35 5.86
CA LYS B 11 -27.66 4.16 5.12
C LYS B 11 -27.38 5.40 4.26
N VAL B 12 -26.20 5.98 4.46
CA VAL B 12 -25.75 7.16 3.73
C VAL B 12 -24.65 6.73 2.79
N TYR B 13 -24.89 6.87 1.48
CA TYR B 13 -23.91 6.54 0.46
C TYR B 13 -23.31 7.82 -0.12
N PHE B 14 -21.98 7.84 -0.26
CA PHE B 14 -21.27 8.92 -0.93
C PHE B 14 -20.72 8.40 -2.25
N VAL B 15 -20.90 9.17 -3.32
CA VAL B 15 -20.29 8.86 -4.61
C VAL B 15 -19.54 10.10 -5.08
N GLY B 16 -18.23 9.97 -5.22
CA GLY B 16 -17.38 11.04 -5.73
C GLY B 16 -16.27 10.44 -6.57
N LEU B 17 -16.57 10.17 -7.84
CA LEU B 17 -15.65 9.42 -8.68
C LEU B 17 -14.48 10.29 -9.12
N ASN B 18 -13.29 9.70 -9.10
CA ASN B 18 -12.09 10.35 -9.59
C ASN B 18 -11.38 9.38 -10.52
N GLU B 19 -10.94 9.87 -11.70
CA GLU B 19 -10.21 9.02 -12.62
C GLU B 19 -8.83 8.66 -12.09
N TYR B 20 -8.12 9.64 -11.49
CA TYR B 20 -6.89 9.29 -10.80
C TYR B 20 -7.19 9.02 -9.33
N PRO B 21 -6.47 8.10 -8.68
CA PRO B 21 -6.79 7.78 -7.28
C PRO B 21 -6.53 8.93 -6.33
N PHE B 22 -7.59 9.61 -5.91
CA PHE B 22 -7.57 10.62 -4.87
C PHE B 22 -8.51 10.18 -3.75
N LEU B 23 -8.03 10.30 -2.52
CA LEU B 23 -8.83 9.87 -1.38
C LEU B 23 -10.12 10.69 -1.28
N PRO B 24 -11.24 10.08 -0.84
CA PRO B 24 -12.56 10.77 -0.77
C PRO B 24 -12.67 11.69 0.44
N LEU B 25 -11.93 12.79 0.38
CA LEU B 25 -11.89 13.72 1.51
C LEU B 25 -13.27 14.32 1.80
N VAL B 26 -14.02 14.67 0.75
CA VAL B 26 -15.32 15.30 0.94
C VAL B 26 -16.25 14.39 1.74
N ALA B 27 -16.31 13.11 1.38
CA ALA B 27 -17.14 12.17 2.12
C ALA B 27 -16.75 12.14 3.59
N GLY B 28 -15.45 12.13 3.87
CA GLY B 28 -15.01 12.10 5.25
C GLY B 28 -15.33 13.40 5.99
N LEU B 29 -15.16 14.54 5.33
CA LEU B 29 -15.48 15.82 5.95
C LEU B 29 -16.96 15.93 6.27
N LEU B 30 -17.83 15.59 5.30
CA LEU B 30 -19.26 15.71 5.51
C LEU B 30 -19.74 14.79 6.62
N ARG B 31 -19.24 13.55 6.63
CA ARG B 31 -19.67 12.60 7.64
C ARG B 31 -19.25 13.04 9.03
N THR B 32 -17.96 13.36 9.22
CA THR B 32 -17.49 13.62 10.57
C THR B 32 -18.03 14.93 11.13
N TYR B 33 -18.27 15.93 10.28
CA TYR B 33 -18.93 17.13 10.78
C TYR B 33 -20.36 16.83 11.23
N ALA B 34 -21.10 16.06 10.42
CA ALA B 34 -22.48 15.74 10.76
C ALA B 34 -22.58 14.87 12.00
N GLU B 35 -21.60 13.99 12.24
CA GLU B 35 -21.65 13.09 13.39
C GLU B 35 -21.39 13.80 14.71
N GLN B 36 -21.05 15.09 14.69
CA GLN B 36 -20.97 15.82 15.94
C GLN B 36 -22.33 15.95 16.62
N ASP B 37 -23.41 15.87 15.85
CA ASP B 37 -24.76 15.75 16.39
C ASP B 37 -24.98 14.28 16.76
N GLU B 38 -25.08 14.01 18.07
CA GLU B 38 -25.22 12.63 18.52
C GLU B 38 -26.48 11.96 17.96
N ARG B 39 -27.52 12.75 17.68
CA ARG B 39 -28.71 12.18 17.05
C ARG B 39 -28.39 11.66 15.65
N ILE B 40 -27.58 12.40 14.90
CA ILE B 40 -27.17 11.97 13.56
C ILE B 40 -26.24 10.78 13.63
N ALA B 41 -25.26 10.83 14.53
CA ALA B 41 -24.30 9.73 14.63
C ALA B 41 -25.00 8.43 14.94
N ALA B 42 -26.05 8.47 15.76
CA ALA B 42 -26.78 7.25 16.09
C ALA B 42 -27.73 6.84 14.98
N ALA B 43 -28.38 7.80 14.32
CA ALA B 43 -29.46 7.46 13.40
C ALA B 43 -28.96 7.00 12.05
N TYR B 44 -27.77 7.42 11.63
CA TYR B 44 -27.30 7.20 10.29
C TYR B 44 -26.12 6.23 10.27
N ASP B 45 -26.11 5.37 9.25
CA ASP B 45 -25.02 4.41 9.04
CA ASP B 45 -25.04 4.40 9.03
C ASP B 45 -24.30 4.80 7.75
N PHE B 46 -23.19 5.51 7.90
CA PHE B 46 -22.42 5.99 6.76
C PHE B 46 -21.66 4.86 6.10
N GLN B 47 -21.84 4.70 4.78
CA GLN B 47 -21.21 3.64 4.02
C GLN B 47 -19.81 4.07 3.53
N GLU B 48 -19.03 3.09 3.11
CA GLU B 48 -17.74 3.38 2.50
C GLU B 48 -17.92 4.20 1.22
N PRO B 49 -17.14 5.25 1.03
CA PRO B 49 -17.32 6.09 -0.16
C PRO B 49 -16.96 5.37 -1.43
N VAL B 50 -17.69 5.71 -2.49
CA VAL B 50 -17.40 5.22 -3.85
C VAL B 50 -16.60 6.31 -4.54
N PHE B 51 -15.32 6.05 -4.81
CA PHE B 51 -14.45 7.06 -5.43
C PHE B 51 -13.61 6.52 -6.58
N LEU B 52 -13.50 5.20 -6.76
CA LEU B 52 -12.79 4.62 -7.89
C LEU B 52 -13.79 4.29 -9.00
N VAL B 53 -13.38 4.50 -10.25
CA VAL B 53 -14.30 4.36 -11.37
C VAL B 53 -14.67 2.89 -11.58
N ALA B 54 -15.95 2.65 -11.82
CA ALA B 54 -16.47 1.34 -12.19
C ALA B 54 -17.62 1.59 -13.15
N PRO B 55 -18.09 0.55 -13.85
CA PRO B 55 -19.25 0.73 -14.74
C PRO B 55 -20.44 1.27 -13.97
N VAL B 56 -21.22 2.14 -14.65
CA VAL B 56 -22.32 2.84 -13.99
C VAL B 56 -23.32 1.85 -13.38
N GLN B 57 -23.69 0.82 -14.14
CA GLN B 57 -24.63 -0.16 -13.61
C GLN B 57 -24.08 -0.84 -12.37
N GLU B 58 -22.80 -1.16 -12.37
CA GLU B 58 -22.19 -1.82 -11.21
C GLU B 58 -22.16 -0.90 -9.99
N MET B 59 -21.89 0.39 -10.20
CA MET B 59 -21.91 1.33 -9.09
C MET B 59 -23.32 1.48 -8.52
N ALA B 60 -24.32 1.57 -9.39
CA ALA B 60 -25.69 1.70 -8.91
C ALA B 60 -26.13 0.45 -8.16
N ASP B 61 -25.73 -0.73 -8.63
CA ASP B 61 -26.13 -1.98 -7.99
C ASP B 61 -25.50 -2.13 -6.61
N GLY B 62 -24.35 -1.51 -6.38
CA GLY B 62 -23.72 -1.56 -5.07
C GLY B 62 -24.37 -0.69 -4.01
N ILE B 63 -25.34 0.13 -4.41
CA ILE B 63 -26.04 1.04 -3.50
C ILE B 63 -27.32 0.34 -3.08
N VAL B 64 -27.31 -0.24 -1.88
CA VAL B 64 -28.37 -1.12 -1.40
C VAL B 64 -29.09 -0.46 -0.23
N GLU B 65 -30.41 -0.35 -0.35
CA GLU B 65 -31.27 0.26 0.66
C GLU B 65 -30.76 1.62 1.14
N PRO B 66 -30.50 2.56 0.22
CA PRO B 66 -29.99 3.86 0.64
C PRO B 66 -31.09 4.73 1.21
N ASP B 67 -30.78 5.40 2.32
CA ASP B 67 -31.65 6.48 2.79
C ASP B 67 -31.22 7.83 2.21
N VAL B 68 -29.92 8.04 2.07
CA VAL B 68 -29.35 9.25 1.50
C VAL B 68 -28.31 8.85 0.48
N LEU B 69 -28.38 9.44 -0.72
CA LEU B 69 -27.37 9.27 -1.76
C LEU B 69 -26.71 10.63 -1.97
N ALA B 70 -25.47 10.76 -1.53
CA ALA B 70 -24.73 12.01 -1.59
C ALA B 70 -23.77 11.97 -2.77
N LEU B 71 -23.91 12.91 -3.69
CA LEU B 71 -23.13 12.96 -4.92
C LEU B 71 -22.22 14.17 -4.89
N SER B 72 -20.92 13.93 -4.99
CA SER B 72 -19.90 14.98 -4.98
C SER B 72 -19.49 15.24 -6.43
N CYS B 73 -19.98 16.35 -7.00
CA CYS B 73 -20.05 16.54 -8.44
C CYS B 73 -19.00 17.53 -8.94
N TYR B 74 -18.15 17.06 -9.85
CA TYR B 74 -17.12 17.83 -10.51
C TYR B 74 -17.27 17.61 -12.00
N VAL B 75 -16.52 18.39 -12.79
CA VAL B 75 -16.64 18.29 -14.23
C VAL B 75 -16.30 16.88 -14.72
N TRP B 76 -15.48 16.14 -13.96
CA TRP B 76 -15.03 14.83 -14.40
C TRP B 76 -15.94 13.68 -13.93
N ASN B 77 -17.02 13.96 -13.19
CA ASN B 77 -17.88 12.87 -12.74
C ASN B 77 -19.37 13.22 -12.75
N PHE B 78 -19.76 14.39 -13.26
CA PHE B 78 -21.14 14.83 -13.11
C PHE B 78 -22.12 13.90 -13.82
N ARG B 79 -21.84 13.57 -15.09
CA ARG B 79 -22.82 12.82 -15.86
C ARG B 79 -22.97 11.38 -15.36
N ARG B 80 -21.87 10.72 -15.03
CA ARG B 80 -21.97 9.36 -14.53
C ARG B 80 -22.70 9.32 -13.19
N GLN B 81 -22.50 10.34 -12.36
CA GLN B 81 -23.17 10.34 -11.06
C GLN B 81 -24.65 10.73 -11.18
N MET B 82 -25.02 11.55 -12.16
CA MET B 82 -26.43 11.73 -12.45
C MET B 82 -27.07 10.42 -12.90
N LYS B 83 -26.38 9.65 -13.74
CA LYS B 83 -26.91 8.38 -14.21
C LYS B 83 -27.05 7.38 -13.06
N VAL B 84 -26.07 7.38 -12.15
CA VAL B 84 -26.19 6.54 -10.95
C VAL B 84 -27.42 6.94 -10.15
N ALA B 85 -27.61 8.25 -9.95
CA ALA B 85 -28.78 8.72 -9.20
C ALA B 85 -30.08 8.31 -9.88
N LYS B 86 -30.12 8.40 -11.21
CA LYS B 86 -31.32 8.00 -11.95
C LYS B 86 -31.64 6.53 -11.69
N LEU B 87 -30.64 5.65 -11.76
CA LEU B 87 -30.87 4.23 -11.53
C LEU B 87 -31.27 3.95 -10.10
N VAL B 88 -30.60 4.59 -9.13
CA VAL B 88 -30.90 4.35 -7.72
C VAL B 88 -32.30 4.86 -7.38
N LYS B 89 -32.66 6.04 -7.88
CA LYS B 89 -33.97 6.61 -7.59
C LYS B 89 -35.10 5.77 -8.19
N GLU B 90 -34.87 5.15 -9.36
CA GLU B 90 -35.85 4.22 -9.90
C GLU B 90 -36.08 3.06 -8.95
N ARG B 91 -35.00 2.54 -8.35
CA ARG B 91 -35.11 1.39 -7.46
C ARG B 91 -35.63 1.78 -6.08
N TYR B 92 -35.26 2.98 -5.59
CA TYR B 92 -35.59 3.41 -4.24
C TYR B 92 -36.20 4.81 -4.30
N PRO B 93 -37.51 4.91 -4.48
CA PRO B 93 -38.14 6.23 -4.61
C PRO B 93 -37.99 7.12 -3.38
N ASN B 94 -37.76 6.55 -2.21
CA ASN B 94 -37.71 7.33 -0.97
C ASN B 94 -36.30 7.79 -0.59
N VAL B 95 -35.28 7.45 -1.37
CA VAL B 95 -33.93 7.92 -1.08
C VAL B 95 -33.87 9.43 -1.32
N LEU B 96 -33.13 10.13 -0.46
CA LEU B 96 -32.87 11.55 -0.66
C LEU B 96 -31.58 11.70 -1.47
N VAL B 97 -31.69 12.20 -2.69
CA VAL B 97 -30.53 12.43 -3.54
C VAL B 97 -30.06 13.86 -3.36
N VAL B 98 -28.85 14.03 -2.83
CA VAL B 98 -28.27 15.34 -2.56
C VAL B 98 -26.99 15.44 -3.37
N ALA B 99 -26.90 16.45 -4.23
CA ALA B 99 -25.72 16.70 -5.05
C ALA B 99 -25.06 18.00 -4.64
N GLY B 100 -23.76 17.93 -4.34
CA GLY B 100 -22.96 19.11 -4.08
C GLY B 100 -21.71 19.11 -4.93
N GLY B 101 -20.78 20.04 -4.69
CA GLY B 101 -19.58 20.15 -5.47
C GLY B 101 -19.65 21.31 -6.45
N PRO B 102 -18.50 21.67 -7.03
CA PRO B 102 -18.46 22.88 -7.87
C PRO B 102 -19.17 22.74 -9.21
N HIS B 103 -19.58 21.54 -9.62
CA HIS B 103 -20.34 21.43 -10.85
C HIS B 103 -21.84 21.66 -10.65
N VAL B 104 -22.30 21.75 -9.41
CA VAL B 104 -23.68 22.10 -9.10
C VAL B 104 -23.88 23.58 -9.38
N PRO B 105 -24.84 23.97 -10.23
CA PRO B 105 -24.96 25.39 -10.60
C PRO B 105 -25.46 26.25 -9.45
N ASP B 106 -24.83 27.41 -9.29
CA ASP B 106 -25.31 28.40 -8.33
C ASP B 106 -26.75 28.80 -8.62
N ARG B 107 -27.11 28.88 -9.90
CA ARG B 107 -28.46 29.23 -10.31
C ARG B 107 -29.06 28.01 -11.01
N PRO B 108 -29.84 27.19 -10.31
CA PRO B 108 -30.24 25.90 -10.89
C PRO B 108 -31.12 26.03 -12.12
N GLY B 109 -32.00 27.03 -12.15
CA GLY B 109 -32.86 27.21 -13.31
C GLY B 109 -33.71 25.98 -13.53
N ASN B 110 -33.55 25.35 -14.69
CA ASN B 110 -34.30 24.15 -15.04
C ASN B 110 -33.56 22.86 -14.70
N PHE B 111 -32.65 22.90 -13.72
CA PHE B 111 -31.83 21.73 -13.41
C PHE B 111 -32.70 20.51 -13.12
N PHE B 112 -33.69 20.66 -12.24
CA PHE B 112 -34.50 19.53 -11.86
C PHE B 112 -35.42 19.07 -12.98
N GLU B 113 -35.67 19.93 -13.98
CA GLU B 113 -36.38 19.47 -15.16
C GLU B 113 -35.53 18.47 -15.93
N LYS B 114 -34.22 18.69 -16.01
CA LYS B 114 -33.32 17.76 -16.67
C LYS B 114 -32.95 16.58 -15.77
N HIS B 115 -32.92 16.78 -14.46
CA HIS B 115 -32.48 15.75 -13.51
C HIS B 115 -33.51 15.60 -12.40
N PRO B 116 -34.72 15.13 -12.73
CA PRO B 116 -35.78 15.05 -11.71
C PRO B 116 -35.50 14.03 -10.62
N TYR B 117 -34.51 13.15 -10.80
CA TYR B 117 -34.11 12.17 -9.80
C TYR B 117 -33.22 12.76 -8.72
N VAL B 118 -32.81 14.04 -8.82
CA VAL B 118 -32.09 14.73 -7.77
C VAL B 118 -33.10 15.51 -6.94
N ASP B 119 -32.90 15.54 -5.62
CA ASP B 119 -33.84 16.17 -4.71
C ASP B 119 -33.33 17.47 -4.11
N VAL B 120 -32.04 17.55 -3.79
CA VAL B 120 -31.45 18.73 -3.15
C VAL B 120 -30.10 19.01 -3.80
N LEU B 121 -29.84 20.29 -4.08
CA LEU B 121 -28.53 20.76 -4.50
C LEU B 121 -27.91 21.53 -3.36
N ALA B 122 -26.62 21.28 -3.10
CA ALA B 122 -25.87 22.01 -2.10
C ALA B 122 -24.86 22.91 -2.80
N HIS B 123 -24.81 24.17 -2.37
CA HIS B 123 -23.99 25.19 -3.04
C HIS B 123 -22.78 25.55 -2.17
N GLY B 124 -21.59 25.44 -2.75
CA GLY B 124 -20.39 25.80 -2.04
C GLY B 124 -20.09 24.85 -0.89
N GLU B 125 -19.30 25.34 0.06
CA GLU B 125 -18.92 24.56 1.24
C GLU B 125 -20.14 23.87 1.84
N GLY B 126 -20.00 22.56 2.09
CA GLY B 126 -21.18 21.76 2.35
C GLY B 126 -21.39 21.21 3.75
N GLU B 127 -20.41 21.40 4.65
CA GLU B 127 -20.49 20.79 5.97
C GLU B 127 -21.80 21.14 6.67
N VAL B 128 -22.09 22.43 6.78
CA VAL B 128 -23.25 22.86 7.56
C VAL B 128 -24.55 22.41 6.91
N ALA B 129 -24.69 22.62 5.60
CA ALA B 129 -25.94 22.30 4.92
C ALA B 129 -26.23 20.80 4.99
N PHE B 130 -25.20 19.97 4.80
CA PHE B 130 -25.41 18.53 4.83
C PHE B 130 -25.86 18.06 6.20
N ARG B 131 -25.25 18.60 7.25
CA ARG B 131 -25.64 18.23 8.61
C ARG B 131 -27.06 18.66 8.92
N GLU B 132 -27.47 19.84 8.43
CA GLU B 132 -28.84 20.29 8.67
C GLU B 132 -29.83 19.50 7.84
N LEU B 133 -29.45 19.09 6.63
CA LEU B 133 -30.32 18.21 5.85
C LEU B 133 -30.55 16.90 6.58
N LEU B 134 -29.48 16.28 7.09
CA LEU B 134 -29.63 15.03 7.84
C LEU B 134 -30.43 15.23 9.12
N ALA B 135 -30.25 16.37 9.79
CA ALA B 135 -30.96 16.61 11.04
C ALA B 135 -32.47 16.73 10.83
N THR B 136 -32.89 17.56 9.85
CA THR B 136 -34.32 17.72 9.62
C THR B 136 -34.95 16.44 9.07
N ARG B 137 -34.17 15.61 8.37
CA ARG B 137 -34.68 14.35 7.86
C ARG B 137 -35.14 13.43 8.97
N LEU B 138 -34.61 13.61 10.19
CA LEU B 138 -35.03 12.78 11.31
C LEU B 138 -36.36 13.22 11.90
N SER B 139 -36.78 14.45 11.63
CA SER B 139 -38.00 14.96 12.23
C SER B 139 -39.22 14.27 11.62
N ASP B 140 -40.34 14.37 12.33
CA ASP B 140 -41.59 13.85 11.77
C ASP B 140 -42.03 14.67 10.58
N HIS B 141 -41.63 15.94 10.52
CA HIS B 141 -41.98 16.84 9.42
C HIS B 141 -40.72 17.54 8.96
N PRO B 142 -39.94 16.89 8.10
CA PRO B 142 -38.71 17.50 7.59
C PRO B 142 -39.03 18.76 6.80
N ASP B 143 -38.19 19.77 6.96
CA ASP B 143 -38.33 21.04 6.27
C ASP B 143 -37.00 21.33 5.59
N TYR B 144 -36.86 20.86 4.35
CA TYR B 144 -35.62 21.07 3.61
C TYR B 144 -35.49 22.49 3.08
N THR B 145 -36.62 23.18 2.87
CA THR B 145 -36.59 24.56 2.40
C THR B 145 -36.20 25.55 3.49
N ALA B 146 -36.01 25.09 4.72
CA ALA B 146 -35.51 25.95 5.80
C ALA B 146 -33.99 25.88 5.94
N VAL B 147 -33.32 25.05 5.16
CA VAL B 147 -31.89 24.83 5.30
C VAL B 147 -31.15 25.82 4.41
N PRO B 148 -30.26 26.63 4.95
CA PRO B 148 -29.48 27.55 4.11
C PRO B 148 -28.48 26.80 3.26
N GLY B 149 -28.14 27.39 2.12
CA GLY B 149 -27.09 26.85 1.28
C GLY B 149 -27.48 25.71 0.39
N VAL B 150 -28.78 25.50 0.18
CA VAL B 150 -29.27 24.45 -0.69
C VAL B 150 -30.37 25.00 -1.59
N SER B 151 -30.65 24.26 -2.66
CA SER B 151 -31.86 24.43 -3.44
C SER B 151 -32.61 23.11 -3.42
N VAL B 152 -33.93 23.18 -3.25
CA VAL B 152 -34.76 22.01 -3.03
C VAL B 152 -35.68 21.84 -4.22
N ARG B 153 -35.79 20.61 -4.73
CA ARG B 153 -36.68 20.34 -5.84
C ARG B 153 -38.12 20.27 -5.34
N ARG B 154 -39.00 21.00 -6.01
CA ARG B 154 -40.44 20.93 -5.78
C ARG B 154 -41.09 20.72 -7.14
N GLY B 155 -41.48 19.48 -7.40
CA GLY B 155 -41.87 19.09 -8.75
C GLY B 155 -40.66 19.06 -9.64
N THR B 156 -40.58 20.00 -10.59
CA THR B 156 -39.37 20.21 -11.37
C THR B 156 -38.81 21.61 -11.17
N GLU B 157 -39.26 22.33 -10.15
CA GLU B 157 -38.82 23.69 -9.88
C GLU B 157 -37.76 23.67 -8.78
N ALA B 158 -36.78 24.56 -8.90
CA ALA B 158 -35.72 24.68 -7.92
C ALA B 158 -36.06 25.81 -6.96
N VAL B 159 -36.24 25.48 -5.69
CA VAL B 159 -36.54 26.45 -4.65
C VAL B 159 -35.22 26.76 -3.95
N VAL B 160 -34.65 27.92 -4.24
CA VAL B 160 -33.36 28.29 -3.67
C VAL B 160 -33.57 28.73 -2.24
N GLY B 161 -32.84 28.12 -1.31
CA GLY B 161 -32.94 28.47 0.09
C GLY B 161 -32.12 29.70 0.42
N PRO B 162 -31.99 30.00 1.71
CA PRO B 162 -31.15 31.12 2.13
C PRO B 162 -29.70 30.90 1.73
N LYS B 163 -28.92 31.98 1.74
CA LYS B 163 -27.51 31.88 1.39
C LYS B 163 -26.78 30.97 2.37
N ALA B 164 -25.72 30.34 1.86
CA ALA B 164 -25.01 29.31 2.60
C ALA B 164 -24.36 29.88 3.86
N LYS B 165 -24.30 29.03 4.89
CA LYS B 165 -23.58 29.33 6.13
C LYS B 165 -22.21 28.69 6.06
N ARG B 166 -21.17 29.53 6.12
CA ARG B 166 -19.79 29.05 6.12
C ARG B 166 -19.32 28.77 7.55
N LEU B 167 -18.37 27.84 7.67
CA LEU B 167 -17.70 27.61 8.94
C LEU B 167 -16.91 28.85 9.34
N PRO B 168 -16.63 29.03 10.64
CA PRO B 168 -16.03 30.29 11.10
C PRO B 168 -14.65 30.52 10.52
N ARG B 169 -14.12 31.71 10.81
CA ARG B 169 -12.78 32.08 10.34
C ARG B 169 -11.74 31.08 10.80
N LEU B 170 -11.90 30.54 12.00
CA LEU B 170 -11.06 29.47 12.52
C LEU B 170 -11.88 28.19 12.46
N ILE B 171 -11.54 27.31 11.52
CA ILE B 171 -12.31 26.10 11.28
C ILE B 171 -11.88 25.04 12.30
N ASP B 172 -12.76 24.74 13.25
CA ASP B 172 -12.49 23.79 14.33
C ASP B 172 -13.51 22.65 14.17
N THR B 173 -13.17 21.71 13.31
CA THR B 173 -14.06 20.60 12.95
C THR B 173 -13.30 19.29 13.07
N PRO B 174 -13.99 18.16 13.07
CA PRO B 174 -13.30 16.87 13.14
C PRO B 174 -12.50 16.59 11.89
N SER B 175 -11.40 15.85 12.08
CA SER B 175 -10.57 15.41 10.97
C SER B 175 -10.97 14.01 10.57
N PRO B 176 -11.40 13.78 9.33
CA PRO B 176 -11.72 12.40 8.92
C PRO B 176 -10.50 11.48 8.95
N TYR B 177 -9.29 12.01 8.75
CA TYR B 177 -8.10 11.17 8.83
C TYR B 177 -7.89 10.67 10.25
N LEU B 178 -7.87 11.59 11.22
CA LEU B 178 -7.61 11.23 12.61
C LEU B 178 -8.72 10.32 13.16
N LEU B 179 -9.95 10.49 12.70
CA LEU B 179 -11.05 9.67 13.19
C LEU B 179 -11.15 8.31 12.51
N GLY B 180 -10.25 8.00 11.58
CA GLY B 180 -10.22 6.69 10.98
C GLY B 180 -11.20 6.45 9.85
N VAL B 181 -11.99 7.44 9.44
CA VAL B 181 -12.98 7.19 8.40
C VAL B 181 -12.37 7.18 7.00
N MET B 182 -11.09 7.53 6.86
CA MET B 182 -10.39 7.40 5.58
C MET B 182 -9.61 6.10 5.46
N ASP B 183 -9.60 5.27 6.50
CA ASP B 183 -8.77 4.06 6.49
C ASP B 183 -9.20 3.08 5.39
N GLY B 184 -10.51 2.89 5.22
CA GLY B 184 -10.98 1.94 4.23
C GLY B 184 -10.60 2.35 2.83
N ALA B 185 -10.68 3.64 2.52
CA ALA B 185 -10.31 4.12 1.20
C ALA B 185 -8.81 3.93 0.94
N VAL B 186 -7.99 4.18 1.96
CA VAL B 186 -6.55 3.96 1.81
C VAL B 186 -6.27 2.48 1.56
N ALA B 187 -6.89 1.61 2.35
CA ALA B 187 -6.68 0.17 2.17
C ALA B 187 -7.14 -0.30 0.80
N THR B 188 -8.26 0.26 0.31
CA THR B 188 -8.76 -0.13 -1.00
C THR B 188 -7.77 0.22 -2.11
N CYS B 189 -7.22 1.43 -2.05
CA CYS B 189 -6.20 1.81 -3.04
C CYS B 189 -5.01 0.87 -2.99
N ARG B 190 -4.54 0.56 -1.78
CA ARG B 190 -3.38 -0.31 -1.62
C ARG B 190 -3.69 -1.73 -2.07
N GLU B 191 -4.90 -2.22 -1.78
CA GLU B 191 -5.30 -3.55 -2.25
C GLU B 191 -5.16 -3.67 -3.76
N ARG B 192 -5.46 -2.58 -4.48
CA ARG B 192 -5.48 -2.61 -5.93
C ARG B 192 -4.15 -2.20 -6.54
N GLY B 193 -3.11 -2.04 -5.73
CA GLY B 193 -1.81 -1.67 -6.26
C GLY B 193 -1.74 -0.27 -6.81
N LEU B 194 -2.62 0.62 -6.34
CA LEU B 194 -2.72 1.97 -6.87
C LEU B 194 -1.92 2.94 -6.00
N ARG B 195 -1.09 3.75 -6.65
CA ARG B 195 -0.57 4.93 -5.97
C ARG B 195 -1.70 5.95 -5.89
N PHE B 196 -1.78 6.67 -4.78
CA PHE B 196 -2.89 7.57 -4.54
C PHE B 196 -2.37 8.86 -3.93
N TYR B 197 -3.18 9.91 -4.06
CA TYR B 197 -2.94 11.18 -3.39
C TYR B 197 -3.89 11.30 -2.22
N ALA B 198 -3.36 11.68 -1.06
CA ALA B 198 -4.18 12.12 0.06
C ALA B 198 -4.42 13.62 -0.11
N LEU B 199 -5.67 14.04 0.01
CA LEU B 199 -6.03 15.45 -0.11
C LEU B 199 -6.02 16.10 1.26
N TRP B 200 -5.51 17.33 1.31
CA TRP B 200 -5.30 18.04 2.55
C TRP B 200 -5.57 19.52 2.34
N GLU B 201 -6.22 20.16 3.32
CA GLU B 201 -6.46 21.59 3.33
C GLU B 201 -5.83 22.19 4.57
N THR B 202 -5.10 23.31 4.41
CA THR B 202 -4.75 24.09 5.60
C THR B 202 -5.61 25.34 5.74
N ASN B 203 -6.21 25.81 4.63
CA ASN B 203 -7.14 26.92 4.70
C ASN B 203 -8.06 26.83 3.49
N ARG B 204 -9.08 27.70 3.48
CA ARG B 204 -10.07 27.71 2.42
C ARG B 204 -10.27 29.13 1.89
N GLY B 205 -10.38 29.24 0.58
CA GLY B 205 -10.67 30.49 -0.08
C GLY B 205 -9.48 31.01 -0.87
N CYS B 206 -9.79 31.87 -1.84
CA CYS B 206 -8.79 32.67 -2.52
C CYS B 206 -9.28 34.11 -2.44
N PRO B 207 -8.44 35.06 -2.06
CA PRO B 207 -8.90 36.46 -1.98
C PRO B 207 -8.99 37.16 -3.33
N TYR B 208 -8.51 36.55 -4.42
CA TYR B 208 -8.43 37.21 -5.71
C TYR B 208 -9.66 36.87 -6.56
N SER B 209 -9.64 37.28 -7.84
CA SER B 209 -10.88 37.37 -8.60
CA SER B 209 -10.88 37.37 -8.60
C SER B 209 -10.74 36.94 -10.06
N CYS B 210 -9.78 36.07 -10.36
CA CYS B 210 -9.58 35.65 -11.75
C CYS B 210 -10.89 35.07 -12.31
N SER B 211 -11.34 35.62 -13.43
CA SER B 211 -12.70 35.38 -13.89
CA SER B 211 -12.70 35.38 -13.88
C SER B 211 -12.92 33.94 -14.36
N PHE B 212 -11.86 33.27 -14.79
CA PHE B 212 -11.99 31.89 -15.26
C PHE B 212 -12.08 30.88 -14.12
N CYS B 213 -11.76 31.28 -12.90
CA CYS B 213 -11.45 30.37 -11.81
C CYS B 213 -12.66 30.20 -10.88
N ASP B 214 -12.74 29.03 -10.26
CA ASP B 214 -13.75 28.74 -9.24
C ASP B 214 -13.13 27.92 -8.11
N TRP B 215 -11.91 28.29 -7.70
CA TRP B 215 -11.12 27.49 -6.78
C TRP B 215 -11.86 27.23 -5.48
N GLY B 216 -12.13 25.95 -5.21
CA GLY B 216 -12.83 25.55 -4.00
C GLY B 216 -14.18 26.20 -3.83
N SER B 217 -14.81 26.63 -4.91
CA SER B 217 -16.06 27.40 -4.84
C SER B 217 -15.92 28.56 -3.86
N ALA B 218 -14.73 29.19 -3.86
CA ALA B 218 -14.42 30.16 -2.83
C ALA B 218 -13.40 31.19 -3.30
N THR B 219 -13.48 31.60 -4.57
CA THR B 219 -12.70 32.77 -4.95
C THR B 219 -13.40 34.03 -4.41
N MET B 220 -12.68 35.15 -4.46
CA MET B 220 -13.20 36.44 -3.97
C MET B 220 -13.74 36.31 -2.55
N SER B 221 -13.04 35.54 -1.71
CA SER B 221 -13.55 35.16 -0.41
C SER B 221 -12.53 35.49 0.68
N THR B 222 -13.04 35.71 1.90
CA THR B 222 -12.15 35.84 3.04
C THR B 222 -11.57 34.47 3.38
N LEU B 223 -10.28 34.44 3.70
CA LEU B 223 -9.60 33.20 3.97
C LEU B 223 -9.93 32.69 5.36
N ARG B 224 -10.16 31.38 5.47
CA ARG B 224 -10.47 30.76 6.75
C ARG B 224 -9.49 29.61 6.98
N LYS B 225 -9.00 29.49 8.20
CA LYS B 225 -7.89 28.61 8.53
C LYS B 225 -8.37 27.38 9.30
N PHE B 226 -7.83 26.23 8.95
CA PHE B 226 -7.99 25.06 9.80
C PHE B 226 -7.10 25.19 11.02
N GLU B 227 -7.59 24.73 12.16
CA GLU B 227 -6.92 24.92 13.44
C GLU B 227 -5.55 24.26 13.46
N ASP B 228 -4.59 24.90 14.15
CA ASP B 228 -3.19 24.50 14.10
C ASP B 228 -2.99 23.07 14.60
N GLU B 229 -3.62 22.72 15.72
CA GLU B 229 -3.35 21.42 16.33
C GLU B 229 -3.85 20.29 15.46
N ARG B 230 -5.02 20.47 14.84
CA ARG B 230 -5.52 19.47 13.89
C ARG B 230 -4.52 19.25 12.75
N LEU B 231 -3.98 20.34 12.19
CA LEU B 231 -3.03 20.20 11.09
C LEU B 231 -1.80 19.44 11.51
N GLN B 232 -1.24 19.75 12.69
CA GLN B 232 -0.04 19.04 13.13
C GLN B 232 -0.33 17.56 13.35
N ASP B 233 -1.49 17.26 13.96
CA ASP B 233 -1.87 15.86 14.15
C ASP B 233 -2.03 15.15 12.81
N GLU B 234 -2.55 15.86 11.80
CA GLU B 234 -2.73 15.24 10.49
C GLU B 234 -1.39 15.01 9.80
N ILE B 235 -0.44 15.94 9.95
CA ILE B 235 0.91 15.70 9.45
C ILE B 235 1.47 14.40 10.03
N GLU B 236 1.33 14.23 11.34
CA GLU B 236 1.81 13.01 11.99
C GLU B 236 1.06 11.79 11.48
N TRP B 237 -0.25 11.93 11.25
CA TRP B 237 -1.04 10.81 10.75
C TRP B 237 -0.56 10.37 9.38
N PHE B 238 -0.33 11.33 8.48
CA PHE B 238 0.19 11.01 7.15
C PHE B 238 1.50 10.25 7.25
N ALA B 239 2.41 10.73 8.11
CA ALA B 239 3.73 10.12 8.21
C ALA B 239 3.65 8.72 8.81
N ARG B 240 2.88 8.56 9.88
CA ARG B 240 2.80 7.26 10.56
C ARG B 240 2.08 6.21 9.74
N HIS B 241 1.31 6.60 8.71
CA HIS B 241 0.61 5.64 7.86
C HIS B 241 1.24 5.55 6.48
N ASP B 242 2.48 6.01 6.33
CA ASP B 242 3.27 5.85 5.11
C ASP B 242 2.55 6.44 3.89
N VAL B 243 1.86 7.55 4.09
CA VAL B 243 1.21 8.26 3.00
C VAL B 243 2.29 9.05 2.26
N GLU B 244 2.68 8.57 1.08
CA GLU B 244 3.84 9.16 0.40
C GLU B 244 3.50 10.41 -0.41
N ASP B 245 2.30 10.48 -0.99
CA ASP B 245 1.92 11.53 -1.93
C ASP B 245 0.80 12.38 -1.34
N LEU B 246 1.11 13.63 -1.06
CA LEU B 246 0.18 14.55 -0.41
C LEU B 246 -0.17 15.68 -1.38
N PHE B 247 -1.47 15.93 -1.55
CA PHE B 247 -1.96 17.04 -2.38
C PHE B 247 -2.63 18.06 -1.47
N ILE B 248 -2.00 19.23 -1.33
CA ILE B 248 -2.56 20.32 -0.54
C ILE B 248 -3.41 21.19 -1.46
N CYS B 249 -4.63 21.50 -1.02
CA CYS B 249 -5.63 22.14 -1.86
C CYS B 249 -5.61 23.66 -1.81
N ASP B 250 -4.73 24.25 -1.01
CA ASP B 250 -4.72 25.70 -0.81
C ASP B 250 -4.58 26.43 -2.14
N ALA B 251 -5.23 27.60 -2.22
CA ALA B 251 -5.14 28.41 -3.43
C ALA B 251 -3.80 29.11 -3.54
N ASN B 252 -3.21 29.50 -2.40
CA ASN B 252 -2.06 30.41 -2.39
C ASN B 252 -1.10 30.02 -1.26
N PHE B 253 -0.47 28.85 -1.37
CA PHE B 253 0.42 28.42 -0.29
C PHE B 253 1.57 29.41 -0.14
N GLY B 254 1.84 29.80 1.10
CA GLY B 254 2.76 30.87 1.40
C GLY B 254 2.10 32.20 1.69
N ILE B 255 0.79 32.33 1.47
CA ILE B 255 0.11 33.60 1.70
C ILE B 255 -0.04 33.89 3.18
N MET B 256 0.01 32.86 4.03
CA MET B 256 -0.16 33.09 5.45
C MET B 256 1.15 32.87 6.20
N PRO B 257 1.41 33.66 7.24
CA PRO B 257 2.67 33.51 7.98
C PRO B 257 2.93 32.08 8.46
N ARG B 258 1.92 31.37 8.92
CA ARG B 258 2.15 30.04 9.45
C ARG B 258 2.51 29.02 8.37
N ASP B 259 2.35 29.36 7.09
CA ASP B 259 2.63 28.38 6.04
C ASP B 259 4.09 27.97 6.05
N LEU B 260 4.99 28.86 6.46
CA LEU B 260 6.39 28.45 6.60
C LEU B 260 6.55 27.41 7.71
N GLU B 261 5.85 27.60 8.84
CA GLU B 261 5.89 26.61 9.90
C GLU B 261 5.31 25.28 9.45
N ILE B 262 4.21 25.32 8.70
CA ILE B 262 3.64 24.10 8.16
C ILE B 262 4.65 23.40 7.25
N ALA B 263 5.35 24.18 6.42
CA ALA B 263 6.34 23.60 5.52
C ALA B 263 7.45 22.91 6.30
N HIS B 264 7.93 23.54 7.38
CA HIS B 264 8.97 22.92 8.19
C HIS B 264 8.46 21.66 8.88
N ALA B 265 7.22 21.68 9.34
CA ALA B 265 6.66 20.50 10.01
C ALA B 265 6.58 19.32 9.06
N LEU B 266 6.24 19.57 7.79
CA LEU B 266 6.22 18.50 6.80
C LEU B 266 7.63 18.00 6.50
N ALA B 267 8.61 18.90 6.44
CA ALA B 267 9.98 18.48 6.19
C ALA B 267 10.52 17.65 7.36
N GLU B 268 10.20 18.05 8.59
CA GLU B 268 10.64 17.28 9.76
C GLU B 268 10.01 15.88 9.76
N ALA B 269 8.72 15.79 9.42
CA ALA B 269 8.07 14.48 9.34
C ALA B 269 8.73 13.61 8.29
N ARG B 270 9.03 14.19 7.12
CA ARG B 270 9.76 13.45 6.09
C ARG B 270 11.12 13.01 6.61
N GLY B 271 11.84 13.92 7.28
CA GLY B 271 13.17 13.60 7.74
C GLY B 271 13.19 12.52 8.82
N GLU B 272 12.25 12.60 9.77
CA GLU B 272 12.25 11.69 10.90
C GLU B 272 11.46 10.41 10.65
N LEU B 273 10.42 10.46 9.83
CA LEU B 273 9.54 9.32 9.66
C LEU B 273 9.45 8.79 8.24
N GLY B 274 10.06 9.48 7.27
CA GLY B 274 10.12 8.98 5.91
C GLY B 274 8.90 9.24 5.06
N ALA B 275 7.93 10.00 5.55
CA ALA B 275 6.72 10.29 4.79
C ALA B 275 6.15 11.60 5.28
N PRO B 276 5.47 12.37 4.40
CA PRO B 276 5.28 12.11 2.97
C PRO B 276 6.56 12.29 2.17
N ARG B 277 6.56 11.79 0.93
CA ARG B 277 7.73 11.91 0.07
CA ARG B 277 7.71 11.89 0.05
C ARG B 277 7.59 13.00 -0.98
N GLN B 278 6.37 13.32 -1.39
CA GLN B 278 6.10 14.37 -2.36
C GLN B 278 4.91 15.17 -1.91
N VAL B 279 5.00 16.50 -2.02
CA VAL B 279 3.91 17.40 -1.65
C VAL B 279 3.59 18.26 -2.86
N ARG B 280 2.37 18.16 -3.35
CA ARG B 280 1.87 19.01 -4.44
C ARG B 280 1.05 20.14 -3.84
N VAL B 281 1.33 21.37 -4.27
CA VAL B 281 0.53 22.52 -3.82
C VAL B 281 0.71 23.66 -4.82
N ASN B 282 -0.33 24.49 -4.91
CA ASN B 282 -0.28 25.74 -5.66
C ASN B 282 0.23 26.85 -4.75
N PHE B 283 1.31 27.50 -5.16
CA PHE B 283 1.95 28.56 -4.40
C PHE B 283 1.34 29.92 -4.73
N ALA B 284 1.51 30.86 -3.79
CA ALA B 284 0.76 32.11 -3.79
C ALA B 284 0.99 32.95 -5.04
N LYS B 285 -0.09 33.59 -5.51
CA LYS B 285 0.00 34.48 -6.68
C LYS B 285 0.99 35.61 -6.44
N ASN B 286 0.84 36.30 -5.31
CA ASN B 286 1.75 37.40 -4.97
C ASN B 286 2.96 36.77 -4.28
N SER B 287 3.82 36.16 -5.09
CA SER B 287 4.94 35.39 -4.59
C SER B 287 5.86 36.29 -3.76
N ASN B 288 6.38 35.74 -2.66
CA ASN B 288 7.07 36.54 -1.67
C ASN B 288 8.23 35.75 -1.08
N ASP B 289 8.90 36.35 -0.08
CA ASP B 289 10.00 35.66 0.56
C ASP B 289 9.55 34.37 1.22
N ARG B 290 8.33 34.34 1.75
CA ARG B 290 7.84 33.14 2.43
C ARG B 290 7.73 31.97 1.47
N VAL B 291 7.24 32.22 0.25
CA VAL B 291 7.20 31.18 -0.75
C VAL B 291 8.61 30.66 -1.03
N PHE B 292 9.59 31.57 -1.13
CA PHE B 292 10.96 31.14 -1.36
C PHE B 292 11.48 30.28 -0.22
N ASP B 293 11.23 30.71 1.03
CA ASP B 293 11.69 29.96 2.19
C ASP B 293 11.05 28.58 2.25
N ILE B 294 9.74 28.50 1.96
CA ILE B 294 9.07 27.20 1.89
C ILE B 294 9.71 26.33 0.81
N SER B 295 9.93 26.91 -0.38
CA SER B 295 10.48 26.15 -1.50
C SER B 295 11.88 25.64 -1.18
N LYS B 296 12.72 26.48 -0.58
CA LYS B 296 14.04 26.02 -0.17
C LYS B 296 13.95 24.89 0.84
N THR B 297 13.06 25.04 1.83
CA THR B 297 12.88 24.00 2.83
C THR B 297 12.48 22.68 2.18
N TRP B 298 11.51 22.72 1.27
CA TRP B 298 11.04 21.50 0.62
C TRP B 298 12.01 20.98 -0.43
N HIS B 299 12.78 21.88 -1.06
CA HIS B 299 13.85 21.44 -1.94
C HIS B 299 14.87 20.60 -1.16
N ASP B 300 15.30 21.09 0.00
CA ASP B 300 16.28 20.36 0.80
C ASP B 300 15.72 19.01 1.28
N ALA B 301 14.42 18.93 1.51
CA ALA B 301 13.81 17.70 1.98
C ALA B 301 13.30 16.81 0.86
N ASP B 302 13.54 17.18 -0.39
CA ASP B 302 13.07 16.42 -1.57
C ASP B 302 11.56 16.30 -1.62
N LEU B 303 10.84 17.27 -1.05
CA LEU B 303 9.39 17.28 -1.11
C LEU B 303 8.83 18.14 -2.23
N LEU B 304 9.61 19.09 -2.74
CA LEU B 304 9.09 20.10 -3.64
C LEU B 304 8.79 19.52 -5.01
N MET B 305 7.61 19.85 -5.53
CA MET B 305 7.21 19.45 -6.88
C MET B 305 7.15 20.63 -7.85
N GLY B 306 7.66 21.79 -7.45
CA GLY B 306 7.70 22.95 -8.34
C GLY B 306 6.99 24.14 -7.70
N THR B 307 7.67 25.28 -7.74
CA THR B 307 7.12 26.51 -7.17
C THR B 307 6.29 27.23 -8.22
N THR B 308 4.99 27.37 -7.95
CA THR B 308 4.07 28.01 -8.88
C THR B 308 4.38 29.50 -9.00
N LEU B 309 4.70 29.94 -10.21
CA LEU B 309 4.81 31.35 -10.54
C LEU B 309 3.97 31.63 -11.79
N SER B 310 2.66 31.44 -11.65
CA SER B 310 1.80 31.37 -12.82
C SER B 310 1.29 32.76 -13.21
N MET B 311 0.92 32.86 -14.48
CA MET B 311 0.58 34.13 -15.12
C MET B 311 -0.80 34.13 -15.76
N GLN B 312 -1.20 33.01 -16.36
CA GLN B 312 -2.41 32.86 -17.18
C GLN B 312 -2.27 33.64 -18.49
N SER B 313 -1.93 34.92 -18.39
CA SER B 313 -1.60 35.74 -19.54
C SER B 313 -0.61 36.80 -19.10
N THR B 314 0.14 37.36 -20.07
CA THR B 314 1.01 38.48 -19.79
C THR B 314 0.49 39.77 -20.40
N ASP B 315 -0.60 39.72 -21.15
CA ASP B 315 -1.11 40.91 -21.84
C ASP B 315 -1.98 41.74 -20.91
N MET B 316 -1.77 43.05 -20.92
CA MET B 316 -2.46 43.93 -19.98
C MET B 316 -3.96 43.96 -20.23
N ASP B 317 -4.38 43.93 -21.50
CA ASP B 317 -5.81 43.94 -21.77
C ASP B 317 -6.47 42.66 -21.30
N VAL B 318 -5.82 41.51 -21.55
CA VAL B 318 -6.35 40.23 -21.09
C VAL B 318 -6.46 40.23 -19.57
N LEU B 319 -5.39 40.67 -18.90
CA LEU B 319 -5.37 40.63 -17.44
C LEU B 319 -6.45 41.53 -16.86
N GLU B 320 -6.66 42.70 -17.47
CA GLU B 320 -7.77 43.54 -17.03
C GLU B 320 -9.11 42.86 -17.29
N ALA B 321 -9.24 42.18 -18.43
CA ALA B 321 -10.50 41.54 -18.78
C ALA B 321 -10.84 40.38 -17.84
N ILE B 322 -9.84 39.68 -17.31
CA ILE B 322 -10.10 38.57 -16.41
C ILE B 322 -9.89 38.96 -14.95
N ASP B 323 -9.61 40.24 -14.68
CA ASP B 323 -9.53 40.75 -13.31
C ASP B 323 -8.37 40.11 -12.54
N ARG B 324 -7.19 40.10 -13.17
CA ARG B 324 -6.01 39.51 -12.55
C ARG B 324 -4.84 40.50 -12.63
N LYS B 325 -4.13 40.66 -11.53
CA LYS B 325 -2.90 41.42 -11.48
C LYS B 325 -1.74 40.47 -11.25
N ASN B 326 -0.74 40.54 -12.12
CA ASN B 326 0.46 39.70 -12.04
C ASN B 326 1.64 40.48 -11.48
N ILE B 327 2.62 39.72 -10.99
CA ILE B 327 3.96 40.26 -10.78
C ILE B 327 4.47 40.81 -12.10
N GLY B 328 5.13 41.98 -12.05
CA GLY B 328 5.71 42.54 -13.24
C GLY B 328 6.81 41.66 -13.81
N LEU B 329 7.10 41.88 -15.10
CA LEU B 329 8.05 40.99 -15.79
C LEU B 329 9.46 41.12 -15.23
N ASP B 330 9.90 42.34 -14.87
CA ASP B 330 11.23 42.48 -14.33
C ASP B 330 11.33 41.86 -12.94
N ASN B 331 10.28 41.97 -12.13
CA ASN B 331 10.29 41.29 -10.84
C ASN B 331 10.24 39.78 -11.01
N TYR B 332 9.46 39.30 -11.98
CA TYR B 332 9.48 37.88 -12.32
C TYR B 332 10.89 37.42 -12.68
N ARG B 333 11.60 38.22 -13.48
CA ARG B 333 12.98 37.92 -13.81
C ARG B 333 13.84 37.79 -12.57
N LYS B 334 13.71 38.72 -11.62
CA LYS B 334 14.49 38.64 -10.40
C LYS B 334 14.16 37.38 -9.62
N LEU B 335 12.88 36.98 -9.59
CA LEU B 335 12.51 35.72 -8.94
C LEU B 335 13.17 34.52 -9.63
N GLN B 336 13.10 34.47 -10.95
CA GLN B 336 13.74 33.37 -11.68
C GLN B 336 15.22 33.29 -11.36
N GLN B 337 15.89 34.43 -11.28
CA GLN B 337 17.32 34.43 -10.94
C GLN B 337 17.56 33.91 -9.55
N ARG B 338 16.74 34.31 -8.58
CA ARG B 338 16.91 33.86 -7.20
C ARG B 338 16.68 32.37 -7.08
N TYR B 339 15.63 31.86 -7.73
CA TYR B 339 15.36 30.43 -7.65
C TYR B 339 16.40 29.62 -8.43
N ALA B 340 16.84 30.13 -9.58
CA ALA B 340 17.83 29.40 -10.37
C ALA B 340 19.15 29.26 -9.62
N ALA B 341 19.54 30.30 -8.88
CA ALA B 341 20.78 30.24 -8.11
C ALA B 341 20.75 29.13 -7.07
N GLU B 342 19.58 28.81 -6.54
CA GLU B 342 19.42 27.74 -5.57
C GLU B 342 19.04 26.41 -6.19
N ASN B 343 18.93 26.36 -7.52
CA ASN B 343 18.49 25.15 -8.24
C ASN B 343 17.11 24.71 -7.76
N ILE B 344 16.25 25.67 -7.45
CA ILE B 344 14.88 25.40 -7.04
C ILE B 344 13.99 25.52 -8.26
N HIS B 345 13.23 24.47 -8.55
CA HIS B 345 12.44 24.40 -9.77
C HIS B 345 11.17 25.22 -9.63
N THR B 346 10.88 26.06 -10.63
CA THR B 346 9.65 26.82 -10.71
C THR B 346 8.92 26.47 -12.01
N TYR B 347 7.65 26.87 -12.08
CA TYR B 347 6.88 26.69 -13.30
C TYR B 347 5.86 27.82 -13.41
N THR B 348 5.39 28.05 -14.64
CA THR B 348 4.46 29.13 -14.96
C THR B 348 3.35 28.58 -15.84
N GLU B 349 2.10 28.78 -15.42
CA GLU B 349 0.96 28.33 -16.20
C GLU B 349 0.38 29.47 -17.02
N LEU B 350 -0.07 29.13 -18.23
CA LEU B 350 -0.81 30.04 -19.09
C LEU B 350 -2.10 29.34 -19.52
N ILE B 351 -3.11 30.14 -19.85
CA ILE B 351 -4.37 29.63 -20.38
C ILE B 351 -4.56 30.19 -21.77
N LEU B 352 -4.83 29.31 -22.73
CA LEU B 352 -5.04 29.71 -24.12
C LEU B 352 -6.50 30.06 -24.36
N GLY B 353 -6.72 31.16 -25.06
CA GLY B 353 -8.07 31.58 -25.40
C GLY B 353 -8.76 32.43 -24.38
N LEU B 354 -8.02 33.11 -23.51
CA LEU B 354 -8.63 34.01 -22.56
C LEU B 354 -9.24 35.21 -23.28
N PRO B 355 -10.20 35.88 -22.63
CA PRO B 355 -10.74 37.13 -23.21
C PRO B 355 -9.65 38.07 -23.66
N MET B 356 -9.78 38.53 -24.91
CA MET B 356 -8.98 39.57 -25.57
C MET B 356 -7.57 39.14 -25.95
N GLU B 357 -7.19 37.88 -25.76
CA GLU B 357 -5.86 37.41 -26.15
C GLU B 357 -5.82 37.12 -27.63
N THR B 358 -4.90 37.76 -28.34
CA THR B 358 -4.67 37.46 -29.74
C THR B 358 -3.55 36.44 -29.89
N ALA B 359 -3.49 35.81 -31.06
CA ALA B 359 -2.37 34.92 -31.34
C ALA B 359 -1.04 35.66 -31.19
N ARG B 360 -1.02 36.93 -31.58
CA ARG B 360 0.18 37.76 -31.45
C ARG B 360 0.56 37.95 -29.98
N SER B 361 -0.41 38.37 -29.15
CA SER B 361 -0.09 38.60 -27.74
C SER B 361 0.24 37.30 -27.03
N PHE B 362 -0.37 36.19 -27.45
CA PHE B 362 -0.10 34.91 -26.82
C PHE B 362 1.33 34.47 -27.11
N ARG B 363 1.77 34.56 -28.36
CA ARG B 363 3.13 34.15 -28.68
C ARG B 363 4.15 35.12 -28.08
N ASP B 364 3.83 36.42 -28.09
CA ASP B 364 4.72 37.40 -27.47
C ASP B 364 4.89 37.14 -25.98
N GLY B 365 3.80 36.77 -25.30
CA GLY B 365 3.88 36.50 -23.88
C GLY B 365 4.78 35.32 -23.56
N ILE B 366 4.68 34.26 -24.36
CA ILE B 366 5.55 33.10 -24.16
C ILE B 366 7.01 33.51 -24.31
N GLY B 367 7.32 34.27 -25.36
CA GLY B 367 8.69 34.70 -25.56
C GLY B 367 9.20 35.60 -24.44
N SER B 368 8.33 36.42 -23.88
CA SER B 368 8.74 37.29 -22.79
C SER B 368 9.06 36.50 -21.52
N LEU B 369 8.39 35.36 -21.32
CA LEU B 369 8.69 34.53 -20.15
C LEU B 369 10.05 33.85 -20.30
N LEU B 370 10.37 33.37 -21.51
CA LEU B 370 11.72 32.87 -21.75
C LEU B 370 12.74 33.99 -21.60
N GLU B 371 12.43 35.17 -22.14
CA GLU B 371 13.29 36.33 -21.99
C GLU B 371 13.56 36.63 -20.52
N ALA B 372 12.56 36.46 -19.66
CA ALA B 372 12.70 36.73 -18.24
C ALA B 372 13.34 35.58 -17.46
N GLY B 373 13.70 34.48 -18.12
CA GLY B 373 14.48 33.44 -17.48
C GLY B 373 13.79 32.13 -17.24
N ASN B 374 12.52 31.97 -17.63
CA ASN B 374 11.86 30.66 -17.53
C ASN B 374 12.14 29.90 -18.82
N HIS B 375 13.09 28.97 -18.76
CA HIS B 375 13.40 28.12 -19.89
C HIS B 375 12.96 26.68 -19.69
N GLU B 376 12.56 26.29 -18.47
CA GLU B 376 12.41 24.89 -18.13
C GLU B 376 10.97 24.41 -17.98
N ASP B 377 10.02 25.29 -17.62
CA ASP B 377 8.71 24.75 -17.26
C ASP B 377 7.61 25.78 -17.53
N LEU B 378 7.05 25.71 -18.74
CA LEU B 378 5.86 26.45 -19.13
C LEU B 378 4.73 25.47 -19.34
N ARG B 379 3.55 25.77 -18.79
CA ARG B 379 2.40 24.89 -18.88
C ARG B 379 1.21 25.65 -19.44
N VAL B 380 0.42 24.99 -20.27
CA VAL B 380 -0.71 25.63 -20.95
C VAL B 380 -1.94 24.75 -20.79
N TYR B 381 -3.08 25.40 -20.58
CA TYR B 381 -4.37 24.72 -20.51
C TYR B 381 -5.32 25.38 -21.48
N GLU B 382 -6.12 24.59 -22.18
CA GLU B 382 -7.26 25.16 -22.89
C GLU B 382 -8.26 25.68 -21.86
N LEU B 383 -8.89 26.80 -22.20
CA LEU B 383 -9.83 27.45 -21.29
C LEU B 383 -11.14 26.68 -21.23
N GLY B 384 -11.53 26.25 -20.02
CA GLY B 384 -12.83 25.64 -19.78
C GLY B 384 -13.74 26.62 -19.08
N ILE B 385 -15.01 26.63 -19.48
CA ILE B 385 -16.02 27.45 -18.84
C ILE B 385 -16.57 26.63 -17.67
N LEU B 386 -16.27 27.07 -16.45
CA LEU B 386 -16.75 26.34 -15.29
C LEU B 386 -18.10 26.88 -14.86
N PRO B 387 -19.00 25.99 -14.41
CA PRO B 387 -20.38 26.42 -14.09
C PRO B 387 -20.49 27.67 -13.23
N ASN B 388 -19.64 27.81 -12.20
CA ASN B 388 -19.78 28.92 -11.27
C ASN B 388 -18.56 29.86 -11.29
N ALA B 389 -17.75 29.80 -12.33
CA ALA B 389 -16.74 30.83 -12.54
C ALA B 389 -17.43 32.12 -12.96
N PRO B 390 -16.91 33.27 -12.55
CA PRO B 390 -17.52 34.56 -12.97
C PRO B 390 -17.67 34.68 -14.48
N LEU B 391 -16.79 34.02 -15.24
CA LEU B 391 -16.85 34.08 -16.69
C LEU B 391 -18.09 33.43 -17.27
N ASN B 392 -18.73 32.52 -16.53
CA ASN B 392 -19.89 31.79 -17.04
C ASN B 392 -21.17 32.58 -16.80
N THR B 393 -21.25 33.74 -17.44
CA THR B 393 -22.47 34.52 -17.51
C THR B 393 -22.74 34.87 -18.96
N PRO B 394 -24.00 34.94 -19.37
CA PRO B 394 -24.29 35.36 -20.76
C PRO B 394 -23.66 36.68 -21.12
N GLU B 395 -23.57 37.61 -20.16
CA GLU B 395 -22.97 38.91 -20.45
C GLU B 395 -21.49 38.77 -20.81
N LYS B 396 -20.73 38.08 -19.96
CA LYS B 396 -19.28 37.99 -20.19
C LYS B 396 -18.97 37.14 -21.42
N ILE B 397 -19.71 36.04 -21.63
CA ILE B 397 -19.52 35.24 -22.83
C ILE B 397 -19.79 36.08 -24.07
N GLU B 398 -20.83 36.91 -24.04
CA GLU B 398 -21.14 37.78 -25.17
C GLU B 398 -20.12 38.91 -25.29
N GLN B 399 -19.73 39.50 -24.15
CA GLN B 399 -18.82 40.64 -24.17
C GLN B 399 -17.51 40.31 -24.88
N TYR B 400 -16.97 39.11 -24.68
CA TYR B 400 -15.69 38.74 -25.24
C TYR B 400 -15.80 37.75 -26.39
N GLY B 401 -17.01 37.41 -26.80
CA GLY B 401 -17.21 36.54 -27.95
C GLY B 401 -16.67 35.14 -27.76
N LEU B 402 -16.77 34.61 -26.55
CA LEU B 402 -16.26 33.27 -26.27
C LEU B 402 -17.14 32.22 -26.94
N ARG B 403 -16.57 31.45 -27.84
CA ARG B 403 -17.27 30.36 -28.50
C ARG B 403 -16.71 29.04 -27.99
N THR B 404 -17.61 28.13 -27.62
CA THR B 404 -17.23 26.88 -27.01
C THR B 404 -17.72 25.71 -27.84
N VAL B 405 -17.14 24.55 -27.57
CA VAL B 405 -17.65 23.28 -28.08
C VAL B 405 -17.74 22.34 -26.89
N PRO B 406 -18.75 21.48 -26.81
CA PRO B 406 -18.72 20.45 -25.76
C PRO B 406 -17.58 19.49 -26.06
N LYS B 407 -16.82 19.14 -25.03
CA LYS B 407 -15.60 18.36 -25.21
C LYS B 407 -15.61 17.20 -24.23
N ARG B 408 -15.55 15.98 -24.76
CA ARG B 408 -15.48 14.82 -23.89
C ARG B 408 -14.14 14.79 -23.18
N MET B 409 -14.17 14.36 -21.91
CA MET B 409 -12.94 14.32 -21.14
CA MET B 409 -12.96 14.32 -21.10
C MET B 409 -12.16 13.04 -21.35
N TYR B 410 -12.83 11.90 -21.48
CA TYR B 410 -12.16 10.62 -21.53
C TYR B 410 -12.62 9.82 -22.74
N VAL B 411 -11.79 8.83 -23.11
CA VAL B 411 -12.19 7.88 -24.14
C VAL B 411 -13.31 7.00 -23.60
N GLU B 412 -14.34 6.79 -24.41
CA GLU B 412 -15.49 5.99 -24.04
C GLU B 412 -15.51 4.70 -24.85
N ARG B 413 -16.10 3.66 -24.27
CA ARG B 413 -16.21 2.38 -24.94
C ARG B 413 -17.28 2.41 -26.02
N THR B 416 -20.59 3.48 -25.66
CA THR B 416 -21.05 4.12 -24.43
C THR B 416 -21.99 5.27 -24.74
N PRO B 417 -23.14 5.29 -24.07
CA PRO B 417 -24.14 6.32 -24.35
C PRO B 417 -23.69 7.71 -23.91
N ASP B 418 -24.25 8.72 -24.57
CA ASP B 418 -23.88 10.10 -24.29
C ASP B 418 -24.19 10.51 -22.85
N ASP B 419 -25.27 9.94 -22.28
CA ASP B 419 -25.65 10.34 -20.94
CA ASP B 419 -25.69 10.25 -20.92
C ASP B 419 -24.59 9.99 -19.89
N GLU B 420 -23.56 9.20 -20.26
CA GLU B 420 -22.54 8.78 -19.32
C GLU B 420 -21.14 9.26 -19.70
N ALA B 421 -21.03 10.16 -20.67
CA ALA B 421 -19.74 10.67 -21.13
C ALA B 421 -19.53 12.06 -20.53
N GLU B 422 -18.48 12.20 -19.73
CA GLU B 422 -18.21 13.50 -19.11
C GLU B 422 -17.77 14.50 -20.16
N THR B 423 -18.24 15.74 -20.01
CA THR B 423 -18.03 16.76 -21.02
C THR B 423 -17.64 18.06 -20.33
N PHE B 424 -16.93 18.90 -21.09
CA PHE B 424 -16.19 20.04 -20.57
CA PHE B 424 -16.29 20.08 -20.53
C PHE B 424 -16.28 21.15 -21.60
N GLU B 425 -16.84 22.30 -21.24
CA GLU B 425 -17.10 23.36 -22.21
C GLU B 425 -15.79 24.10 -22.51
N MET B 426 -15.24 23.88 -23.70
CA MET B 426 -13.91 24.37 -24.07
C MET B 426 -14.02 25.55 -25.02
N VAL B 427 -13.37 26.66 -24.65
CA VAL B 427 -13.28 27.81 -25.55
C VAL B 427 -12.29 27.49 -26.67
N MET B 428 -12.70 27.72 -27.92
CA MET B 428 -11.82 27.47 -29.05
C MET B 428 -11.82 28.63 -30.04
N GLU B 429 -12.42 29.77 -29.69
CA GLU B 429 -12.47 30.95 -30.53
C GLU B 429 -13.02 32.10 -29.71
N THR B 430 -12.47 33.29 -29.93
CA THR B 430 -12.92 34.50 -29.25
C THR B 430 -12.98 35.63 -30.26
N ASN B 431 -13.43 36.80 -29.81
CA ASN B 431 -13.34 37.99 -30.66
C ASN B 431 -11.91 38.28 -31.08
N ALA B 432 -10.95 37.91 -30.24
CA ALA B 432 -9.55 38.24 -30.47
C ALA B 432 -8.76 37.12 -31.12
N MET B 433 -9.25 35.89 -31.09
CA MET B 433 -8.49 34.74 -31.58
C MET B 433 -9.41 33.80 -32.36
N PRO B 434 -9.42 33.89 -33.69
CA PRO B 434 -10.20 32.93 -34.48
C PRO B 434 -9.68 31.51 -34.30
N ARG B 435 -10.54 30.55 -34.59
CA ARG B 435 -10.19 29.14 -34.34
C ARG B 435 -8.91 28.75 -35.07
N ASP B 436 -8.70 29.26 -36.29
CA ASP B 436 -7.46 28.95 -36.99
C ASP B 436 -6.25 29.45 -36.21
N ALA B 437 -6.35 30.66 -35.64
CA ALA B 437 -5.27 31.17 -34.80
C ALA B 437 -5.14 30.38 -33.50
N TRP B 438 -6.26 29.91 -32.96
CA TRP B 438 -6.22 29.08 -31.75
C TRP B 438 -5.43 27.80 -32.01
N VAL B 439 -5.70 27.13 -33.13
CA VAL B 439 -4.99 25.89 -33.47
C VAL B 439 -3.49 26.17 -33.62
N GLU B 440 -3.14 27.21 -34.39
CA GLU B 440 -1.73 27.50 -34.62
C GLU B 440 -1.03 27.94 -33.34
N SER B 441 -1.73 28.66 -32.46
CA SER B 441 -1.13 29.05 -31.18
C SER B 441 -0.91 27.84 -30.27
N PHE B 442 -1.86 26.91 -30.27
CA PHE B 442 -1.71 25.70 -29.46
C PHE B 442 -0.54 24.86 -29.97
N SER B 443 -0.41 24.72 -31.30
CA SER B 443 0.75 24.04 -31.87
C SER B 443 2.04 24.76 -31.48
N PHE B 444 2.03 26.09 -31.53
CA PHE B 444 3.22 26.86 -31.17
C PHE B 444 3.71 26.51 -29.76
N ILE B 445 2.79 26.54 -28.78
CA ILE B 445 3.22 26.37 -27.40
C ILE B 445 3.58 24.91 -27.11
N GLN B 446 2.95 23.96 -27.80
CA GLN B 446 3.38 22.57 -27.63
C GLN B 446 4.83 22.40 -28.06
N ALA B 447 5.20 23.00 -29.20
CA ALA B 447 6.57 22.91 -29.69
C ALA B 447 7.54 23.60 -28.76
N VAL B 448 7.18 24.77 -28.22
CA VAL B 448 8.03 25.41 -27.23
C VAL B 448 8.27 24.49 -26.06
N GLN B 449 7.25 23.72 -25.67
CA GLN B 449 7.41 22.81 -24.55
C GLN B 449 8.38 21.67 -24.88
N PHE B 450 8.16 20.96 -25.99
CA PHE B 450 9.06 19.83 -26.19
C PHE B 450 10.41 20.23 -26.78
N LEU B 451 10.52 21.42 -27.41
CA LEU B 451 11.81 21.85 -27.92
C LEU B 451 12.62 22.63 -26.89
N HIS B 452 11.98 23.53 -26.13
CA HIS B 452 12.69 24.40 -25.20
C HIS B 452 12.69 23.82 -23.79
N ASN B 453 11.51 23.60 -23.20
CA ASN B 453 11.47 22.90 -21.92
C ASN B 453 12.12 21.53 -22.03
N GLY B 454 11.88 20.84 -23.15
CA GLY B 454 12.47 19.55 -23.45
C GLY B 454 13.91 19.59 -23.88
N CYS B 455 14.49 20.79 -24.03
CA CYS B 455 15.93 21.01 -24.14
CA CYS B 455 15.92 21.03 -24.15
C CYS B 455 16.48 20.88 -25.56
N TYR B 456 15.74 20.23 -26.47
CA TYR B 456 16.28 19.94 -27.80
C TYR B 456 16.87 21.16 -28.49
N THR B 457 16.23 22.32 -28.36
CA THR B 457 16.76 23.55 -28.93
C THR B 457 16.90 24.66 -27.90
N ARG B 458 16.83 24.33 -26.61
CA ARG B 458 16.89 25.36 -25.58
CA ARG B 458 16.90 25.36 -25.58
C ARG B 458 18.24 26.07 -25.58
N TYR B 459 19.33 25.30 -25.61
CA TYR B 459 20.65 25.91 -25.53
C TYR B 459 21.02 26.63 -26.82
N LEU B 460 20.63 26.06 -27.97
CA LEU B 460 20.79 26.78 -29.23
C LEU B 460 20.04 28.09 -29.21
N SER B 461 18.79 28.08 -28.73
CA SER B 461 17.98 29.28 -28.73
C SER B 461 18.56 30.36 -27.83
N ILE B 462 18.99 29.97 -26.62
CA ILE B 462 19.61 30.95 -25.71
C ILE B 462 20.85 31.57 -26.34
N PHE B 463 21.69 30.73 -26.96
CA PHE B 463 22.90 31.22 -27.61
C PHE B 463 22.56 32.18 -28.75
N LEU B 464 21.59 31.81 -29.60
CA LEU B 464 21.22 32.68 -30.71
C LEU B 464 20.64 33.99 -30.22
N ARG B 465 19.86 33.95 -29.13
CA ARG B 465 19.29 35.15 -28.55
C ARG B 465 20.36 36.09 -28.04
N GLN B 466 21.33 35.54 -27.31
CA GLN B 466 22.31 36.35 -26.59
C GLN B 466 23.52 36.72 -27.43
N GLU B 467 23.85 35.93 -28.47
CA GLU B 467 25.02 36.20 -29.29
C GLU B 467 24.70 36.59 -30.73
N HIS B 468 23.48 36.32 -31.21
CA HIS B 468 23.13 36.63 -32.58
C HIS B 468 21.83 37.41 -32.71
N GLY B 469 21.27 37.89 -31.61
CA GLY B 469 20.13 38.78 -31.68
C GLY B 469 18.84 38.15 -32.19
N ILE B 470 18.66 36.86 -31.97
CA ILE B 470 17.44 36.17 -32.39
C ILE B 470 16.54 36.05 -31.16
N GLY B 471 15.49 36.88 -31.10
CA GLY B 471 14.58 36.83 -29.98
C GLY B 471 13.89 35.48 -29.86
N TYR B 472 13.42 35.19 -28.64
CA TYR B 472 12.86 33.86 -28.36
C TYR B 472 11.58 33.63 -29.16
N THR B 473 10.66 34.60 -29.16
CA THR B 473 9.46 34.47 -29.98
C THR B 473 9.83 34.29 -31.44
N ARG B 474 10.76 35.12 -31.92
CA ARG B 474 11.16 35.06 -33.33
C ARG B 474 11.72 33.69 -33.69
N PHE B 475 12.55 33.11 -32.80
CA PHE B 475 13.14 31.81 -33.09
C PHE B 475 12.05 30.74 -33.24
N TYR B 476 11.09 30.70 -32.31
CA TYR B 476 10.10 29.63 -32.35
C TYR B 476 8.95 29.94 -33.31
N GLU B 477 8.66 31.21 -33.57
CA GLU B 477 7.79 31.53 -34.70
C GLU B 477 8.43 31.11 -36.02
N GLY B 478 9.72 31.40 -36.18
CA GLY B 478 10.40 31.02 -37.41
C GLY B 478 10.44 29.53 -37.63
N LEU B 479 10.68 28.75 -36.56
CA LEU B 479 10.61 27.30 -36.68
C LEU B 479 9.25 26.85 -37.20
N GLN B 480 8.18 27.41 -36.65
CA GLN B 480 6.85 27.01 -37.07
C GLN B 480 6.57 27.45 -38.50
N ASP B 481 6.89 28.70 -38.83
CA ASP B 481 6.66 29.19 -40.19
C ASP B 481 7.46 28.38 -41.21
N TYR B 482 8.72 28.11 -40.89
CA TYR B 482 9.59 27.43 -41.85
C TYR B 482 9.18 25.96 -42.00
N PHE B 483 9.02 25.25 -40.89
CA PHE B 483 8.87 23.81 -40.99
C PHE B 483 7.45 23.38 -41.34
N THR B 484 6.43 24.20 -41.10
CA THR B 484 5.10 23.85 -41.58
C THR B 484 5.07 23.77 -43.10
N GLY B 485 5.96 24.49 -43.77
CA GLY B 485 6.10 24.41 -45.21
C GLY B 485 6.97 23.28 -45.71
N ARG B 486 7.42 22.38 -44.84
CA ARG B 486 8.28 21.25 -45.21
C ARG B 486 7.70 20.00 -44.57
N PRO B 487 6.68 19.38 -45.18
CA PRO B 487 6.00 18.25 -44.54
C PRO B 487 6.87 17.04 -44.28
N ASP B 488 7.92 16.82 -45.07
CA ASP B 488 8.73 15.62 -44.92
C ASP B 488 9.84 15.76 -43.88
N THR B 489 9.95 16.89 -43.21
CA THR B 489 10.96 17.03 -42.17
C THR B 489 10.42 16.48 -40.84
N VAL B 490 11.34 16.21 -39.92
CA VAL B 490 10.94 15.74 -38.58
C VAL B 490 10.02 16.74 -37.92
N LEU B 491 10.48 18.00 -37.83
CA LEU B 491 9.70 19.01 -37.12
C LEU B 491 8.47 19.43 -37.91
N GLY B 492 8.58 19.48 -39.24
CA GLY B 492 7.43 19.82 -40.05
C GLY B 492 6.32 18.79 -39.92
N ALA B 493 6.67 17.51 -39.82
CA ALA B 493 5.66 16.48 -39.63
C ALA B 493 4.91 16.69 -38.32
N LEU B 494 5.61 17.14 -37.28
CA LEU B 494 4.97 17.36 -35.99
C LEU B 494 4.02 18.55 -36.03
N TYR B 495 4.47 19.68 -36.58
CA TYR B 495 3.61 20.86 -36.67
C TYR B 495 2.35 20.56 -37.47
N LEU B 496 2.49 19.82 -38.57
CA LEU B 496 1.34 19.57 -39.43
C LEU B 496 0.40 18.56 -38.79
N ARG B 497 0.94 17.56 -38.09
CA ARG B 497 0.09 16.61 -37.40
C ARG B 497 -0.67 17.29 -36.27
N MET B 498 -0.03 18.23 -35.57
CA MET B 498 -0.72 18.96 -34.52
C MET B 498 -1.80 19.86 -35.11
N ARG B 499 -1.54 20.45 -36.29
CA ARG B 499 -2.55 21.27 -36.93
C ARG B 499 -3.79 20.43 -37.26
N SER B 500 -3.58 19.26 -37.86
CA SER B 500 -4.71 18.39 -38.17
CA SER B 500 -4.71 18.40 -38.17
C SER B 500 -5.38 17.87 -36.89
N LEU B 501 -4.57 17.56 -35.87
CA LEU B 501 -5.12 17.05 -34.62
C LEU B 501 -6.03 18.09 -33.95
N TYR B 502 -5.59 19.34 -33.88
CA TYR B 502 -6.37 20.33 -33.16
C TYR B 502 -7.61 20.77 -33.92
N HIS B 503 -7.56 20.72 -35.25
CA HIS B 503 -8.78 20.99 -36.01
C HIS B 503 -9.81 19.88 -35.81
N ASP B 504 -9.36 18.61 -35.83
CA ASP B 504 -10.24 17.50 -35.48
C ASP B 504 -10.72 17.63 -34.05
N TYR B 505 -9.84 18.06 -33.15
CA TYR B 505 -10.18 18.26 -31.75
C TYR B 505 -11.34 19.23 -31.60
N ILE B 506 -11.37 20.29 -32.40
CA ILE B 506 -12.48 21.25 -32.35
C ILE B 506 -13.73 20.66 -32.98
N ASP B 507 -13.61 20.07 -34.17
CA ASP B 507 -14.79 19.67 -34.92
C ASP B 507 -15.42 18.40 -34.37
N MET B 508 -14.63 17.52 -33.78
CA MET B 508 -15.13 16.25 -33.25
C MET B 508 -15.15 16.31 -31.72
N PRO B 509 -16.30 16.59 -31.10
CA PRO B 509 -16.34 16.69 -29.64
C PRO B 509 -15.89 15.43 -28.91
N ALA B 510 -16.03 14.26 -29.54
CA ALA B 510 -15.70 13.01 -28.84
C ALA B 510 -14.21 12.84 -28.60
N LEU B 511 -13.35 13.52 -29.38
CA LEU B 511 -11.91 13.42 -29.18
C LEU B 511 -11.56 13.94 -27.79
N PRO B 512 -11.08 13.09 -26.90
CA PRO B 512 -11.07 13.42 -25.48
C PRO B 512 -9.96 14.38 -25.07
N LEU B 513 -10.26 15.18 -24.05
CA LEU B 513 -9.29 16.10 -23.48
C LEU B 513 -8.13 15.35 -22.82
N ALA B 514 -8.45 14.33 -22.02
CA ALA B 514 -7.46 13.65 -21.20
C ALA B 514 -6.79 12.48 -21.90
N ASN B 515 -7.25 12.09 -23.09
CA ASN B 515 -6.68 10.93 -23.76
C ASN B 515 -6.46 11.19 -25.25
N LEU B 516 -6.12 12.43 -25.61
CA LEU B 516 -6.10 12.82 -27.02
C LEU B 516 -5.09 12.00 -27.81
N VAL B 517 -3.83 11.97 -27.37
CA VAL B 517 -2.81 11.20 -28.08
C VAL B 517 -3.20 9.73 -28.14
N ALA B 518 -3.68 9.18 -27.03
CA ALA B 518 -4.03 7.76 -26.97
C ALA B 518 -5.19 7.43 -27.91
N SER B 519 -6.06 8.40 -28.18
CA SER B 519 -7.19 8.16 -29.06
C SER B 519 -6.80 8.15 -30.54
N GLN B 520 -5.58 8.53 -30.88
CA GLN B 520 -5.14 8.55 -32.26
C GLN B 520 -4.26 7.34 -32.54
N PRO B 521 -4.69 6.39 -33.37
CA PRO B 521 -3.90 5.16 -33.55
C PRO B 521 -2.50 5.40 -34.07
N ASP B 522 -2.31 6.38 -34.96
CA ASP B 522 -0.97 6.64 -35.47
C ASP B 522 -0.07 7.20 -34.39
N MET B 523 -0.59 8.13 -33.58
CA MET B 523 0.22 8.72 -32.53
C MET B 523 0.49 7.71 -31.42
N ALA B 524 -0.52 6.90 -31.07
CA ALA B 524 -0.28 5.81 -30.11
C ALA B 524 0.77 4.85 -30.64
N ALA B 525 0.74 4.55 -31.94
CA ALA B 525 1.74 3.67 -32.52
C ALA B 525 3.13 4.30 -32.50
N ASP B 526 3.21 5.63 -32.66
CA ASP B 526 4.49 6.32 -32.51
C ASP B 526 5.13 6.00 -31.18
N LEU B 527 4.33 5.96 -30.12
CA LEU B 527 4.85 5.85 -28.76
C LEU B 527 4.78 4.45 -28.20
N ALA B 528 4.12 3.52 -28.88
CA ALA B 528 4.03 2.14 -28.41
C ALA B 528 5.38 1.53 -28.02
N PRO B 529 6.46 1.68 -28.80
CA PRO B 529 7.75 1.14 -28.35
C PRO B 529 8.27 1.80 -27.08
N TYR B 530 7.77 2.98 -26.72
CA TYR B 530 8.26 3.67 -25.54
C TYR B 530 7.46 3.38 -24.29
N GLY B 531 6.26 2.85 -24.43
CA GLY B 531 5.45 2.51 -23.27
C GLY B 531 3.99 2.45 -23.63
N ARG B 532 3.21 1.92 -22.69
CA ARG B 532 1.76 1.80 -22.83
C ARG B 532 1.12 2.78 -21.87
N ARG B 533 0.52 3.84 -22.41
CA ARG B 533 -0.06 4.91 -21.60
C ARG B 533 -1.36 5.39 -22.22
N ARG B 534 -2.33 5.70 -21.36
CA ARG B 534 -3.58 6.31 -21.79
C ARG B 534 -3.54 7.83 -21.74
N GLY B 535 -2.58 8.41 -21.02
CA GLY B 535 -2.54 9.84 -20.81
C GLY B 535 -1.35 10.55 -21.41
N TRP B 536 -0.75 9.99 -22.45
CA TRP B 536 0.27 10.69 -23.22
C TRP B 536 -0.17 12.12 -23.53
N THR B 537 0.71 13.07 -23.28
CA THR B 537 0.44 14.43 -23.73
C THR B 537 1.07 14.67 -25.09
N ILE B 538 0.56 15.68 -25.78
CA ILE B 538 1.14 16.08 -27.06
C ILE B 538 2.60 16.45 -26.90
N ASP B 539 2.94 17.08 -25.77
CA ASP B 539 4.33 17.46 -25.59
CA ASP B 539 4.32 17.46 -25.50
C ASP B 539 5.22 16.23 -25.34
N ASN B 540 4.73 15.22 -24.62
CA ASN B 540 5.48 13.96 -24.53
C ASN B 540 5.69 13.36 -25.92
N TRP B 541 4.63 13.39 -26.73
CA TRP B 541 4.67 12.76 -28.05
C TRP B 541 5.71 13.43 -28.94
N GLY B 542 5.71 14.77 -28.97
CA GLY B 542 6.72 15.48 -29.75
C GLY B 542 8.13 15.18 -29.30
N TRP B 543 8.36 15.15 -27.99
CA TRP B 543 9.70 14.88 -27.47
C TRP B 543 10.19 13.51 -27.93
N LEU B 544 9.33 12.49 -27.82
CA LEU B 544 9.74 11.15 -28.22
C LEU B 544 9.84 11.01 -29.73
N ARG B 545 9.00 11.74 -30.49
CA ARG B 545 9.14 11.73 -31.94
C ARG B 545 10.49 12.28 -32.38
N ILE B 546 10.96 13.35 -31.73
CA ILE B 546 12.29 13.86 -32.05
C ILE B 546 13.35 12.86 -31.61
N ALA B 547 13.16 12.23 -30.45
CA ALA B 547 14.12 11.23 -29.98
C ALA B 547 14.28 10.10 -30.99
N THR B 548 13.20 9.74 -31.68
CA THR B 548 13.25 8.65 -32.65
C THR B 548 14.03 9.03 -33.90
N ASP B 549 13.84 10.25 -34.41
CA ASP B 549 14.53 10.70 -35.60
C ASP B 549 15.53 11.80 -35.29
N PHE B 550 16.38 11.56 -34.28
CA PHE B 550 17.21 12.62 -33.70
C PHE B 550 18.23 13.15 -34.69
N ASP B 551 18.94 12.25 -35.39
CA ASP B 551 19.99 12.68 -36.30
C ASP B 551 19.44 13.51 -37.45
N ARG B 552 18.32 13.07 -38.04
CA ARG B 552 17.75 13.82 -39.16
C ARG B 552 17.20 15.17 -38.68
N PHE B 553 16.65 15.21 -37.46
CA PHE B 553 16.20 16.47 -36.89
C PHE B 553 17.30 17.51 -36.92
N HIS B 554 18.51 17.13 -36.50
CA HIS B 554 19.61 18.08 -36.46
C HIS B 554 20.13 18.43 -37.84
N THR B 555 20.09 17.49 -38.79
CA THR B 555 20.44 17.82 -40.17
C THR B 555 19.52 18.91 -40.70
N GLU B 556 18.21 18.74 -40.49
CA GLU B 556 17.24 19.70 -40.99
C GLU B 556 17.29 21.00 -40.21
N LEU B 557 17.65 20.93 -38.92
CA LEU B 557 17.81 22.14 -38.13
C LEU B 557 18.88 23.06 -38.73
N ARG B 558 19.96 22.47 -39.26
CA ARG B 558 20.98 23.28 -39.91
C ARG B 558 20.43 24.04 -41.10
N GLU B 559 19.49 23.44 -41.83
CA GLU B 559 18.92 24.10 -42.99
C GLU B 559 18.07 25.30 -42.58
N TYR B 560 17.35 25.19 -41.47
CA TYR B 560 16.59 26.34 -40.97
C TYR B 560 17.53 27.46 -40.53
N LEU B 561 18.66 27.11 -39.91
CA LEU B 561 19.61 28.12 -39.46
C LEU B 561 20.16 28.92 -40.64
N ALA B 562 20.32 28.28 -41.79
CA ALA B 562 20.76 29.01 -42.98
C ALA B 562 19.75 30.06 -43.39
N THR B 563 18.45 29.79 -43.21
CA THR B 563 17.44 30.78 -43.59
C THR B 563 17.42 32.00 -42.68
N LEU B 564 18.01 31.89 -41.49
CA LEU B 564 18.17 33.04 -40.61
C LEU B 564 19.44 33.83 -40.89
N GLY B 565 20.19 33.44 -41.92
CA GLY B 565 21.50 34.01 -42.16
C GLY B 565 22.59 33.43 -41.28
N LEU B 566 22.33 32.30 -40.63
CA LEU B 566 23.27 31.69 -39.70
C LEU B 566 23.62 30.27 -40.13
N ASP B 567 24.21 30.14 -41.30
CA ASP B 567 24.62 28.83 -41.80
C ASP B 567 25.74 28.29 -40.94
N PRO B 568 25.59 27.12 -40.29
CA PRO B 568 26.68 26.59 -39.48
C PRO B 568 27.91 26.22 -40.28
N ALA B 569 27.77 25.96 -41.58
CA ALA B 569 28.91 25.68 -42.43
C ALA B 569 29.76 26.94 -42.52
N GLY B 570 30.92 26.93 -41.87
CA GLY B 570 31.81 28.07 -41.87
C GLY B 570 31.77 28.93 -40.63
N ASP B 571 30.96 28.58 -39.62
CA ASP B 571 30.90 29.28 -38.35
C ASP B 571 31.28 28.25 -37.30
N ALA B 572 32.55 28.27 -36.88
CA ALA B 572 33.04 27.24 -35.97
C ALA B 572 32.32 27.30 -34.63
N ARG B 573 32.03 28.51 -34.13
CA ARG B 573 31.35 28.63 -32.85
C ARG B 573 29.93 28.07 -32.92
N LEU B 574 29.22 28.34 -34.01
CA LEU B 574 27.87 27.79 -34.16
C LEU B 574 27.92 26.28 -34.29
N GLU B 575 28.88 25.75 -35.06
CA GLU B 575 29.07 24.30 -35.13
C GLU B 575 29.33 23.73 -33.74
N ASP B 576 30.11 24.44 -32.93
CA ASP B 576 30.47 23.97 -31.60
C ASP B 576 29.25 23.89 -30.69
N VAL B 577 28.42 24.94 -30.68
CA VAL B 577 27.25 24.92 -29.81
C VAL B 577 26.23 23.90 -30.29
N LEU B 578 26.17 23.65 -31.60
CA LEU B 578 25.28 22.62 -32.11
C LEU B 578 25.70 21.23 -31.62
N ARG B 579 27.01 20.97 -31.60
CA ARG B 579 27.48 19.71 -31.05
C ARG B 579 27.15 19.59 -29.56
N PHE B 580 27.33 20.69 -28.81
CA PHE B 580 26.97 20.68 -27.40
C PHE B 580 25.47 20.41 -27.22
N GLN B 581 24.65 21.05 -28.05
CA GLN B 581 23.20 20.89 -27.98
C GLN B 581 22.77 19.46 -28.33
N GLN B 582 23.47 18.82 -29.27
CA GLN B 582 23.18 17.42 -29.57
C GLN B 582 23.57 16.51 -28.42
N ASP B 583 24.78 16.70 -27.88
CA ASP B 583 25.33 15.76 -26.91
C ASP B 583 24.65 15.83 -25.55
N VAL B 584 24.09 17.00 -25.21
CA VAL B 584 23.53 17.14 -23.86
C VAL B 584 22.24 16.35 -23.70
N MET B 585 21.60 15.95 -24.80
CA MET B 585 20.33 15.24 -24.72
C MET B 585 20.52 13.81 -24.24
N LEU B 586 19.58 13.34 -23.42
CA LEU B 586 19.55 11.93 -23.04
C LEU B 586 19.13 11.10 -24.25
N ARG B 587 19.87 10.02 -24.52
CA ARG B 587 19.67 9.16 -25.66
C ARG B 587 19.42 7.73 -25.21
N PRO B 588 18.74 6.92 -26.05
CA PRO B 588 18.42 5.54 -25.62
C PRO B 588 19.64 4.67 -25.33
N ASP B 589 20.80 4.99 -25.88
CA ASP B 589 21.99 4.18 -25.67
C ASP B 589 22.84 4.64 -24.49
N TYR B 590 22.38 5.61 -23.71
CA TYR B 590 23.20 6.10 -22.61
C TYR B 590 23.35 5.01 -21.55
N SER B 591 24.59 4.82 -21.09
CA SER B 591 24.90 3.84 -20.06
C SER B 591 25.42 4.57 -18.84
N PRO B 592 24.72 4.51 -17.69
CA PRO B 592 25.25 5.13 -16.48
C PRO B 592 26.61 4.59 -16.08
N GLU B 593 26.96 3.39 -16.53
CA GLU B 593 28.27 2.82 -16.21
C GLU B 593 29.36 3.46 -17.04
N LEU B 594 29.06 3.82 -18.30
CA LEU B 594 30.05 4.40 -19.20
C LEU B 594 30.06 5.92 -19.15
N GLY B 595 28.92 6.55 -18.90
CA GLY B 595 28.86 7.99 -19.01
C GLY B 595 28.86 8.41 -20.47
N LYS B 596 29.11 9.70 -20.67
CA LYS B 596 29.05 10.29 -22.00
C LYS B 596 29.93 11.53 -21.98
N SER B 597 30.92 11.59 -22.87
CA SER B 597 31.87 12.70 -22.85
C SER B 597 32.11 13.22 -24.25
N ALA B 598 32.53 14.48 -24.31
CA ALA B 598 32.86 15.16 -25.55
C ALA B 598 33.75 16.35 -25.23
N GLU B 599 34.32 16.93 -26.27
CA GLU B 599 35.18 18.10 -26.15
C GLU B 599 34.66 19.22 -27.02
N TYR B 600 34.77 20.45 -26.51
CA TYR B 600 34.26 21.63 -27.20
C TYR B 600 35.30 22.72 -27.16
N ALA B 601 35.16 23.67 -28.11
CA ALA B 601 36.07 24.80 -28.19
C ALA B 601 35.67 25.95 -27.27
N HIS B 602 34.50 25.87 -26.65
CA HIS B 602 34.03 26.89 -25.71
C HIS B 602 33.51 26.20 -24.45
N ASP B 603 33.52 26.94 -23.34
CA ASP B 603 33.03 26.41 -22.06
C ASP B 603 31.52 26.62 -22.00
N TRP B 604 30.80 25.77 -22.74
CA TRP B 604 29.34 25.89 -22.79
C TRP B 604 28.68 25.67 -21.43
N PRO B 605 29.08 24.71 -20.59
CA PRO B 605 28.43 24.59 -19.27
C PRO B 605 28.55 25.87 -18.44
N GLY B 606 29.73 26.49 -18.42
CA GLY B 606 29.87 27.74 -17.68
C GLY B 606 29.04 28.85 -18.28
N TYR B 607 28.92 28.87 -19.61
CA TYR B 607 28.12 29.88 -20.28
C TYR B 607 26.65 29.73 -19.94
N PHE B 608 26.10 28.53 -20.07
CA PHE B 608 24.69 28.38 -19.79
C PHE B 608 24.38 28.41 -18.29
N ALA B 609 25.39 28.30 -17.44
CA ALA B 609 25.20 28.54 -16.02
C ALA B 609 25.16 30.03 -15.68
N GLY B 610 25.33 30.91 -16.68
CA GLY B 610 25.24 32.34 -16.46
C GLY B 610 26.56 33.09 -16.56
N GLY B 611 27.67 32.41 -16.89
CA GLY B 611 28.95 33.07 -17.03
C GLY B 611 29.18 33.60 -18.43
N LEU B 612 30.29 34.34 -18.58
CA LEU B 612 30.64 34.88 -19.88
C LEU B 612 31.02 33.76 -20.85
N LEU B 613 30.78 34.01 -22.13
CA LEU B 613 31.14 33.04 -23.17
C LEU B 613 32.63 33.15 -23.46
N ARG B 614 33.37 32.07 -23.19
CA ARG B 614 34.81 32.08 -23.30
C ARG B 614 35.28 30.95 -24.22
N PRO B 615 36.10 31.26 -25.24
CA PRO B 615 36.60 30.23 -26.18
C PRO B 615 37.69 29.38 -25.55
N ARG B 616 37.30 28.63 -24.53
CA ARG B 616 38.22 27.82 -23.73
C ARG B 616 37.88 26.34 -23.97
N ARG B 617 38.85 25.59 -24.49
CA ARG B 617 38.60 24.19 -24.81
C ARG B 617 38.38 23.38 -23.54
N VAL B 618 37.24 22.69 -23.47
CA VAL B 618 36.86 21.94 -22.29
C VAL B 618 36.51 20.51 -22.69
N ARG B 619 36.61 19.61 -21.72
CA ARG B 619 36.06 18.26 -21.81
C ARG B 619 34.88 18.16 -20.86
N VAL B 620 33.74 17.72 -21.38
CA VAL B 620 32.52 17.55 -20.60
C VAL B 620 32.23 16.06 -20.52
N ALA B 621 32.17 15.52 -19.30
CA ALA B 621 31.90 14.11 -19.09
C ALA B 621 30.64 13.97 -18.26
N TYR B 622 29.55 13.56 -18.89
CA TYR B 622 28.28 13.39 -18.20
C TYR B 622 28.28 12.05 -17.46
N GLY B 623 27.93 12.09 -16.17
CA GLY B 623 27.91 10.88 -15.36
C GLY B 623 26.62 10.68 -14.61
N ASP B 624 25.50 11.14 -15.18
CA ASP B 624 24.20 10.96 -14.55
C ASP B 624 23.96 9.49 -14.21
N GLN B 625 23.50 9.24 -12.99
CA GLN B 625 23.15 7.89 -12.56
C GLN B 625 21.65 7.63 -12.57
N SER B 626 20.83 8.66 -12.36
CA SER B 626 19.39 8.51 -12.38
C SER B 626 18.78 9.83 -12.80
N PHE B 627 17.49 9.78 -13.14
CA PHE B 627 16.76 10.96 -13.59
C PHE B 627 15.40 10.98 -12.90
N GLY B 628 14.70 12.10 -13.04
CA GLY B 628 13.35 12.19 -12.53
C GLY B 628 13.24 12.64 -11.09
N ALA B 629 11.99 12.80 -10.66
CA ALA B 629 11.70 13.22 -9.30
C ALA B 629 12.25 12.21 -8.31
N ASN B 630 13.03 12.69 -7.35
CA ASN B 630 13.69 11.88 -6.33
C ASN B 630 14.77 10.97 -6.92
N GLY B 631 15.08 11.12 -8.20
CA GLY B 631 16.06 10.25 -8.84
C GLY B 631 15.64 8.80 -8.93
N ARG B 632 14.38 8.54 -9.24
CA ARG B 632 13.82 7.19 -9.17
C ARG B 632 13.78 6.48 -10.51
N TYR B 633 14.44 7.00 -11.53
CA TYR B 633 14.46 6.35 -12.85
C TYR B 633 15.90 6.18 -13.30
N ARG B 634 16.33 4.93 -13.45
CA ARG B 634 17.69 4.65 -13.92
C ARG B 634 17.66 4.20 -15.36
N PRO B 635 18.48 4.79 -16.23
CA PRO B 635 18.51 4.36 -17.63
C PRO B 635 19.14 2.99 -17.78
N VAL B 636 18.61 2.22 -18.74
CA VAL B 636 19.15 0.92 -19.10
C VAL B 636 19.41 0.94 -20.60
N PRO B 637 20.67 0.84 -21.05
CA PRO B 637 20.96 0.95 -22.49
C PRO B 637 20.22 -0.10 -23.30
N GLY B 638 19.55 0.36 -24.36
CA GLY B 638 18.78 -0.52 -25.21
C GLY B 638 17.36 -0.75 -24.78
N ASP B 639 17.01 -0.38 -23.55
CA ASP B 639 15.65 -0.56 -23.01
C ASP B 639 14.89 0.73 -23.23
N LEU B 640 14.04 0.76 -24.25
CA LEU B 640 13.28 1.97 -24.58
C LEU B 640 12.29 2.32 -23.49
N LYS B 641 11.79 1.31 -22.76
CA LYS B 641 10.88 1.59 -21.66
C LYS B 641 11.60 2.30 -20.52
N ALA B 642 12.80 1.83 -20.16
CA ALA B 642 13.58 2.50 -19.14
C ALA B 642 14.06 3.87 -19.61
N PHE B 643 14.36 4.00 -20.91
CA PHE B 643 14.74 5.29 -21.46
C PHE B 643 13.62 6.30 -21.29
N THR B 644 12.39 5.91 -21.60
CA THR B 644 11.26 6.84 -21.53
C THR B 644 11.05 7.34 -20.10
N MET B 645 11.17 6.46 -19.11
CA MET B 645 10.97 6.90 -17.72
C MET B 645 12.02 7.92 -17.31
N ALA B 646 13.29 7.66 -17.64
CA ALA B 646 14.34 8.61 -17.29
C ALA B 646 14.25 9.90 -18.11
N ALA B 647 13.81 9.79 -19.37
CA ALA B 647 13.80 10.96 -20.25
C ALA B 647 12.65 11.91 -19.94
N ILE B 648 11.43 11.38 -19.72
CA ILE B 648 10.26 12.24 -19.58
C ILE B 648 9.40 11.86 -18.37
N GLY B 649 9.74 10.78 -17.69
CA GLY B 649 8.99 10.41 -16.49
C GLY B 649 7.56 10.00 -16.77
N THR B 650 6.66 10.34 -15.85
CA THR B 650 5.25 10.01 -15.97
C THR B 650 4.49 11.11 -16.70
N SER B 651 3.44 10.70 -17.41
CA SER B 651 2.57 11.69 -18.04
C SER B 651 1.74 12.44 -17.00
N TYR B 652 1.21 11.72 -16.00
CA TYR B 652 0.62 12.37 -14.84
C TYR B 652 1.16 11.62 -13.63
N PRO B 653 1.72 12.34 -12.64
CA PRO B 653 1.83 13.79 -12.60
C PRO B 653 2.80 14.37 -13.62
N VAL B 654 2.68 15.66 -13.89
CA VAL B 654 3.59 16.32 -14.81
C VAL B 654 5.01 16.17 -14.30
N SER B 655 5.91 15.71 -15.17
CA SER B 655 7.30 15.45 -14.80
C SER B 655 8.18 16.42 -15.57
N ARG B 656 8.73 17.41 -14.86
CA ARG B 656 9.62 18.38 -15.49
C ARG B 656 10.89 18.61 -14.68
N MET B 657 11.05 17.98 -13.53
CA MET B 657 12.24 18.09 -12.71
C MET B 657 13.17 16.90 -12.98
N GLY B 658 14.39 17.20 -13.40
CA GLY B 658 15.43 16.19 -13.57
C GLY B 658 15.27 15.28 -14.76
N HIS B 659 14.78 15.80 -15.89
CA HIS B 659 14.50 15.00 -17.07
C HIS B 659 15.19 15.59 -18.29
N PHE B 660 15.00 14.90 -19.42
CA PHE B 660 15.30 15.39 -20.77
C PHE B 660 16.78 15.34 -21.13
N CYS B 661 17.63 15.93 -20.29
CA CYS B 661 19.04 16.09 -20.66
C CYS B 661 19.93 15.82 -19.48
N HIS B 662 21.21 15.59 -19.78
CA HIS B 662 22.23 15.36 -18.77
C HIS B 662 22.48 16.63 -17.97
N ARG B 663 22.80 16.45 -16.69
CA ARG B 663 22.90 17.54 -15.73
C ARG B 663 24.35 17.96 -15.50
N PHE B 664 24.58 19.27 -15.42
CA PHE B 664 25.92 19.75 -15.12
C PHE B 664 26.32 19.43 -13.68
N GLU B 665 25.35 19.22 -12.79
CA GLU B 665 25.66 18.93 -11.39
C GLU B 665 26.41 17.61 -11.24
N SER B 666 26.10 16.62 -12.08
CA SER B 666 26.76 15.33 -12.01
C SER B 666 27.67 15.10 -13.22
N ALA B 667 28.20 16.18 -13.79
CA ALA B 667 29.15 16.06 -14.88
C ALA B 667 30.50 16.63 -14.45
N GLU B 668 31.56 16.01 -14.98
CA GLU B 668 32.91 16.51 -14.78
C GLU B 668 33.28 17.38 -15.97
N VAL B 669 33.46 18.67 -15.72
CA VAL B 669 33.84 19.63 -16.76
C VAL B 669 35.28 20.01 -16.52
N THR B 670 36.14 19.75 -17.51
CA THR B 670 37.58 19.89 -17.36
C THR B 670 38.12 20.81 -18.43
N SER B 671 38.91 21.79 -18.01
CA SER B 671 39.60 22.67 -18.94
C SER B 671 40.77 21.95 -19.59
N LEU B 672 40.92 22.14 -20.90
CA LEU B 672 42.03 21.54 -21.62
C LEU B 672 43.03 22.61 -22.05
#